data_8WJD
# 
_entry.id   8WJD 
# 
_audit_conform.dict_name       mmcif_pdbx.dic 
_audit_conform.dict_version    5.399 
_audit_conform.dict_location   http://mmcif.pdb.org/dictionaries/ascii/mmcif_pdbx.dic 
# 
loop_
_database_2.database_id 
_database_2.database_code 
_database_2.pdbx_database_accession 
_database_2.pdbx_DOI 
PDB   8WJD         pdb_00008wjd 10.2210/pdb8wjd/pdb 
WWPDB D_1300041350 ?            ?                   
# 
loop_
_pdbx_audit_revision_history.ordinal 
_pdbx_audit_revision_history.data_content_type 
_pdbx_audit_revision_history.major_revision 
_pdbx_audit_revision_history.minor_revision 
_pdbx_audit_revision_history.revision_date 
1 'Structure model' 1 0 2024-09-25 
2 'Structure model' 1 1 2024-11-06 
3 'Structure model' 1 2 2024-11-13 
4 'Structure model' 1 3 2024-12-04 
# 
_pdbx_audit_revision_details.ordinal             1 
_pdbx_audit_revision_details.revision_ordinal    1 
_pdbx_audit_revision_details.data_content_type   'Structure model' 
_pdbx_audit_revision_details.provider            repository 
_pdbx_audit_revision_details.type                'Initial release' 
_pdbx_audit_revision_details.description         ? 
_pdbx_audit_revision_details.details             ? 
# 
loop_
_pdbx_audit_revision_group.ordinal 
_pdbx_audit_revision_group.revision_ordinal 
_pdbx_audit_revision_group.data_content_type 
_pdbx_audit_revision_group.group 
1 2 'Structure model' 'Database references' 
2 2 'Structure model' 'Structure summary'   
3 3 'Structure model' 'Database references' 
4 4 'Structure model' 'Data collection'     
5 4 'Structure model' 'Database references' 
# 
loop_
_pdbx_audit_revision_category.ordinal 
_pdbx_audit_revision_category.revision_ordinal 
_pdbx_audit_revision_category.data_content_type 
_pdbx_audit_revision_category.category 
1 2 'Structure model' citation           
2 2 'Structure model' citation_author    
3 2 'Structure model' pdbx_entry_details 
4 3 'Structure model' citation           
5 3 'Structure model' citation_author    
6 4 'Structure model' citation           
7 4 'Structure model' citation_author    
8 4 'Structure model' reflns_shell       
# 
loop_
_pdbx_audit_revision_item.ordinal 
_pdbx_audit_revision_item.revision_ordinal 
_pdbx_audit_revision_item.data_content_type 
_pdbx_audit_revision_item.item 
1  2 'Structure model' '_citation.country'                            
2  2 'Structure model' '_citation.journal_abbrev'                     
3  2 'Structure model' '_citation.journal_id_ASTM'                    
4  2 'Structure model' '_citation.journal_id_CSD'                     
5  2 'Structure model' '_citation.journal_id_ISSN'                    
6  2 'Structure model' '_citation.pdbx_database_id_DOI'               
7  2 'Structure model' '_citation.title'                              
8  2 'Structure model' '_citation.year'                               
9  2 'Structure model' '_pdbx_entry_details.has_protein_modification' 
10 3 'Structure model' '_citation.pdbx_database_id_PubMed'            
11 3 'Structure model' '_citation.title'                              
12 3 'Structure model' '_citation_author.identifier_ORCID'            
13 3 'Structure model' '_citation_author.name'                        
14 4 'Structure model' '_citation.journal_volume'                     
15 4 'Structure model' '_citation.page_first'                         
16 4 'Structure model' '_citation.page_last'                          
17 4 'Structure model' '_citation_author.identifier_ORCID'            
18 4 'Structure model' '_reflns_shell.pdbx_Rrim_I_all'                
# 
_pdbx_database_status.status_code                     REL 
_pdbx_database_status.status_code_sf                  REL 
_pdbx_database_status.status_code_mr                  ? 
_pdbx_database_status.entry_id                        8WJD 
_pdbx_database_status.recvd_initial_deposition_date   2023-09-25 
_pdbx_database_status.SG_entry                        N 
_pdbx_database_status.deposit_site                    PDBJ 
_pdbx_database_status.process_site                    PDBJ 
_pdbx_database_status.status_code_cs                  ? 
_pdbx_database_status.status_code_nmr_data            ? 
_pdbx_database_status.methods_development_category    ? 
_pdbx_database_status.pdb_format_compatible           Y 
# 
_pdbx_contact_author.id                 2 
_pdbx_contact_author.email              fengyue@mail.buct.edu.cn 
_pdbx_contact_author.name_first         Yue 
_pdbx_contact_author.name_last          Feng 
_pdbx_contact_author.name_mi            ? 
_pdbx_contact_author.role               'principal investigator/group leader' 
_pdbx_contact_author.identifier_ORCID   0000-0002-1576-1385 
# 
loop_
_audit_author.name 
_audit_author.pdbx_ordinal 
_audit_author.identifier_ORCID 
'Xiao, Y.' 1 ? 
'Feng, Y.' 2 ? 
# 
_citation.abstract                  ? 
_citation.abstract_id_CAS           ? 
_citation.book_id_ISBN              ? 
_citation.book_publisher            ? 
_citation.book_publisher_city       ? 
_citation.book_title                ? 
_citation.coordinate_linkage        ? 
_citation.country                   UK 
_citation.database_id_Medline       ? 
_citation.details                   ? 
_citation.id                        primary 
_citation.journal_abbrev            Nature 
_citation.journal_id_ASTM           NATUAS 
_citation.journal_id_CSD            0006 
_citation.journal_id_ISSN           1476-4687 
_citation.journal_full              ? 
_citation.journal_issue             ? 
_citation.journal_volume            635 
_citation.language                  ? 
_citation.page_first                719 
_citation.page_last                 727 
_citation.title                     'Single phage proteins sequester signals from TIR and cGAS-like enzymes.' 
_citation.year                      2024 
_citation.database_id_CSD           ? 
_citation.pdbx_database_id_DOI      10.1038/s41586-024-08122-4 
_citation.pdbx_database_id_PubMed   39478223 
_citation.pdbx_database_id_patent   ? 
_citation.unpublished_flag          ? 
# 
loop_
_citation_author.citation_id 
_citation_author.name 
_citation_author.ordinal 
_citation_author.identifier_ORCID 
primary 'Li, D.'           1  ? 
primary 'Xiao, Y.'         2  ? 
primary 'Fedorova, I.'     3  ? 
primary 'Xiong, W.'        4  ? 
primary 'Wang, Y.'         5  ? 
primary 'Liu, X.'          6  ? 
primary 'Huiting, E.'      7  ? 
primary 'Ren, J.'          8  ? 
primary 'Gao, Z.'          9  ? 
primary 'Zhao, X.'         10 ? 
primary 'Cao, X.'          11 ? 
primary 'Zhang, Y.'        12 ? 
primary 'Bondy-Denomy, J.' 13 ? 
primary 'Feng, Y.'         14 ? 
# 
loop_
_entity.id 
_entity.type 
_entity.src_method 
_entity.pdbx_description 
_entity.formula_weight 
_entity.pdbx_number_of_molecules 
_entity.pdbx_ec 
_entity.pdbx_mutation 
_entity.pdbx_fragment 
_entity.details 
1 polymer     man SptTad2 11598.178 1  ? ? ? ? 
2 non-polymer syn 
;9,9'-[(2R,3R,3aS,5S,7aR,9R,10R,10aS,12S,14aR)-3,5,10,12-tetrahydroxy-5,12-dioxidooctahydro-2H,7H-difuro[3,2-d:3',2'-j][1,3,7,9,2,8]tetraoxadiphosphacyclododecine-2,9-diyl]bis(2-amino-1,9-dihydro-6H-purin-6-one)
;
690.411   1  ? ? ? ? 
3 water       nat water 18.015    44 ? ? ? ? 
# 
_entity_poly.entity_id                      1 
_entity_poly.type                           'polypeptide(L)' 
_entity_poly.nstd_linkage                   no 
_entity_poly.nstd_monomer                   no 
_entity_poly.pdbx_seq_one_letter_code       
;NRKLNFGQAVEALKKGKRVARQGWNGKGMFIFQRPGDELSKTFLPNVKSLPDAVKKFLMDQDRDIEFTPYFCMYSASGDI
VNGWLASQTDMQAEDWFVLED
;
_entity_poly.pdbx_seq_one_letter_code_can   
;NRKLNFGQAVEALKKGKRVARQGWNGKGMFIFQRPGDELSKTFLPNVKSLPDAVKKFLMDQDRDIEFTPYFCMYSASGDI
VNGWLASQTDMQAEDWFVLED
;
_entity_poly.pdbx_strand_id                 A 
_entity_poly.pdbx_target_identifier         ? 
# 
loop_
_pdbx_entity_nonpoly.entity_id 
_pdbx_entity_nonpoly.name 
_pdbx_entity_nonpoly.comp_id 
2 
;9,9'-[(2R,3R,3aS,5S,7aR,9R,10R,10aS,12S,14aR)-3,5,10,12-tetrahydroxy-5,12-dioxidooctahydro-2H,7H-difuro[3,2-d:3',2'-j][1,3,7,9,2,8]tetraoxadiphosphacyclododecine-2,9-diyl]bis(2-amino-1,9-dihydro-6H-purin-6-one)
;
C2E 
3 water HOH 
# 
loop_
_entity_poly_seq.entity_id 
_entity_poly_seq.num 
_entity_poly_seq.mon_id 
_entity_poly_seq.hetero 
1 1   ASN n 
1 2   ARG n 
1 3   LYS n 
1 4   LEU n 
1 5   ASN n 
1 6   PHE n 
1 7   GLY n 
1 8   GLN n 
1 9   ALA n 
1 10  VAL n 
1 11  GLU n 
1 12  ALA n 
1 13  LEU n 
1 14  LYS n 
1 15  LYS n 
1 16  GLY n 
1 17  LYS n 
1 18  ARG n 
1 19  VAL n 
1 20  ALA n 
1 21  ARG n 
1 22  GLN n 
1 23  GLY n 
1 24  TRP n 
1 25  ASN n 
1 26  GLY n 
1 27  LYS n 
1 28  GLY n 
1 29  MET n 
1 30  PHE n 
1 31  ILE n 
1 32  PHE n 
1 33  GLN n 
1 34  ARG n 
1 35  PRO n 
1 36  GLY n 
1 37  ASP n 
1 38  GLU n 
1 39  LEU n 
1 40  SER n 
1 41  LYS n 
1 42  THR n 
1 43  PHE n 
1 44  LEU n 
1 45  PRO n 
1 46  ASN n 
1 47  VAL n 
1 48  LYS n 
1 49  SER n 
1 50  LEU n 
1 51  PRO n 
1 52  ASP n 
1 53  ALA n 
1 54  VAL n 
1 55  LYS n 
1 56  LYS n 
1 57  PHE n 
1 58  LEU n 
1 59  MET n 
1 60  ASP n 
1 61  GLN n 
1 62  ASP n 
1 63  ARG n 
1 64  ASP n 
1 65  ILE n 
1 66  GLU n 
1 67  PHE n 
1 68  THR n 
1 69  PRO n 
1 70  TYR n 
1 71  PHE n 
1 72  CYS n 
1 73  MET n 
1 74  TYR n 
1 75  SER n 
1 76  ALA n 
1 77  SER n 
1 78  GLY n 
1 79  ASP n 
1 80  ILE n 
1 81  VAL n 
1 82  ASN n 
1 83  GLY n 
1 84  TRP n 
1 85  LEU n 
1 86  ALA n 
1 87  SER n 
1 88  GLN n 
1 89  THR n 
1 90  ASP n 
1 91  MET n 
1 92  GLN n 
1 93  ALA n 
1 94  GLU n 
1 95  ASP n 
1 96  TRP n 
1 97  PHE n 
1 98  VAL n 
1 99  LEU n 
1 100 GLU n 
1 101 ASP n 
# 
_entity_src_gen.entity_id                          1 
_entity_src_gen.pdbx_src_id                        1 
_entity_src_gen.pdbx_alt_source_flag               sample 
_entity_src_gen.pdbx_seq_type                      'Biological sequence' 
_entity_src_gen.pdbx_beg_seq_num                   1 
_entity_src_gen.pdbx_end_seq_num                   101 
_entity_src_gen.gene_src_common_name               ? 
_entity_src_gen.gene_src_genus                     ? 
_entity_src_gen.pdbx_gene_src_gene                 ? 
_entity_src_gen.gene_src_species                   ? 
_entity_src_gen.gene_src_strain                    ? 
_entity_src_gen.gene_src_tissue                    ? 
_entity_src_gen.gene_src_tissue_fraction           ? 
_entity_src_gen.gene_src_details                   ? 
_entity_src_gen.pdbx_gene_src_fragment             ? 
_entity_src_gen.pdbx_gene_src_scientific_name      'Sphingobacterium thalpophilum' 
_entity_src_gen.pdbx_gene_src_ncbi_taxonomy_id     259 
_entity_src_gen.pdbx_gene_src_variant              ? 
_entity_src_gen.pdbx_gene_src_cell_line            ? 
_entity_src_gen.pdbx_gene_src_atcc                 ? 
_entity_src_gen.pdbx_gene_src_organ                ? 
_entity_src_gen.pdbx_gene_src_organelle            ? 
_entity_src_gen.pdbx_gene_src_cell                 ? 
_entity_src_gen.pdbx_gene_src_cellular_location    ? 
_entity_src_gen.host_org_common_name               ? 
_entity_src_gen.pdbx_host_org_scientific_name      'Escherichia coli' 
_entity_src_gen.pdbx_host_org_ncbi_taxonomy_id     562 
_entity_src_gen.host_org_genus                     ? 
_entity_src_gen.pdbx_host_org_gene                 ? 
_entity_src_gen.pdbx_host_org_organ                ? 
_entity_src_gen.host_org_species                   ? 
_entity_src_gen.pdbx_host_org_tissue               ? 
_entity_src_gen.pdbx_host_org_tissue_fraction      ? 
_entity_src_gen.pdbx_host_org_strain               ? 
_entity_src_gen.pdbx_host_org_variant              ? 
_entity_src_gen.pdbx_host_org_cell_line            ? 
_entity_src_gen.pdbx_host_org_atcc                 ? 
_entity_src_gen.pdbx_host_org_culture_collection   ? 
_entity_src_gen.pdbx_host_org_cell                 ? 
_entity_src_gen.pdbx_host_org_organelle            ? 
_entity_src_gen.pdbx_host_org_cellular_location    ? 
_entity_src_gen.pdbx_host_org_vector_type          ? 
_entity_src_gen.pdbx_host_org_vector               ? 
_entity_src_gen.host_org_details                   ? 
_entity_src_gen.expression_system_id               ? 
_entity_src_gen.plasmid_name                       ? 
_entity_src_gen.plasmid_details                    ? 
_entity_src_gen.pdbx_description                   ? 
# 
loop_
_chem_comp.id 
_chem_comp.type 
_chem_comp.mon_nstd_flag 
_chem_comp.name 
_chem_comp.pdbx_synonyms 
_chem_comp.formula 
_chem_comp.formula_weight 
ALA 'L-peptide linking' y ALANINE ?                                            'C3 H7 N O2'         89.093  
ARG 'L-peptide linking' y ARGININE ?                                            'C6 H15 N4 O2 1'     175.209 
ASN 'L-peptide linking' y ASPARAGINE ?                                            'C4 H8 N2 O3'        132.118 
ASP 'L-peptide linking' y 'ASPARTIC ACID' ?                                            'C4 H7 N O4'         133.103 
C2E non-polymer         . 
;9,9'-[(2R,3R,3aS,5S,7aR,9R,10R,10aS,12S,14aR)-3,5,10,12-tetrahydroxy-5,12-dioxidooctahydro-2H,7H-difuro[3,2-d:3',2'-j][1,3,7,9,2,8]tetraoxadiphosphacyclododecine-2,9-diyl]bis(2-amino-1,9-dihydro-6H-purin-6-one)
;
'c-di-GMP; Cyclic diguanosine monophosphate' 'C20 H24 N10 O14 P2' 690.411 
CYS 'L-peptide linking' y CYSTEINE ?                                            'C3 H7 N O2 S'       121.158 
GLN 'L-peptide linking' y GLUTAMINE ?                                            'C5 H10 N2 O3'       146.144 
GLU 'L-peptide linking' y 'GLUTAMIC ACID' ?                                            'C5 H9 N O4'         147.129 
GLY 'peptide linking'   y GLYCINE ?                                            'C2 H5 N O2'         75.067  
HOH non-polymer         . WATER ?                                            'H2 O'               18.015  
ILE 'L-peptide linking' y ISOLEUCINE ?                                            'C6 H13 N O2'        131.173 
LEU 'L-peptide linking' y LEUCINE ?                                            'C6 H13 N O2'        131.173 
LYS 'L-peptide linking' y LYSINE ?                                            'C6 H15 N2 O2 1'     147.195 
MET 'L-peptide linking' y METHIONINE ?                                            'C5 H11 N O2 S'      149.211 
PHE 'L-peptide linking' y PHENYLALANINE ?                                            'C9 H11 N O2'        165.189 
PRO 'L-peptide linking' y PROLINE ?                                            'C5 H9 N O2'         115.130 
SER 'L-peptide linking' y SERINE ?                                            'C3 H7 N O3'         105.093 
THR 'L-peptide linking' y THREONINE ?                                            'C4 H9 N O3'         119.119 
TRP 'L-peptide linking' y TRYPTOPHAN ?                                            'C11 H12 N2 O2'      204.225 
TYR 'L-peptide linking' y TYROSINE ?                                            'C9 H11 N O3'        181.189 
VAL 'L-peptide linking' y VALINE ?                                            'C5 H11 N O2'        117.146 
# 
loop_
_pdbx_poly_seq_scheme.asym_id 
_pdbx_poly_seq_scheme.entity_id 
_pdbx_poly_seq_scheme.seq_id 
_pdbx_poly_seq_scheme.mon_id 
_pdbx_poly_seq_scheme.ndb_seq_num 
_pdbx_poly_seq_scheme.pdb_seq_num 
_pdbx_poly_seq_scheme.auth_seq_num 
_pdbx_poly_seq_scheme.pdb_mon_id 
_pdbx_poly_seq_scheme.auth_mon_id 
_pdbx_poly_seq_scheme.pdb_strand_id 
_pdbx_poly_seq_scheme.pdb_ins_code 
_pdbx_poly_seq_scheme.hetero 
A 1 1   ASN 1   2   2   ASN ASN A . n 
A 1 2   ARG 2   3   3   ARG ARG A . n 
A 1 3   LYS 3   4   4   LYS LYS A . n 
A 1 4   LEU 4   5   5   LEU LEU A . n 
A 1 5   ASN 5   6   6   ASN ASN A . n 
A 1 6   PHE 6   7   7   PHE PHE A . n 
A 1 7   GLY 7   8   8   GLY GLY A . n 
A 1 8   GLN 8   9   9   GLN GLN A . n 
A 1 9   ALA 9   10  10  ALA ALA A . n 
A 1 10  VAL 10  11  11  VAL VAL A . n 
A 1 11  GLU 11  12  12  GLU GLU A . n 
A 1 12  ALA 12  13  13  ALA ALA A . n 
A 1 13  LEU 13  14  14  LEU LEU A . n 
A 1 14  LYS 14  15  15  LYS LYS A . n 
A 1 15  LYS 15  16  16  LYS LYS A . n 
A 1 16  GLY 16  17  17  GLY GLY A . n 
A 1 17  LYS 17  18  18  LYS LYS A . n 
A 1 18  ARG 18  19  19  ARG ARG A . n 
A 1 19  VAL 19  20  20  VAL VAL A . n 
A 1 20  ALA 20  21  21  ALA ALA A . n 
A 1 21  ARG 21  22  22  ARG ARG A . n 
A 1 22  GLN 22  23  23  GLN GLN A . n 
A 1 23  GLY 23  24  24  GLY GLY A . n 
A 1 24  TRP 24  25  25  TRP TRP A . n 
A 1 25  ASN 25  26  26  ASN ASN A . n 
A 1 26  GLY 26  27  27  GLY GLY A . n 
A 1 27  LYS 27  28  28  LYS LYS A . n 
A 1 28  GLY 28  29  29  GLY GLY A . n 
A 1 29  MET 29  30  30  MET MET A . n 
A 1 30  PHE 30  31  31  PHE PHE A . n 
A 1 31  ILE 31  32  32  ILE ILE A . n 
A 1 32  PHE 32  33  33  PHE PHE A . n 
A 1 33  GLN 33  34  34  GLN GLN A . n 
A 1 34  ARG 34  35  35  ARG ARG A . n 
A 1 35  PRO 35  36  36  PRO PRO A . n 
A 1 36  GLY 36  37  37  GLY GLY A . n 
A 1 37  ASP 37  38  38  ASP ASP A . n 
A 1 38  GLU 38  39  39  GLU GLU A . n 
A 1 39  LEU 39  40  40  LEU LEU A . n 
A 1 40  SER 40  41  41  SER SER A . n 
A 1 41  LYS 41  42  42  LYS LYS A . n 
A 1 42  THR 42  43  43  THR THR A . n 
A 1 43  PHE 43  44  44  PHE PHE A . n 
A 1 44  LEU 44  45  45  LEU LEU A . n 
A 1 45  PRO 45  46  46  PRO PRO A . n 
A 1 46  ASN 46  47  47  ASN ASN A . n 
A 1 47  VAL 47  48  48  VAL VAL A . n 
A 1 48  LYS 48  49  49  LYS LYS A . n 
A 1 49  SER 49  50  50  SER SER A . n 
A 1 50  LEU 50  51  51  LEU LEU A . n 
A 1 51  PRO 51  52  52  PRO PRO A . n 
A 1 52  ASP 52  53  53  ASP ASP A . n 
A 1 53  ALA 53  54  54  ALA ALA A . n 
A 1 54  VAL 54  55  55  VAL VAL A . n 
A 1 55  LYS 55  56  56  LYS LYS A . n 
A 1 56  LYS 56  57  57  LYS LYS A . n 
A 1 57  PHE 57  58  58  PHE PHE A . n 
A 1 58  LEU 58  59  59  LEU LEU A . n 
A 1 59  MET 59  60  60  MET MET A . n 
A 1 60  ASP 60  61  61  ASP ASP A . n 
A 1 61  GLN 61  62  62  GLN GLN A . n 
A 1 62  ASP 62  63  63  ASP ASP A . n 
A 1 63  ARG 63  64  64  ARG ARG A . n 
A 1 64  ASP 64  65  65  ASP ASP A . n 
A 1 65  ILE 65  66  66  ILE ILE A . n 
A 1 66  GLU 66  67  67  GLU GLU A . n 
A 1 67  PHE 67  68  68  PHE PHE A . n 
A 1 68  THR 68  69  69  THR THR A . n 
A 1 69  PRO 69  70  70  PRO PRO A . n 
A 1 70  TYR 70  71  71  TYR TYR A . n 
A 1 71  PHE 71  72  72  PHE PHE A . n 
A 1 72  CYS 72  73  73  CYS CYS A . n 
A 1 73  MET 73  74  74  MET MET A . n 
A 1 74  TYR 74  75  75  TYR TYR A . n 
A 1 75  SER 75  76  76  SER SER A . n 
A 1 76  ALA 76  77  77  ALA ALA A . n 
A 1 77  SER 77  78  78  SER SER A . n 
A 1 78  GLY 78  79  79  GLY GLY A . n 
A 1 79  ASP 79  80  80  ASP ASP A . n 
A 1 80  ILE 80  81  81  ILE ILE A . n 
A 1 81  VAL 81  82  82  VAL VAL A . n 
A 1 82  ASN 82  83  83  ASN ASN A . n 
A 1 83  GLY 83  84  84  GLY GLY A . n 
A 1 84  TRP 84  85  85  TRP TRP A . n 
A 1 85  LEU 85  86  86  LEU LEU A . n 
A 1 86  ALA 86  87  87  ALA ALA A . n 
A 1 87  SER 87  88  88  SER SER A . n 
A 1 88  GLN 88  89  89  GLN GLN A . n 
A 1 89  THR 89  90  90  THR THR A . n 
A 1 90  ASP 90  91  91  ASP ASP A . n 
A 1 91  MET 91  92  92  MET MET A . n 
A 1 92  GLN 92  93  93  GLN GLN A . n 
A 1 93  ALA 93  94  94  ALA ALA A . n 
A 1 94  GLU 94  95  95  GLU GLU A . n 
A 1 95  ASP 95  96  96  ASP ASP A . n 
A 1 96  TRP 96  97  97  TRP TRP A . n 
A 1 97  PHE 97  98  98  PHE PHE A . n 
A 1 98  VAL 98  99  99  VAL VAL A . n 
A 1 99  LEU 99  100 100 LEU LEU A . n 
A 1 100 GLU 100 101 101 GLU GLU A . n 
A 1 101 ASP 101 102 102 ASP ASP A . n 
# 
_pdbx_entity_instance_feature.ordinal        1 
_pdbx_entity_instance_feature.comp_id        C2E 
_pdbx_entity_instance_feature.asym_id        ? 
_pdbx_entity_instance_feature.seq_num        ? 
_pdbx_entity_instance_feature.auth_comp_id   C2E 
_pdbx_entity_instance_feature.auth_asym_id   ? 
_pdbx_entity_instance_feature.auth_seq_num   ? 
_pdbx_entity_instance_feature.feature_type   'SUBJECT OF INVESTIGATION' 
_pdbx_entity_instance_feature.details        ? 
# 
loop_
_pdbx_nonpoly_scheme.asym_id 
_pdbx_nonpoly_scheme.entity_id 
_pdbx_nonpoly_scheme.mon_id 
_pdbx_nonpoly_scheme.ndb_seq_num 
_pdbx_nonpoly_scheme.pdb_seq_num 
_pdbx_nonpoly_scheme.auth_seq_num 
_pdbx_nonpoly_scheme.pdb_mon_id 
_pdbx_nonpoly_scheme.auth_mon_id 
_pdbx_nonpoly_scheme.pdb_strand_id 
_pdbx_nonpoly_scheme.pdb_ins_code 
B 2 C2E 1  201 181 C2E C2E A . 
C 3 HOH 1  301 24  HOH HOH A . 
C 3 HOH 2  302 15  HOH HOH A . 
C 3 HOH 3  303 6   HOH HOH A . 
C 3 HOH 4  304 26  HOH HOH A . 
C 3 HOH 5  305 1   HOH HOH A . 
C 3 HOH 6  306 45  HOH HOH A . 
C 3 HOH 7  307 10  HOH HOH A . 
C 3 HOH 8  308 5   HOH HOH A . 
C 3 HOH 9  309 42  HOH HOH A . 
C 3 HOH 10 310 37  HOH HOH A . 
C 3 HOH 11 311 3   HOH HOH A . 
C 3 HOH 12 312 19  HOH HOH A . 
C 3 HOH 13 313 2   HOH HOH A . 
C 3 HOH 14 314 25  HOH HOH A . 
C 3 HOH 15 315 8   HOH HOH A . 
C 3 HOH 16 316 9   HOH HOH A . 
C 3 HOH 17 317 39  HOH HOH A . 
C 3 HOH 18 318 21  HOH HOH A . 
C 3 HOH 19 319 12  HOH HOH A . 
C 3 HOH 20 320 22  HOH HOH A . 
C 3 HOH 21 321 7   HOH HOH A . 
C 3 HOH 22 322 4   HOH HOH A . 
C 3 HOH 23 323 28  HOH HOH A . 
C 3 HOH 24 324 29  HOH HOH A . 
C 3 HOH 25 325 14  HOH HOH A . 
C 3 HOH 26 326 44  HOH HOH A . 
C 3 HOH 27 327 17  HOH HOH A . 
C 3 HOH 28 328 40  HOH HOH A . 
C 3 HOH 29 329 27  HOH HOH A . 
C 3 HOH 30 330 16  HOH HOH A . 
C 3 HOH 31 331 18  HOH HOH A . 
C 3 HOH 32 332 33  HOH HOH A . 
C 3 HOH 33 333 13  HOH HOH A . 
C 3 HOH 34 334 38  HOH HOH A . 
C 3 HOH 35 335 20  HOH HOH A . 
C 3 HOH 36 336 30  HOH HOH A . 
C 3 HOH 37 337 32  HOH HOH A . 
C 3 HOH 38 338 43  HOH HOH A . 
C 3 HOH 39 339 34  HOH HOH A . 
C 3 HOH 40 340 11  HOH HOH A . 
C 3 HOH 41 341 36  HOH HOH A . 
C 3 HOH 42 342 31  HOH HOH A . 
C 3 HOH 43 343 41  HOH HOH A . 
C 3 HOH 44 344 23  HOH HOH A . 
# 
loop_
_software.citation_id 
_software.classification 
_software.compiler_name 
_software.compiler_version 
_software.contact_author 
_software.contact_author_email 
_software.date 
_software.description 
_software.dependencies 
_software.hardware 
_software.language 
_software.location 
_software.mods 
_software.name 
_software.os 
_software.os_version 
_software.type 
_software.version 
_software.pdbx_ordinal 
? refinement       ? ? ? ? ? ? ? ? ? ? ? PHENIX ? ? ? '(1.18.2_3874: ???)' 1 
? 'data scaling'   ? ? ? ? ? ? ? ? ? ? ? XDS    ? ? ? .                    2 
? 'data reduction' ? ? ? ? ? ? ? ? ? ? ? XDS    ? ? ? .                    3 
? phasing          ? ? ? ? ? ? ? ? ? ? ? PHENIX ? ? ? .                    4 
# 
_cell.angle_alpha                  90.00 
_cell.angle_alpha_esd              ? 
_cell.angle_beta                   90.00 
_cell.angle_beta_esd               ? 
_cell.angle_gamma                  120.00 
_cell.angle_gamma_esd              ? 
_cell.entry_id                     8WJD 
_cell.details                      ? 
_cell.formula_units_Z              ? 
_cell.length_a                     61.550 
_cell.length_a_esd                 ? 
_cell.length_b                     61.550 
_cell.length_b_esd                 ? 
_cell.length_c                     97.510 
_cell.length_c_esd                 ? 
_cell.volume                       ? 
_cell.volume_esd                   ? 
_cell.Z_PDB                        12 
_cell.reciprocal_angle_alpha       ? 
_cell.reciprocal_angle_beta        ? 
_cell.reciprocal_angle_gamma       ? 
_cell.reciprocal_angle_alpha_esd   ? 
_cell.reciprocal_angle_beta_esd    ? 
_cell.reciprocal_angle_gamma_esd   ? 
_cell.reciprocal_length_a          ? 
_cell.reciprocal_length_b          ? 
_cell.reciprocal_length_c          ? 
_cell.reciprocal_length_a_esd      ? 
_cell.reciprocal_length_b_esd      ? 
_cell.reciprocal_length_c_esd      ? 
_cell.pdbx_unique_axis             ? 
_cell.pdbx_esd_method              ? 
# 
_symmetry.entry_id                         8WJD 
_symmetry.cell_setting                     ? 
_symmetry.Int_Tables_number                181 
_symmetry.space_group_name_Hall            ? 
_symmetry.space_group_name_H-M             'P 64 2 2' 
_symmetry.pdbx_full_space_group_name_H-M   ? 
# 
_exptl.absorpt_coefficient_mu     ? 
_exptl.absorpt_correction_T_max   ? 
_exptl.absorpt_correction_T_min   ? 
_exptl.absorpt_correction_type    ? 
_exptl.absorpt_process_details    ? 
_exptl.entry_id                   8WJD 
_exptl.crystals_number            1 
_exptl.details                    ? 
_exptl.method                     'X-RAY DIFFRACTION' 
_exptl.method_details             ? 
# 
_exptl_crystal.colour                       ? 
_exptl_crystal.density_diffrn               ? 
_exptl_crystal.density_Matthews             2.30 
_exptl_crystal.density_method               ? 
_exptl_crystal.density_percent_sol          46.49 
_exptl_crystal.description                  ? 
_exptl_crystal.F_000                        ? 
_exptl_crystal.id                           1 
_exptl_crystal.preparation                  ? 
_exptl_crystal.size_max                     ? 
_exptl_crystal.size_mid                     ? 
_exptl_crystal.size_min                     ? 
_exptl_crystal.size_rad                     ? 
_exptl_crystal.colour_lustre                ? 
_exptl_crystal.colour_modifier              ? 
_exptl_crystal.colour_primary               ? 
_exptl_crystal.density_meas                 ? 
_exptl_crystal.density_meas_esd             ? 
_exptl_crystal.density_meas_gt              ? 
_exptl_crystal.density_meas_lt              ? 
_exptl_crystal.density_meas_temp            ? 
_exptl_crystal.density_meas_temp_esd        ? 
_exptl_crystal.density_meas_temp_gt         ? 
_exptl_crystal.density_meas_temp_lt         ? 
_exptl_crystal.pdbx_crystal_image_url       ? 
_exptl_crystal.pdbx_crystal_image_format    ? 
_exptl_crystal.pdbx_mosaicity               ? 
_exptl_crystal.pdbx_mosaicity_esd           ? 
_exptl_crystal.pdbx_mosaic_method           ? 
_exptl_crystal.pdbx_mosaic_block_size       ? 
_exptl_crystal.pdbx_mosaic_block_size_esd   ? 
# 
_exptl_crystal_grow.apparatus       ? 
_exptl_crystal_grow.atmosphere      ? 
_exptl_crystal_grow.crystal_id      1 
_exptl_crystal_grow.details         ? 
_exptl_crystal_grow.method          'VAPOR DIFFUSION, HANGING DROP' 
_exptl_crystal_grow.method_ref      ? 
_exptl_crystal_grow.pH              ? 
_exptl_crystal_grow.pressure        ? 
_exptl_crystal_grow.pressure_esd    ? 
_exptl_crystal_grow.seeding         ? 
_exptl_crystal_grow.seeding_ref     ? 
_exptl_crystal_grow.temp_details    ? 
_exptl_crystal_grow.temp_esd        ? 
_exptl_crystal_grow.time            ? 
_exptl_crystal_grow.pdbx_details    'Magnesium nitrate hexahydrate, Tris pH8.0, PEG2000' 
_exptl_crystal_grow.pdbx_pH_range   ? 
_exptl_crystal_grow.temp            291 
# 
_diffrn.ambient_environment              ? 
_diffrn.ambient_temp                     100 
_diffrn.ambient_temp_details             ? 
_diffrn.ambient_temp_esd                 ? 
_diffrn.crystal_id                       1 
_diffrn.crystal_support                  ? 
_diffrn.crystal_treatment                ? 
_diffrn.details                          ? 
_diffrn.id                               1 
_diffrn.ambient_pressure                 ? 
_diffrn.ambient_pressure_esd             ? 
_diffrn.ambient_pressure_gt              ? 
_diffrn.ambient_pressure_lt              ? 
_diffrn.ambient_temp_gt                  ? 
_diffrn.ambient_temp_lt                  ? 
_diffrn.pdbx_serial_crystal_experiment   N 
# 
_diffrn_detector.details                      ? 
_diffrn_detector.detector                     PIXEL 
_diffrn_detector.diffrn_id                    1 
_diffrn_detector.type                         'DECTRIS EIGER2 X 9M' 
_diffrn_detector.area_resol_mean              ? 
_diffrn_detector.dtime                        ? 
_diffrn_detector.pdbx_frames_total            ? 
_diffrn_detector.pdbx_collection_time_total   ? 
_diffrn_detector.pdbx_collection_date         2023-09-20 
_diffrn_detector.pdbx_frequency               ? 
_diffrn_detector.id                           ? 
_diffrn_detector.number_of_axes               ? 
# 
_diffrn_radiation.collimation                      ? 
_diffrn_radiation.diffrn_id                        1 
_diffrn_radiation.filter_edge                      ? 
_diffrn_radiation.inhomogeneity                    ? 
_diffrn_radiation.monochromator                    ? 
_diffrn_radiation.polarisn_norm                    ? 
_diffrn_radiation.polarisn_ratio                   ? 
_diffrn_radiation.probe                            ? 
_diffrn_radiation.type                             ? 
_diffrn_radiation.xray_symbol                      ? 
_diffrn_radiation.wavelength_id                    1 
_diffrn_radiation.pdbx_monochromatic_or_laue_m_l   M 
_diffrn_radiation.pdbx_wavelength_list             ? 
_diffrn_radiation.pdbx_wavelength                  ? 
_diffrn_radiation.pdbx_diffrn_protocol             'SINGLE WAVELENGTH' 
_diffrn_radiation.pdbx_analyzer                    ? 
_diffrn_radiation.pdbx_scattering_type             x-ray 
# 
_diffrn_radiation_wavelength.id           1 
_diffrn_radiation_wavelength.wavelength   0.979 
_diffrn_radiation_wavelength.wt           1.0 
# 
_diffrn_source.current                     ? 
_diffrn_source.details                     ? 
_diffrn_source.diffrn_id                   1 
_diffrn_source.power                       ? 
_diffrn_source.size                        ? 
_diffrn_source.source                      SYNCHROTRON 
_diffrn_source.target                      ? 
_diffrn_source.type                        'SSRF BEAMLINE BL02U1' 
_diffrn_source.voltage                     ? 
_diffrn_source.take-off_angle              ? 
_diffrn_source.pdbx_wavelength_list        0.979 
_diffrn_source.pdbx_wavelength             ? 
_diffrn_source.pdbx_synchrotron_beamline   BL02U1 
_diffrn_source.pdbx_synchrotron_site       SSRF 
# 
_reflns.B_iso_Wilson_estimate                          ? 
_reflns.entry_id                                       8WJD 
_reflns.data_reduction_details                         ? 
_reflns.data_reduction_method                          ? 
_reflns.d_resolution_high                              1.71 
_reflns.d_resolution_low                               48.76 
_reflns.details                                        ? 
_reflns.limit_h_max                                    ? 
_reflns.limit_h_min                                    ? 
_reflns.limit_k_max                                    ? 
_reflns.limit_k_min                                    ? 
_reflns.limit_l_max                                    ? 
_reflns.limit_l_min                                    ? 
_reflns.number_all                                     ? 
_reflns.number_obs                                     12316 
_reflns.observed_criterion                             ? 
_reflns.observed_criterion_F_max                       ? 
_reflns.observed_criterion_F_min                       ? 
_reflns.observed_criterion_I_max                       ? 
_reflns.observed_criterion_I_min                       ? 
_reflns.observed_criterion_sigma_F                     ? 
_reflns.observed_criterion_sigma_I                     ? 
_reflns.percent_possible_obs                           99.2 
_reflns.R_free_details                                 ? 
_reflns.Rmerge_F_all                                   ? 
_reflns.Rmerge_F_obs                                   ? 
_reflns.Friedel_coverage                               ? 
_reflns.number_gt                                      ? 
_reflns.threshold_expression                           ? 
_reflns.pdbx_redundancy                                35.3 
_reflns.pdbx_netI_over_av_sigmaI                       ? 
_reflns.pdbx_netI_over_sigmaI                          25.8 
_reflns.pdbx_res_netI_over_av_sigmaI_2                 ? 
_reflns.pdbx_res_netI_over_sigmaI_2                    ? 
_reflns.pdbx_chi_squared                               ? 
_reflns.pdbx_scaling_rejects                           ? 
_reflns.pdbx_d_res_high_opt                            ? 
_reflns.pdbx_d_res_low_opt                             ? 
_reflns.pdbx_d_res_opt_method                          ? 
_reflns.phase_calculation_details                      ? 
_reflns.pdbx_Rrim_I_all                                0.093 
_reflns.pdbx_Rpim_I_all                                ? 
_reflns.pdbx_d_opt                                     ? 
_reflns.pdbx_number_measured_all                       ? 
_reflns.pdbx_diffrn_id                                 1 
_reflns.pdbx_ordinal                                   1 
_reflns.pdbx_CC_half                                   ? 
_reflns.pdbx_CC_star                                   ? 
_reflns.pdbx_R_split                                   ? 
_reflns.pdbx_Rmerge_I_obs                              ? 
_reflns.pdbx_Rmerge_I_all                              ? 
_reflns.pdbx_Rsym_value                                ? 
_reflns.pdbx_CC_split_method                           ? 
_reflns.pdbx_aniso_diffraction_limit_axis_1_ortho[1]   ? 
_reflns.pdbx_aniso_diffraction_limit_axis_1_ortho[2]   ? 
_reflns.pdbx_aniso_diffraction_limit_axis_1_ortho[3]   ? 
_reflns.pdbx_aniso_diffraction_limit_axis_2_ortho[1]   ? 
_reflns.pdbx_aniso_diffraction_limit_axis_2_ortho[2]   ? 
_reflns.pdbx_aniso_diffraction_limit_axis_2_ortho[3]   ? 
_reflns.pdbx_aniso_diffraction_limit_axis_3_ortho[1]   ? 
_reflns.pdbx_aniso_diffraction_limit_axis_3_ortho[2]   ? 
_reflns.pdbx_aniso_diffraction_limit_axis_3_ortho[3]   ? 
_reflns.pdbx_aniso_diffraction_limit_1                 ? 
_reflns.pdbx_aniso_diffraction_limit_2                 ? 
_reflns.pdbx_aniso_diffraction_limit_3                 ? 
_reflns.pdbx_aniso_B_tensor_eigenvector_1_ortho[1]     ? 
_reflns.pdbx_aniso_B_tensor_eigenvector_1_ortho[2]     ? 
_reflns.pdbx_aniso_B_tensor_eigenvector_1_ortho[3]     ? 
_reflns.pdbx_aniso_B_tensor_eigenvector_2_ortho[1]     ? 
_reflns.pdbx_aniso_B_tensor_eigenvector_2_ortho[2]     ? 
_reflns.pdbx_aniso_B_tensor_eigenvector_2_ortho[3]     ? 
_reflns.pdbx_aniso_B_tensor_eigenvector_3_ortho[1]     ? 
_reflns.pdbx_aniso_B_tensor_eigenvector_3_ortho[2]     ? 
_reflns.pdbx_aniso_B_tensor_eigenvector_3_ortho[3]     ? 
_reflns.pdbx_aniso_B_tensor_eigenvalue_1               ? 
_reflns.pdbx_aniso_B_tensor_eigenvalue_2               ? 
_reflns.pdbx_aniso_B_tensor_eigenvalue_3               ? 
_reflns.pdbx_orthogonalization_convention              ? 
_reflns.pdbx_percent_possible_ellipsoidal              ? 
_reflns.pdbx_percent_possible_spherical                ? 
_reflns.pdbx_percent_possible_ellipsoidal_anomalous    ? 
_reflns.pdbx_percent_possible_spherical_anomalous      ? 
_reflns.pdbx_redundancy_anomalous                      ? 
_reflns.pdbx_CC_half_anomalous                         ? 
_reflns.pdbx_absDiff_over_sigma_anomalous              ? 
_reflns.pdbx_percent_possible_anomalous                ? 
_reflns.pdbx_observed_signal_threshold                 ? 
_reflns.pdbx_signal_type                               ? 
_reflns.pdbx_signal_details                            ? 
_reflns.pdbx_signal_software_id                        ? 
# 
_reflns_shell.d_res_high                                    1.71 
_reflns_shell.d_res_low                                     1.75 
_reflns_shell.meanI_over_sigI_all                           ? 
_reflns_shell.meanI_over_sigI_obs                           ? 
_reflns_shell.number_measured_all                           ? 
_reflns_shell.number_measured_obs                           ? 
_reflns_shell.number_possible                               ? 
_reflns_shell.number_unique_all                             ? 
_reflns_shell.number_unique_obs                             881 
_reflns_shell.percent_possible_obs                          ? 
_reflns_shell.Rmerge_F_all                                  ? 
_reflns_shell.Rmerge_F_obs                                  ? 
_reflns_shell.meanI_over_sigI_gt                            ? 
_reflns_shell.meanI_over_uI_all                             ? 
_reflns_shell.meanI_over_uI_gt                              ? 
_reflns_shell.number_measured_gt                            ? 
_reflns_shell.number_unique_gt                              ? 
_reflns_shell.percent_possible_gt                           ? 
_reflns_shell.Rmerge_F_gt                                   ? 
_reflns_shell.Rmerge_I_gt                                   ? 
_reflns_shell.pdbx_redundancy                               ? 
_reflns_shell.pdbx_chi_squared                              ? 
_reflns_shell.pdbx_netI_over_sigmaI_all                     ? 
_reflns_shell.pdbx_netI_over_sigmaI_obs                     ? 
_reflns_shell.pdbx_Rrim_I_all                               ? 
_reflns_shell.pdbx_Rpim_I_all                               ? 
_reflns_shell.pdbx_rejects                                  ? 
_reflns_shell.pdbx_ordinal                                  1 
_reflns_shell.pdbx_diffrn_id                                1 
_reflns_shell.pdbx_CC_half                                  ? 
_reflns_shell.pdbx_CC_star                                  ? 
_reflns_shell.pdbx_R_split                                  ? 
_reflns_shell.percent_possible_all                          ? 
_reflns_shell.Rmerge_I_all                                  ? 
_reflns_shell.Rmerge_I_obs                                  ? 
_reflns_shell.pdbx_Rsym_value                               ? 
_reflns_shell.pdbx_percent_possible_ellipsoidal             ? 
_reflns_shell.pdbx_percent_possible_spherical               ? 
_reflns_shell.pdbx_percent_possible_ellipsoidal_anomalous   ? 
_reflns_shell.pdbx_percent_possible_spherical_anomalous     ? 
_reflns_shell.pdbx_redundancy_anomalous                     ? 
_reflns_shell.pdbx_CC_half_anomalous                        ? 
_reflns_shell.pdbx_absDiff_over_sigma_anomalous             ? 
_reflns_shell.pdbx_percent_possible_anomalous               ? 
# 
_refine.aniso_B[1][1]                            ? 
_refine.aniso_B[1][2]                            ? 
_refine.aniso_B[1][3]                            ? 
_refine.aniso_B[2][2]                            ? 
_refine.aniso_B[2][3]                            ? 
_refine.aniso_B[3][3]                            ? 
_refine.B_iso_max                                ? 
_refine.B_iso_mean                               ? 
_refine.B_iso_min                                ? 
_refine.correlation_coeff_Fo_to_Fc               ? 
_refine.correlation_coeff_Fo_to_Fc_free          ? 
_refine.details                                  ? 
_refine.diff_density_max                         ? 
_refine.diff_density_max_esd                     ? 
_refine.diff_density_min                         ? 
_refine.diff_density_min_esd                     ? 
_refine.diff_density_rms                         ? 
_refine.diff_density_rms_esd                     ? 
_refine.entry_id                                 8WJD 
_refine.pdbx_refine_id                           'X-RAY DIFFRACTION' 
_refine.ls_abs_structure_details                 ? 
_refine.ls_abs_structure_Flack                   ? 
_refine.ls_abs_structure_Flack_esd               ? 
_refine.ls_abs_structure_Rogers                  ? 
_refine.ls_abs_structure_Rogers_esd              ? 
_refine.ls_d_res_high                            1.71 
_refine.ls_d_res_low                             32.50 
_refine.ls_extinction_coef                       ? 
_refine.ls_extinction_coef_esd                   ? 
_refine.ls_extinction_expression                 ? 
_refine.ls_extinction_method                     ? 
_refine.ls_goodness_of_fit_all                   ? 
_refine.ls_goodness_of_fit_all_esd               ? 
_refine.ls_goodness_of_fit_obs                   ? 
_refine.ls_goodness_of_fit_obs_esd               ? 
_refine.ls_hydrogen_treatment                    ? 
_refine.ls_matrix_type                           ? 
_refine.ls_number_constraints                    ? 
_refine.ls_number_parameters                     ? 
_refine.ls_number_reflns_all                     ? 
_refine.ls_number_reflns_obs                     12277 
_refine.ls_number_reflns_R_free                  600 
_refine.ls_number_reflns_R_work                  ? 
_refine.ls_number_restraints                     ? 
_refine.ls_percent_reflns_obs                    99.02 
_refine.ls_percent_reflns_R_free                 4.89 
_refine.ls_R_factor_all                          ? 
_refine.ls_R_factor_obs                          0.2120 
_refine.ls_R_factor_R_free                       0.2370 
_refine.ls_R_factor_R_free_error                 ? 
_refine.ls_R_factor_R_free_error_details         ? 
_refine.ls_R_factor_R_work                       0.2106 
_refine.ls_R_Fsqd_factor_obs                     ? 
_refine.ls_R_I_factor_obs                        ? 
_refine.ls_redundancy_reflns_all                 ? 
_refine.ls_redundancy_reflns_obs                 ? 
_refine.ls_restrained_S_all                      ? 
_refine.ls_restrained_S_obs                      ? 
_refine.ls_shift_over_esd_max                    ? 
_refine.ls_shift_over_esd_mean                   ? 
_refine.ls_structure_factor_coef                 ? 
_refine.ls_weighting_details                     ? 
_refine.ls_weighting_scheme                      ? 
_refine.ls_wR_factor_all                         ? 
_refine.ls_wR_factor_obs                         ? 
_refine.ls_wR_factor_R_free                      ? 
_refine.ls_wR_factor_R_work                      ? 
_refine.occupancy_max                            ? 
_refine.occupancy_min                            ? 
_refine.solvent_model_details                    'FLAT BULK SOLVENT MODEL' 
_refine.solvent_model_param_bsol                 ? 
_refine.solvent_model_param_ksol                 ? 
_refine.pdbx_R_complete                          ? 
_refine.ls_R_factor_gt                           ? 
_refine.ls_goodness_of_fit_gt                    ? 
_refine.ls_goodness_of_fit_ref                   ? 
_refine.ls_shift_over_su_max                     ? 
_refine.ls_shift_over_su_max_lt                  ? 
_refine.ls_shift_over_su_mean                    ? 
_refine.ls_shift_over_su_mean_lt                 ? 
_refine.pdbx_ls_sigma_I                          ? 
_refine.pdbx_ls_sigma_F                          1.34 
_refine.pdbx_ls_sigma_Fsqd                       ? 
_refine.pdbx_data_cutoff_high_absF               ? 
_refine.pdbx_data_cutoff_high_rms_absF           ? 
_refine.pdbx_data_cutoff_low_absF                ? 
_refine.pdbx_isotropic_thermal_model             ? 
_refine.pdbx_ls_cross_valid_method               'FREE R-VALUE' 
_refine.pdbx_method_to_determine_struct          'MOLECULAR REPLACEMENT' 
_refine.pdbx_starting_model                      ? 
_refine.pdbx_stereochemistry_target_values       ML 
_refine.pdbx_R_Free_selection_details            ? 
_refine.pdbx_stereochem_target_val_spec_case     ? 
_refine.pdbx_overall_ESU_R                       ? 
_refine.pdbx_overall_ESU_R_Free                  ? 
_refine.pdbx_solvent_vdw_probe_radii             1.11 
_refine.pdbx_solvent_ion_probe_radii             ? 
_refine.pdbx_solvent_shrinkage_radii             0.90 
_refine.pdbx_real_space_R                        ? 
_refine.pdbx_density_correlation                 ? 
_refine.pdbx_pd_number_of_powder_patterns        ? 
_refine.pdbx_pd_number_of_points                 ? 
_refine.pdbx_pd_meas_number_of_points            ? 
_refine.pdbx_pd_proc_ls_prof_R_factor            ? 
_refine.pdbx_pd_proc_ls_prof_wR_factor           ? 
_refine.pdbx_pd_Marquardt_correlation_coeff      ? 
_refine.pdbx_pd_Fsqrd_R_factor                   ? 
_refine.pdbx_pd_ls_matrix_band_width             ? 
_refine.pdbx_overall_phase_error                 32.57 
_refine.pdbx_overall_SU_R_free_Cruickshank_DPI   ? 
_refine.pdbx_overall_SU_R_free_Blow_DPI          ? 
_refine.pdbx_overall_SU_R_Blow_DPI               ? 
_refine.pdbx_TLS_residual_ADP_flag               ? 
_refine.pdbx_diffrn_id                           1 
_refine.overall_SU_B                             ? 
_refine.overall_SU_ML                            0.19 
_refine.overall_SU_R_Cruickshank_DPI             ? 
_refine.overall_SU_R_free                        ? 
_refine.overall_FOM_free_R_set                   ? 
_refine.overall_FOM_work_R_set                   ? 
_refine.pdbx_average_fsc_overall                 ? 
_refine.pdbx_average_fsc_work                    ? 
_refine.pdbx_average_fsc_free                    ? 
# 
_refine_hist.pdbx_refine_id                   'X-RAY DIFFRACTION' 
_refine_hist.cycle_id                         LAST 
_refine_hist.details                          ? 
_refine_hist.d_res_high                       1.71 
_refine_hist.d_res_low                        32.50 
_refine_hist.number_atoms_solvent             44 
_refine_hist.number_atoms_total               906 
_refine_hist.number_reflns_all                ? 
_refine_hist.number_reflns_obs                ? 
_refine_hist.number_reflns_R_free             ? 
_refine_hist.number_reflns_R_work             ? 
_refine_hist.R_factor_all                     ? 
_refine_hist.R_factor_obs                     ? 
_refine_hist.R_factor_R_free                  ? 
_refine_hist.R_factor_R_work                  ? 
_refine_hist.pdbx_number_residues_total       ? 
_refine_hist.pdbx_B_iso_mean_ligand           ? 
_refine_hist.pdbx_B_iso_mean_solvent          ? 
_refine_hist.pdbx_number_atoms_protein        816 
_refine_hist.pdbx_number_atoms_nucleic_acid   0 
_refine_hist.pdbx_number_atoms_ligand         46 
_refine_hist.pdbx_number_atoms_lipid          ? 
_refine_hist.pdbx_number_atoms_carb           ? 
_refine_hist.pdbx_pseudo_atom_details         ? 
# 
loop_
_refine_ls_restr.pdbx_refine_id 
_refine_ls_restr.criterion 
_refine_ls_restr.dev_ideal 
_refine_ls_restr.dev_ideal_target 
_refine_ls_restr.number 
_refine_ls_restr.rejects 
_refine_ls_restr.type 
_refine_ls_restr.weight 
_refine_ls_restr.pdbx_restraint_function 
'X-RAY DIFFRACTION' ? 0.011  ? 887  ? f_bond_d           ? ? 
'X-RAY DIFFRACTION' ? 1.372  ? 1205 ? f_angle_d          ? ? 
'X-RAY DIFFRACTION' ? 19.499 ? 150  ? f_dihedral_angle_d ? ? 
'X-RAY DIFFRACTION' ? 0.094  ? 123  ? f_chiral_restr     ? ? 
'X-RAY DIFFRACTION' ? 0.007  ? 150  ? f_plane_restr      ? ? 
# 
loop_
_refine_ls_shell.pdbx_refine_id 
_refine_ls_shell.d_res_high 
_refine_ls_shell.d_res_low 
_refine_ls_shell.number_reflns_all 
_refine_ls_shell.number_reflns_obs 
_refine_ls_shell.number_reflns_R_free 
_refine_ls_shell.number_reflns_R_work 
_refine_ls_shell.percent_reflns_obs 
_refine_ls_shell.percent_reflns_R_free 
_refine_ls_shell.R_factor_all 
_refine_ls_shell.R_factor_obs 
_refine_ls_shell.R_factor_R_free_error 
_refine_ls_shell.R_factor_R_work 
_refine_ls_shell.redundancy_reflns_all 
_refine_ls_shell.redundancy_reflns_obs 
_refine_ls_shell.wR_factor_all 
_refine_ls_shell.wR_factor_obs 
_refine_ls_shell.wR_factor_R_free 
_refine_ls_shell.wR_factor_R_work 
_refine_ls_shell.pdbx_R_complete 
_refine_ls_shell.pdbx_total_number_of_bins_used 
_refine_ls_shell.pdbx_phase_error 
_refine_ls_shell.pdbx_fsc_work 
_refine_ls_shell.pdbx_fsc_free 
_refine_ls_shell.R_factor_R_free 
'X-RAY DIFFRACTION' 1.71 1.88  . . 144 2843 100.00 . . . . 0.2877 . . . . . . . . . . . 0.3198 
'X-RAY DIFFRACTION' 1.88 2.15  . . 142 2817 97.00  . . . . 0.2706 . . . . . . . . . . . 0.2739 
'X-RAY DIFFRACTION' 2.15 2.71  . . 140 2916 99.00  . . . . 0.2500 . . . . . . . . . . . 0.2923 
'X-RAY DIFFRACTION' 2.71 32.50 . . 174 3101 100.00 . . . . 0.1847 . . . . . . . . . . . 0.2126 
# 
_struct.entry_id                     8WJD 
_struct.title                        'Structure of SptTad2 complexed with cGG' 
_struct.pdbx_model_details           ? 
_struct.pdbx_formula_weight          ? 
_struct.pdbx_formula_weight_method   ? 
_struct.pdbx_model_type_details      ? 
_struct.pdbx_CASP_flag               N 
# 
_struct_keywords.entry_id        8WJD 
_struct_keywords.text            'VIRAL PROTEIN' 
_struct_keywords.pdbx_keywords   'VIRAL PROTEIN' 
# 
loop_
_struct_asym.id 
_struct_asym.pdbx_blank_PDB_chainid_flag 
_struct_asym.pdbx_modified 
_struct_asym.entity_id 
_struct_asym.details 
A N N 1 ? 
B N N 2 ? 
C N N 3 ? 
# 
_struct_ref.id                         1 
_struct_ref.db_name                    PDB 
_struct_ref.db_code                    8WJD 
_struct_ref.pdbx_db_accession          8WJD 
_struct_ref.pdbx_db_isoform            ? 
_struct_ref.entity_id                  1 
_struct_ref.pdbx_seq_one_letter_code   ? 
_struct_ref.pdbx_align_begin           1 
# 
_struct_ref_seq.align_id                      1 
_struct_ref_seq.ref_id                        1 
_struct_ref_seq.pdbx_PDB_id_code              8WJD 
_struct_ref_seq.pdbx_strand_id                A 
_struct_ref_seq.seq_align_beg                 1 
_struct_ref_seq.pdbx_seq_align_beg_ins_code   ? 
_struct_ref_seq.seq_align_end                 101 
_struct_ref_seq.pdbx_seq_align_end_ins_code   ? 
_struct_ref_seq.pdbx_db_accession             8WJD 
_struct_ref_seq.db_align_beg                  2 
_struct_ref_seq.pdbx_db_align_beg_ins_code    ? 
_struct_ref_seq.db_align_end                  102 
_struct_ref_seq.pdbx_db_align_end_ins_code    ? 
_struct_ref_seq.pdbx_auth_seq_align_beg       2 
_struct_ref_seq.pdbx_auth_seq_align_end       102 
# 
_pdbx_struct_assembly.id                   1 
_pdbx_struct_assembly.details              author_and_software_defined_assembly 
_pdbx_struct_assembly.method_details       PISA 
_pdbx_struct_assembly.oligomeric_details   tetrameric 
_pdbx_struct_assembly.oligomeric_count     4 
# 
loop_
_pdbx_struct_assembly_prop.biol_id 
_pdbx_struct_assembly_prop.type 
_pdbx_struct_assembly_prop.value 
_pdbx_struct_assembly_prop.details 
1 'ABSA (A^2)' 13640 ? 
1 MORE         -37   ? 
1 'SSA (A^2)'  16560 ? 
# 
_pdbx_struct_assembly_gen.assembly_id       1 
_pdbx_struct_assembly_gen.oper_expression   1,2,3,4 
_pdbx_struct_assembly_gen.asym_id_list      A,B,C 
# 
_pdbx_struct_assembly_auth_evidence.id                     1 
_pdbx_struct_assembly_auth_evidence.assembly_id            1 
_pdbx_struct_assembly_auth_evidence.experimental_support   'gel filtration' 
_pdbx_struct_assembly_auth_evidence.details                ? 
# 
loop_
_pdbx_struct_oper_list.id 
_pdbx_struct_oper_list.type 
_pdbx_struct_oper_list.name 
_pdbx_struct_oper_list.symmetry_operation 
_pdbx_struct_oper_list.matrix[1][1] 
_pdbx_struct_oper_list.matrix[1][2] 
_pdbx_struct_oper_list.matrix[1][3] 
_pdbx_struct_oper_list.vector[1] 
_pdbx_struct_oper_list.matrix[2][1] 
_pdbx_struct_oper_list.matrix[2][2] 
_pdbx_struct_oper_list.matrix[2][3] 
_pdbx_struct_oper_list.vector[2] 
_pdbx_struct_oper_list.matrix[3][1] 
_pdbx_struct_oper_list.matrix[3][2] 
_pdbx_struct_oper_list.matrix[3][3] 
_pdbx_struct_oper_list.vector[3] 
1 'identity operation'         1_555  x,y,z       1.0000000000  0.0000000000  0.0000000000  0.0000000000   0.0000000000  1.0000000000  0.0000000000  0.0000000000  0.0000000000  0.0000000000  1.0000000000  0.0000000000   
2 'crystal symmetry operation' 4_455  -x-1,-y,z   -0.3177009759 0.4221305867  0.8490417290  8.5633444951   0.4221305867  -0.7388326438 0.5252923873  2.6040302112  0.8490417290  0.5252923873  0.0565336197  -8.1762793929  
3 'crystal symmetry operation' 8_555  x-y,-y,-z   -0.9780129434 -0.1932428767 0.0784083743  -4.3844734378  -0.1932428767 0.6983996570  -0.6891263380 -9.9035586118 0.0784083743  -0.6891263380 -0.7203867136 -23.1785253437 
4 'crystal symmetry operation' 11_455 -x+y-1,y,-z 0.2957139193  -0.2288877100 -0.9274501033 -13.9038342567 -0.2288877100 -0.9595670132 0.1638339506  -4.1052206541 -0.9274501033 0.1638339506  -0.3361469061 -18.4115101853 
# 
loop_
_struct_conf.conf_type_id 
_struct_conf.id 
_struct_conf.pdbx_PDB_helix_id 
_struct_conf.beg_label_comp_id 
_struct_conf.beg_label_asym_id 
_struct_conf.beg_label_seq_id 
_struct_conf.pdbx_beg_PDB_ins_code 
_struct_conf.end_label_comp_id 
_struct_conf.end_label_asym_id 
_struct_conf.end_label_seq_id 
_struct_conf.pdbx_end_PDB_ins_code 
_struct_conf.beg_auth_comp_id 
_struct_conf.beg_auth_asym_id 
_struct_conf.beg_auth_seq_id 
_struct_conf.end_auth_comp_id 
_struct_conf.end_auth_asym_id 
_struct_conf.end_auth_seq_id 
_struct_conf.pdbx_PDB_helix_class 
_struct_conf.details 
_struct_conf.pdbx_PDB_helix_length 
HELX_P HELX_P1 AA1 ASN A 5  ? LYS A 14 ? ASN A 6  LYS A 15 1 ? 10 
HELX_P HELX_P2 AA2 PHE A 43 ? VAL A 47 ? PHE A 44 VAL A 48 5 ? 5  
HELX_P HELX_P3 AA3 PRO A 51 ? ASP A 62 ? PRO A 52 ASP A 63 1 ? 12 
HELX_P HELX_P4 AA4 SER A 87 ? ALA A 93 ? SER A 88 ALA A 94 1 ? 7  
# 
_struct_conf_type.id          HELX_P 
_struct_conf_type.criteria    ? 
_struct_conf_type.reference   ? 
# 
loop_
_struct_sheet.id 
_struct_sheet.type 
_struct_sheet.number_strands 
_struct_sheet.details 
AA1 ? 2 ? 
AA2 ? 3 ? 
AA3 ? 2 ? 
# 
loop_
_struct_sheet_order.sheet_id 
_struct_sheet_order.range_id_1 
_struct_sheet_order.range_id_2 
_struct_sheet_order.offset 
_struct_sheet_order.sense 
AA1 1 2 ? anti-parallel 
AA2 1 2 ? anti-parallel 
AA2 2 3 ? anti-parallel 
AA3 1 2 ? anti-parallel 
# 
loop_
_struct_sheet_range.sheet_id 
_struct_sheet_range.id 
_struct_sheet_range.beg_label_comp_id 
_struct_sheet_range.beg_label_asym_id 
_struct_sheet_range.beg_label_seq_id 
_struct_sheet_range.pdbx_beg_PDB_ins_code 
_struct_sheet_range.end_label_comp_id 
_struct_sheet_range.end_label_asym_id 
_struct_sheet_range.end_label_seq_id 
_struct_sheet_range.pdbx_end_PDB_ins_code 
_struct_sheet_range.beg_auth_comp_id 
_struct_sheet_range.beg_auth_asym_id 
_struct_sheet_range.beg_auth_seq_id 
_struct_sheet_range.end_auth_comp_id 
_struct_sheet_range.end_auth_asym_id 
_struct_sheet_range.end_auth_seq_id 
AA1 1 VAL A 19 ? ARG A 21 ? VAL A 20 ARG A 22 
AA1 2 TRP A 96 ? VAL A 98 ? TRP A 97 VAL A 99 
AA2 1 PHE A 30 ? ARG A 34 ? PHE A 31 ARG A 35 
AA2 2 TYR A 70 ? TYR A 74 ? TYR A 71 TYR A 75 
AA2 3 ILE A 80 ? ASN A 82 ? ILE A 81 ASN A 83 
AA3 1 ASP A 37 ? LEU A 39 ? ASP A 38 LEU A 40 
AA3 2 ILE A 65 ? PHE A 67 ? ILE A 66 PHE A 68 
# 
loop_
_pdbx_struct_sheet_hbond.sheet_id 
_pdbx_struct_sheet_hbond.range_id_1 
_pdbx_struct_sheet_hbond.range_id_2 
_pdbx_struct_sheet_hbond.range_1_label_atom_id 
_pdbx_struct_sheet_hbond.range_1_label_comp_id 
_pdbx_struct_sheet_hbond.range_1_label_asym_id 
_pdbx_struct_sheet_hbond.range_1_label_seq_id 
_pdbx_struct_sheet_hbond.range_1_PDB_ins_code 
_pdbx_struct_sheet_hbond.range_1_auth_atom_id 
_pdbx_struct_sheet_hbond.range_1_auth_comp_id 
_pdbx_struct_sheet_hbond.range_1_auth_asym_id 
_pdbx_struct_sheet_hbond.range_1_auth_seq_id 
_pdbx_struct_sheet_hbond.range_2_label_atom_id 
_pdbx_struct_sheet_hbond.range_2_label_comp_id 
_pdbx_struct_sheet_hbond.range_2_label_asym_id 
_pdbx_struct_sheet_hbond.range_2_label_seq_id 
_pdbx_struct_sheet_hbond.range_2_PDB_ins_code 
_pdbx_struct_sheet_hbond.range_2_auth_atom_id 
_pdbx_struct_sheet_hbond.range_2_auth_comp_id 
_pdbx_struct_sheet_hbond.range_2_auth_asym_id 
_pdbx_struct_sheet_hbond.range_2_auth_seq_id 
AA1 1 2 N ALA A 20 ? N ALA A 21 O PHE A 97 ? O PHE A 98 
AA2 1 2 N ARG A 34 ? N ARG A 35 O TYR A 70 ? O TYR A 71 
AA2 2 3 N MET A 73 ? N MET A 74 O VAL A 81 ? O VAL A 82 
AA3 1 2 N ASP A 37 ? N ASP A 38 O PHE A 67 ? O PHE A 68 
# 
_pdbx_entry_details.entry_id                   8WJD 
_pdbx_entry_details.has_ligand_of_interest     Y 
_pdbx_entry_details.compound_details           ? 
_pdbx_entry_details.source_details             ? 
_pdbx_entry_details.nonpolymer_details         ? 
_pdbx_entry_details.sequence_details           ? 
_pdbx_entry_details.has_protein_modification   N 
# 
loop_
_pdbx_validate_close_contact.id 
_pdbx_validate_close_contact.PDB_model_num 
_pdbx_validate_close_contact.auth_atom_id_1 
_pdbx_validate_close_contact.auth_asym_id_1 
_pdbx_validate_close_contact.auth_comp_id_1 
_pdbx_validate_close_contact.auth_seq_id_1 
_pdbx_validate_close_contact.PDB_ins_code_1 
_pdbx_validate_close_contact.label_alt_id_1 
_pdbx_validate_close_contact.auth_atom_id_2 
_pdbx_validate_close_contact.auth_asym_id_2 
_pdbx_validate_close_contact.auth_comp_id_2 
_pdbx_validate_close_contact.auth_seq_id_2 
_pdbx_validate_close_contact.PDB_ins_code_2 
_pdbx_validate_close_contact.label_alt_id_2 
_pdbx_validate_close_contact.dist 
1 1 O   A HOH 328 ? ? O A HOH 334 ? ? 2.01 
2 1 O   A HOH 337 ? ? O A HOH 339 ? ? 2.07 
3 1 O   A HOH 333 ? ? O A HOH 336 ? ? 2.15 
4 1 OD2 A ASP 91  ? ? O A HOH 301 ? ? 2.18 
# 
loop_
_chem_comp_atom.comp_id 
_chem_comp_atom.atom_id 
_chem_comp_atom.type_symbol 
_chem_comp_atom.pdbx_aromatic_flag 
_chem_comp_atom.pdbx_stereo_config 
_chem_comp_atom.pdbx_ordinal 
ALA N      N N N 1   
ALA CA     C N S 2   
ALA C      C N N 3   
ALA O      O N N 4   
ALA CB     C N N 5   
ALA OXT    O N N 6   
ALA H      H N N 7   
ALA H2     H N N 8   
ALA HA     H N N 9   
ALA HB1    H N N 10  
ALA HB2    H N N 11  
ALA HB3    H N N 12  
ALA HXT    H N N 13  
ARG N      N N N 14  
ARG CA     C N S 15  
ARG C      C N N 16  
ARG O      O N N 17  
ARG CB     C N N 18  
ARG CG     C N N 19  
ARG CD     C N N 20  
ARG NE     N N N 21  
ARG CZ     C N N 22  
ARG NH1    N N N 23  
ARG NH2    N N N 24  
ARG OXT    O N N 25  
ARG H      H N N 26  
ARG H2     H N N 27  
ARG HA     H N N 28  
ARG HB2    H N N 29  
ARG HB3    H N N 30  
ARG HG2    H N N 31  
ARG HG3    H N N 32  
ARG HD2    H N N 33  
ARG HD3    H N N 34  
ARG HE     H N N 35  
ARG HH11   H N N 36  
ARG HH12   H N N 37  
ARG HH21   H N N 38  
ARG HH22   H N N 39  
ARG HXT    H N N 40  
ASN N      N N N 41  
ASN CA     C N S 42  
ASN C      C N N 43  
ASN O      O N N 44  
ASN CB     C N N 45  
ASN CG     C N N 46  
ASN OD1    O N N 47  
ASN ND2    N N N 48  
ASN OXT    O N N 49  
ASN H      H N N 50  
ASN H2     H N N 51  
ASN HA     H N N 52  
ASN HB2    H N N 53  
ASN HB3    H N N 54  
ASN HD21   H N N 55  
ASN HD22   H N N 56  
ASN HXT    H N N 57  
ASP N      N N N 58  
ASP CA     C N S 59  
ASP C      C N N 60  
ASP O      O N N 61  
ASP CB     C N N 62  
ASP CG     C N N 63  
ASP OD1    O N N 64  
ASP OD2    O N N 65  
ASP OXT    O N N 66  
ASP H      H N N 67  
ASP H2     H N N 68  
ASP HA     H N N 69  
ASP HB2    H N N 70  
ASP HB3    H N N 71  
ASP HD2    H N N 72  
ASP HXT    H N N 73  
C2E P1     P N N 74  
C2E O2P    O N N 75  
C2E O1P    O N N 76  
C2E "O5'"  O N N 77  
C2E "C5'"  C N N 78  
C2E "C4'"  C N R 79  
C2E "O4'"  O N N 80  
C2E "C3'"  C N S 81  
C2E "O3'"  O N N 82  
C2E "C2'"  C N R 83  
C2E "O2'"  O N N 84  
C2E "C1'"  C N R 85  
C2E N9     N Y N 86  
C2E C8     C Y N 87  
C2E N7     N Y N 88  
C2E C5     C Y N 89  
C2E C6     C N N 90  
C2E O6     O N N 91  
C2E N1     N N N 92  
C2E C2     C N N 93  
C2E N2     N N N 94  
C2E N3     N N N 95  
C2E C4     C Y N 96  
C2E P11    P N N 97  
C2E O21    O N N 98  
C2E O11    O N N 99  
C2E O5A    O N N 100 
C2E C5A    C N N 101 
C2E C4A    C N R 102 
C2E O4A    O N N 103 
C2E C3A    C N S 104 
C2E O3A    O N N 105 
C2E C2A    C N R 106 
C2E O2A    O N N 107 
C2E C1A    C N R 108 
C2E N91    N Y N 109 
C2E C81    C Y N 110 
C2E N71    N Y N 111 
C2E C51    C Y N 112 
C2E C61    C N N 113 
C2E O61    O N N 114 
C2E N11    N N N 115 
C2E C21    C N N 116 
C2E N21    N N N 117 
C2E N31    N N N 118 
C2E C41    C Y N 119 
C2E HO2P   H N N 120 
C2E "H5'1" H N N 121 
C2E "H5'2" H N N 122 
C2E "H4'"  H N N 123 
C2E "H3'"  H N N 124 
C2E "H2'"  H N N 125 
C2E "HO2'" H N N 126 
C2E "H1'"  H N N 127 
C2E H8     H N N 128 
C2E HN1    H N N 129 
C2E HN21   H N N 130 
C2E HN22   H N N 131 
C2E HO21   H N N 132 
C2E H511   H N N 133 
C2E H512   H N N 134 
C2E H4A    H N N 135 
C2E H3A    H N N 136 
C2E H2A    H N N 137 
C2E HO2A   H N N 138 
C2E H1A    H N N 139 
C2E H81    H N N 140 
C2E HN11   H N N 141 
C2E HN24   H N N 142 
C2E HN23   H N N 143 
CYS N      N N N 144 
CYS CA     C N R 145 
CYS C      C N N 146 
CYS O      O N N 147 
CYS CB     C N N 148 
CYS SG     S N N 149 
CYS OXT    O N N 150 
CYS H      H N N 151 
CYS H2     H N N 152 
CYS HA     H N N 153 
CYS HB2    H N N 154 
CYS HB3    H N N 155 
CYS HG     H N N 156 
CYS HXT    H N N 157 
GLN N      N N N 158 
GLN CA     C N S 159 
GLN C      C N N 160 
GLN O      O N N 161 
GLN CB     C N N 162 
GLN CG     C N N 163 
GLN CD     C N N 164 
GLN OE1    O N N 165 
GLN NE2    N N N 166 
GLN OXT    O N N 167 
GLN H      H N N 168 
GLN H2     H N N 169 
GLN HA     H N N 170 
GLN HB2    H N N 171 
GLN HB3    H N N 172 
GLN HG2    H N N 173 
GLN HG3    H N N 174 
GLN HE21   H N N 175 
GLN HE22   H N N 176 
GLN HXT    H N N 177 
GLU N      N N N 178 
GLU CA     C N S 179 
GLU C      C N N 180 
GLU O      O N N 181 
GLU CB     C N N 182 
GLU CG     C N N 183 
GLU CD     C N N 184 
GLU OE1    O N N 185 
GLU OE2    O N N 186 
GLU OXT    O N N 187 
GLU H      H N N 188 
GLU H2     H N N 189 
GLU HA     H N N 190 
GLU HB2    H N N 191 
GLU HB3    H N N 192 
GLU HG2    H N N 193 
GLU HG3    H N N 194 
GLU HE2    H N N 195 
GLU HXT    H N N 196 
GLY N      N N N 197 
GLY CA     C N N 198 
GLY C      C N N 199 
GLY O      O N N 200 
GLY OXT    O N N 201 
GLY H      H N N 202 
GLY H2     H N N 203 
GLY HA2    H N N 204 
GLY HA3    H N N 205 
GLY HXT    H N N 206 
HOH O      O N N 207 
HOH H1     H N N 208 
HOH H2     H N N 209 
ILE N      N N N 210 
ILE CA     C N S 211 
ILE C      C N N 212 
ILE O      O N N 213 
ILE CB     C N S 214 
ILE CG1    C N N 215 
ILE CG2    C N N 216 
ILE CD1    C N N 217 
ILE OXT    O N N 218 
ILE H      H N N 219 
ILE H2     H N N 220 
ILE HA     H N N 221 
ILE HB     H N N 222 
ILE HG12   H N N 223 
ILE HG13   H N N 224 
ILE HG21   H N N 225 
ILE HG22   H N N 226 
ILE HG23   H N N 227 
ILE HD11   H N N 228 
ILE HD12   H N N 229 
ILE HD13   H N N 230 
ILE HXT    H N N 231 
LEU N      N N N 232 
LEU CA     C N S 233 
LEU C      C N N 234 
LEU O      O N N 235 
LEU CB     C N N 236 
LEU CG     C N N 237 
LEU CD1    C N N 238 
LEU CD2    C N N 239 
LEU OXT    O N N 240 
LEU H      H N N 241 
LEU H2     H N N 242 
LEU HA     H N N 243 
LEU HB2    H N N 244 
LEU HB3    H N N 245 
LEU HG     H N N 246 
LEU HD11   H N N 247 
LEU HD12   H N N 248 
LEU HD13   H N N 249 
LEU HD21   H N N 250 
LEU HD22   H N N 251 
LEU HD23   H N N 252 
LEU HXT    H N N 253 
LYS N      N N N 254 
LYS CA     C N S 255 
LYS C      C N N 256 
LYS O      O N N 257 
LYS CB     C N N 258 
LYS CG     C N N 259 
LYS CD     C N N 260 
LYS CE     C N N 261 
LYS NZ     N N N 262 
LYS OXT    O N N 263 
LYS H      H N N 264 
LYS H2     H N N 265 
LYS HA     H N N 266 
LYS HB2    H N N 267 
LYS HB3    H N N 268 
LYS HG2    H N N 269 
LYS HG3    H N N 270 
LYS HD2    H N N 271 
LYS HD3    H N N 272 
LYS HE2    H N N 273 
LYS HE3    H N N 274 
LYS HZ1    H N N 275 
LYS HZ2    H N N 276 
LYS HZ3    H N N 277 
LYS HXT    H N N 278 
MET N      N N N 279 
MET CA     C N S 280 
MET C      C N N 281 
MET O      O N N 282 
MET CB     C N N 283 
MET CG     C N N 284 
MET SD     S N N 285 
MET CE     C N N 286 
MET OXT    O N N 287 
MET H      H N N 288 
MET H2     H N N 289 
MET HA     H N N 290 
MET HB2    H N N 291 
MET HB3    H N N 292 
MET HG2    H N N 293 
MET HG3    H N N 294 
MET HE1    H N N 295 
MET HE2    H N N 296 
MET HE3    H N N 297 
MET HXT    H N N 298 
PHE N      N N N 299 
PHE CA     C N S 300 
PHE C      C N N 301 
PHE O      O N N 302 
PHE CB     C N N 303 
PHE CG     C Y N 304 
PHE CD1    C Y N 305 
PHE CD2    C Y N 306 
PHE CE1    C Y N 307 
PHE CE2    C Y N 308 
PHE CZ     C Y N 309 
PHE OXT    O N N 310 
PHE H      H N N 311 
PHE H2     H N N 312 
PHE HA     H N N 313 
PHE HB2    H N N 314 
PHE HB3    H N N 315 
PHE HD1    H N N 316 
PHE HD2    H N N 317 
PHE HE1    H N N 318 
PHE HE2    H N N 319 
PHE HZ     H N N 320 
PHE HXT    H N N 321 
PRO N      N N N 322 
PRO CA     C N S 323 
PRO C      C N N 324 
PRO O      O N N 325 
PRO CB     C N N 326 
PRO CG     C N N 327 
PRO CD     C N N 328 
PRO OXT    O N N 329 
PRO H      H N N 330 
PRO HA     H N N 331 
PRO HB2    H N N 332 
PRO HB3    H N N 333 
PRO HG2    H N N 334 
PRO HG3    H N N 335 
PRO HD2    H N N 336 
PRO HD3    H N N 337 
PRO HXT    H N N 338 
SER N      N N N 339 
SER CA     C N S 340 
SER C      C N N 341 
SER O      O N N 342 
SER CB     C N N 343 
SER OG     O N N 344 
SER OXT    O N N 345 
SER H      H N N 346 
SER H2     H N N 347 
SER HA     H N N 348 
SER HB2    H N N 349 
SER HB3    H N N 350 
SER HG     H N N 351 
SER HXT    H N N 352 
THR N      N N N 353 
THR CA     C N S 354 
THR C      C N N 355 
THR O      O N N 356 
THR CB     C N R 357 
THR OG1    O N N 358 
THR CG2    C N N 359 
THR OXT    O N N 360 
THR H      H N N 361 
THR H2     H N N 362 
THR HA     H N N 363 
THR HB     H N N 364 
THR HG1    H N N 365 
THR HG21   H N N 366 
THR HG22   H N N 367 
THR HG23   H N N 368 
THR HXT    H N N 369 
TRP N      N N N 370 
TRP CA     C N S 371 
TRP C      C N N 372 
TRP O      O N N 373 
TRP CB     C N N 374 
TRP CG     C Y N 375 
TRP CD1    C Y N 376 
TRP CD2    C Y N 377 
TRP NE1    N Y N 378 
TRP CE2    C Y N 379 
TRP CE3    C Y N 380 
TRP CZ2    C Y N 381 
TRP CZ3    C Y N 382 
TRP CH2    C Y N 383 
TRP OXT    O N N 384 
TRP H      H N N 385 
TRP H2     H N N 386 
TRP HA     H N N 387 
TRP HB2    H N N 388 
TRP HB3    H N N 389 
TRP HD1    H N N 390 
TRP HE1    H N N 391 
TRP HE3    H N N 392 
TRP HZ2    H N N 393 
TRP HZ3    H N N 394 
TRP HH2    H N N 395 
TRP HXT    H N N 396 
TYR N      N N N 397 
TYR CA     C N S 398 
TYR C      C N N 399 
TYR O      O N N 400 
TYR CB     C N N 401 
TYR CG     C Y N 402 
TYR CD1    C Y N 403 
TYR CD2    C Y N 404 
TYR CE1    C Y N 405 
TYR CE2    C Y N 406 
TYR CZ     C Y N 407 
TYR OH     O N N 408 
TYR OXT    O N N 409 
TYR H      H N N 410 
TYR H2     H N N 411 
TYR HA     H N N 412 
TYR HB2    H N N 413 
TYR HB3    H N N 414 
TYR HD1    H N N 415 
TYR HD2    H N N 416 
TYR HE1    H N N 417 
TYR HE2    H N N 418 
TYR HH     H N N 419 
TYR HXT    H N N 420 
VAL N      N N N 421 
VAL CA     C N S 422 
VAL C      C N N 423 
VAL O      O N N 424 
VAL CB     C N N 425 
VAL CG1    C N N 426 
VAL CG2    C N N 427 
VAL OXT    O N N 428 
VAL H      H N N 429 
VAL H2     H N N 430 
VAL HA     H N N 431 
VAL HB     H N N 432 
VAL HG11   H N N 433 
VAL HG12   H N N 434 
VAL HG13   H N N 435 
VAL HG21   H N N 436 
VAL HG22   H N N 437 
VAL HG23   H N N 438 
VAL HXT    H N N 439 
# 
loop_
_chem_comp_bond.comp_id 
_chem_comp_bond.atom_id_1 
_chem_comp_bond.atom_id_2 
_chem_comp_bond.value_order 
_chem_comp_bond.pdbx_aromatic_flag 
_chem_comp_bond.pdbx_stereo_config 
_chem_comp_bond.pdbx_ordinal 
ALA N     CA     sing N N 1   
ALA N     H      sing N N 2   
ALA N     H2     sing N N 3   
ALA CA    C      sing N N 4   
ALA CA    CB     sing N N 5   
ALA CA    HA     sing N N 6   
ALA C     O      doub N N 7   
ALA C     OXT    sing N N 8   
ALA CB    HB1    sing N N 9   
ALA CB    HB2    sing N N 10  
ALA CB    HB3    sing N N 11  
ALA OXT   HXT    sing N N 12  
ARG N     CA     sing N N 13  
ARG N     H      sing N N 14  
ARG N     H2     sing N N 15  
ARG CA    C      sing N N 16  
ARG CA    CB     sing N N 17  
ARG CA    HA     sing N N 18  
ARG C     O      doub N N 19  
ARG C     OXT    sing N N 20  
ARG CB    CG     sing N N 21  
ARG CB    HB2    sing N N 22  
ARG CB    HB3    sing N N 23  
ARG CG    CD     sing N N 24  
ARG CG    HG2    sing N N 25  
ARG CG    HG3    sing N N 26  
ARG CD    NE     sing N N 27  
ARG CD    HD2    sing N N 28  
ARG CD    HD3    sing N N 29  
ARG NE    CZ     sing N N 30  
ARG NE    HE     sing N N 31  
ARG CZ    NH1    sing N N 32  
ARG CZ    NH2    doub N N 33  
ARG NH1   HH11   sing N N 34  
ARG NH1   HH12   sing N N 35  
ARG NH2   HH21   sing N N 36  
ARG NH2   HH22   sing N N 37  
ARG OXT   HXT    sing N N 38  
ASN N     CA     sing N N 39  
ASN N     H      sing N N 40  
ASN N     H2     sing N N 41  
ASN CA    C      sing N N 42  
ASN CA    CB     sing N N 43  
ASN CA    HA     sing N N 44  
ASN C     O      doub N N 45  
ASN C     OXT    sing N N 46  
ASN CB    CG     sing N N 47  
ASN CB    HB2    sing N N 48  
ASN CB    HB3    sing N N 49  
ASN CG    OD1    doub N N 50  
ASN CG    ND2    sing N N 51  
ASN ND2   HD21   sing N N 52  
ASN ND2   HD22   sing N N 53  
ASN OXT   HXT    sing N N 54  
ASP N     CA     sing N N 55  
ASP N     H      sing N N 56  
ASP N     H2     sing N N 57  
ASP CA    C      sing N N 58  
ASP CA    CB     sing N N 59  
ASP CA    HA     sing N N 60  
ASP C     O      doub N N 61  
ASP C     OXT    sing N N 62  
ASP CB    CG     sing N N 63  
ASP CB    HB2    sing N N 64  
ASP CB    HB3    sing N N 65  
ASP CG    OD1    doub N N 66  
ASP CG    OD2    sing N N 67  
ASP OD2   HD2    sing N N 68  
ASP OXT   HXT    sing N N 69  
C2E P1    O2P    sing N N 70  
C2E O1P   P1     doub N N 71  
C2E "O5'" P1     sing N N 72  
C2E "C5'" "O5'"  sing N N 73  
C2E "C4'" "O4'"  sing N N 74  
C2E "C4'" "C5'"  sing N N 75  
C2E "C3'" "C4'"  sing N N 76  
C2E "O3'" P11    sing N N 77  
C2E "O3'" "C3'"  sing N N 78  
C2E "C2'" "C3'"  sing N N 79  
C2E "C2'" "C1'"  sing N N 80  
C2E "O2'" "C2'"  sing N N 81  
C2E "C1'" "O4'"  sing N N 82  
C2E "C1'" N9     sing N N 83  
C2E N9    C4     sing Y N 84  
C2E N9    C8     sing Y N 85  
C2E C8    N7     doub Y N 86  
C2E C5    N7     sing Y N 87  
C2E C5    C6     sing N N 88  
C2E C6    O6     doub N N 89  
C2E N1    C6     sing N N 90  
C2E C2    N1     sing N N 91  
C2E N2    C2     sing N N 92  
C2E N3    C2     doub N N 93  
C2E N3    C4     sing N N 94  
C2E C4    C5     doub Y N 95  
C2E P11   O21    sing N N 96  
C2E P11   O5A    sing N N 97  
C2E O11   P11    doub N N 98  
C2E C5A   O5A    sing N N 99  
C2E C5A   C4A    sing N N 100 
C2E C4A   O4A    sing N N 101 
C2E C4A   C3A    sing N N 102 
C2E O4A   C1A    sing N N 103 
C2E C3A   C2A    sing N N 104 
C2E O3A   C3A    sing N N 105 
C2E O3A   P1     sing N N 106 
C2E C2A   O2A    sing N N 107 
C2E C1A   C2A    sing N N 108 
C2E C1A   N91    sing N N 109 
C2E N91   C41    sing Y N 110 
C2E C81   N71    doub Y N 111 
C2E C81   N91    sing Y N 112 
C2E N71   C51    sing Y N 113 
C2E C51   C41    doub Y N 114 
C2E C51   C61    sing N N 115 
C2E C61   O61    doub N N 116 
C2E C61   N11    sing N N 117 
C2E C21   N11    sing N N 118 
C2E C21   N21    sing N N 119 
C2E N31   C21    doub N N 120 
C2E C41   N31    sing N N 121 
C2E O2P   HO2P   sing N N 122 
C2E "C5'" "H5'1" sing N N 123 
C2E "C5'" "H5'2" sing N N 124 
C2E "C4'" "H4'"  sing N N 125 
C2E "C3'" "H3'"  sing N N 126 
C2E "C2'" "H2'"  sing N N 127 
C2E "O2'" "HO2'" sing N N 128 
C2E "C1'" "H1'"  sing N N 129 
C2E C8    H8     sing N N 130 
C2E N1    HN1    sing N N 131 
C2E N2    HN21   sing N N 132 
C2E N2    HN22   sing N N 133 
C2E O21   HO21   sing N N 134 
C2E C5A   H511   sing N N 135 
C2E C5A   H512   sing N N 136 
C2E C4A   H4A    sing N N 137 
C2E C3A   H3A    sing N N 138 
C2E C2A   H2A    sing N N 139 
C2E O2A   HO2A   sing N N 140 
C2E C1A   H1A    sing N N 141 
C2E C81   H81    sing N N 142 
C2E N11   HN11   sing N N 143 
C2E N21   HN24   sing N N 144 
C2E N21   HN23   sing N N 145 
CYS N     CA     sing N N 146 
CYS N     H      sing N N 147 
CYS N     H2     sing N N 148 
CYS CA    C      sing N N 149 
CYS CA    CB     sing N N 150 
CYS CA    HA     sing N N 151 
CYS C     O      doub N N 152 
CYS C     OXT    sing N N 153 
CYS CB    SG     sing N N 154 
CYS CB    HB2    sing N N 155 
CYS CB    HB3    sing N N 156 
CYS SG    HG     sing N N 157 
CYS OXT   HXT    sing N N 158 
GLN N     CA     sing N N 159 
GLN N     H      sing N N 160 
GLN N     H2     sing N N 161 
GLN CA    C      sing N N 162 
GLN CA    CB     sing N N 163 
GLN CA    HA     sing N N 164 
GLN C     O      doub N N 165 
GLN C     OXT    sing N N 166 
GLN CB    CG     sing N N 167 
GLN CB    HB2    sing N N 168 
GLN CB    HB3    sing N N 169 
GLN CG    CD     sing N N 170 
GLN CG    HG2    sing N N 171 
GLN CG    HG3    sing N N 172 
GLN CD    OE1    doub N N 173 
GLN CD    NE2    sing N N 174 
GLN NE2   HE21   sing N N 175 
GLN NE2   HE22   sing N N 176 
GLN OXT   HXT    sing N N 177 
GLU N     CA     sing N N 178 
GLU N     H      sing N N 179 
GLU N     H2     sing N N 180 
GLU CA    C      sing N N 181 
GLU CA    CB     sing N N 182 
GLU CA    HA     sing N N 183 
GLU C     O      doub N N 184 
GLU C     OXT    sing N N 185 
GLU CB    CG     sing N N 186 
GLU CB    HB2    sing N N 187 
GLU CB    HB3    sing N N 188 
GLU CG    CD     sing N N 189 
GLU CG    HG2    sing N N 190 
GLU CG    HG3    sing N N 191 
GLU CD    OE1    doub N N 192 
GLU CD    OE2    sing N N 193 
GLU OE2   HE2    sing N N 194 
GLU OXT   HXT    sing N N 195 
GLY N     CA     sing N N 196 
GLY N     H      sing N N 197 
GLY N     H2     sing N N 198 
GLY CA    C      sing N N 199 
GLY CA    HA2    sing N N 200 
GLY CA    HA3    sing N N 201 
GLY C     O      doub N N 202 
GLY C     OXT    sing N N 203 
GLY OXT   HXT    sing N N 204 
HOH O     H1     sing N N 205 
HOH O     H2     sing N N 206 
ILE N     CA     sing N N 207 
ILE N     H      sing N N 208 
ILE N     H2     sing N N 209 
ILE CA    C      sing N N 210 
ILE CA    CB     sing N N 211 
ILE CA    HA     sing N N 212 
ILE C     O      doub N N 213 
ILE C     OXT    sing N N 214 
ILE CB    CG1    sing N N 215 
ILE CB    CG2    sing N N 216 
ILE CB    HB     sing N N 217 
ILE CG1   CD1    sing N N 218 
ILE CG1   HG12   sing N N 219 
ILE CG1   HG13   sing N N 220 
ILE CG2   HG21   sing N N 221 
ILE CG2   HG22   sing N N 222 
ILE CG2   HG23   sing N N 223 
ILE CD1   HD11   sing N N 224 
ILE CD1   HD12   sing N N 225 
ILE CD1   HD13   sing N N 226 
ILE OXT   HXT    sing N N 227 
LEU N     CA     sing N N 228 
LEU N     H      sing N N 229 
LEU N     H2     sing N N 230 
LEU CA    C      sing N N 231 
LEU CA    CB     sing N N 232 
LEU CA    HA     sing N N 233 
LEU C     O      doub N N 234 
LEU C     OXT    sing N N 235 
LEU CB    CG     sing N N 236 
LEU CB    HB2    sing N N 237 
LEU CB    HB3    sing N N 238 
LEU CG    CD1    sing N N 239 
LEU CG    CD2    sing N N 240 
LEU CG    HG     sing N N 241 
LEU CD1   HD11   sing N N 242 
LEU CD1   HD12   sing N N 243 
LEU CD1   HD13   sing N N 244 
LEU CD2   HD21   sing N N 245 
LEU CD2   HD22   sing N N 246 
LEU CD2   HD23   sing N N 247 
LEU OXT   HXT    sing N N 248 
LYS N     CA     sing N N 249 
LYS N     H      sing N N 250 
LYS N     H2     sing N N 251 
LYS CA    C      sing N N 252 
LYS CA    CB     sing N N 253 
LYS CA    HA     sing N N 254 
LYS C     O      doub N N 255 
LYS C     OXT    sing N N 256 
LYS CB    CG     sing N N 257 
LYS CB    HB2    sing N N 258 
LYS CB    HB3    sing N N 259 
LYS CG    CD     sing N N 260 
LYS CG    HG2    sing N N 261 
LYS CG    HG3    sing N N 262 
LYS CD    CE     sing N N 263 
LYS CD    HD2    sing N N 264 
LYS CD    HD3    sing N N 265 
LYS CE    NZ     sing N N 266 
LYS CE    HE2    sing N N 267 
LYS CE    HE3    sing N N 268 
LYS NZ    HZ1    sing N N 269 
LYS NZ    HZ2    sing N N 270 
LYS NZ    HZ3    sing N N 271 
LYS OXT   HXT    sing N N 272 
MET N     CA     sing N N 273 
MET N     H      sing N N 274 
MET N     H2     sing N N 275 
MET CA    C      sing N N 276 
MET CA    CB     sing N N 277 
MET CA    HA     sing N N 278 
MET C     O      doub N N 279 
MET C     OXT    sing N N 280 
MET CB    CG     sing N N 281 
MET CB    HB2    sing N N 282 
MET CB    HB3    sing N N 283 
MET CG    SD     sing N N 284 
MET CG    HG2    sing N N 285 
MET CG    HG3    sing N N 286 
MET SD    CE     sing N N 287 
MET CE    HE1    sing N N 288 
MET CE    HE2    sing N N 289 
MET CE    HE3    sing N N 290 
MET OXT   HXT    sing N N 291 
PHE N     CA     sing N N 292 
PHE N     H      sing N N 293 
PHE N     H2     sing N N 294 
PHE CA    C      sing N N 295 
PHE CA    CB     sing N N 296 
PHE CA    HA     sing N N 297 
PHE C     O      doub N N 298 
PHE C     OXT    sing N N 299 
PHE CB    CG     sing N N 300 
PHE CB    HB2    sing N N 301 
PHE CB    HB3    sing N N 302 
PHE CG    CD1    doub Y N 303 
PHE CG    CD2    sing Y N 304 
PHE CD1   CE1    sing Y N 305 
PHE CD1   HD1    sing N N 306 
PHE CD2   CE2    doub Y N 307 
PHE CD2   HD2    sing N N 308 
PHE CE1   CZ     doub Y N 309 
PHE CE1   HE1    sing N N 310 
PHE CE2   CZ     sing Y N 311 
PHE CE2   HE2    sing N N 312 
PHE CZ    HZ     sing N N 313 
PHE OXT   HXT    sing N N 314 
PRO N     CA     sing N N 315 
PRO N     CD     sing N N 316 
PRO N     H      sing N N 317 
PRO CA    C      sing N N 318 
PRO CA    CB     sing N N 319 
PRO CA    HA     sing N N 320 
PRO C     O      doub N N 321 
PRO C     OXT    sing N N 322 
PRO CB    CG     sing N N 323 
PRO CB    HB2    sing N N 324 
PRO CB    HB3    sing N N 325 
PRO CG    CD     sing N N 326 
PRO CG    HG2    sing N N 327 
PRO CG    HG3    sing N N 328 
PRO CD    HD2    sing N N 329 
PRO CD    HD3    sing N N 330 
PRO OXT   HXT    sing N N 331 
SER N     CA     sing N N 332 
SER N     H      sing N N 333 
SER N     H2     sing N N 334 
SER CA    C      sing N N 335 
SER CA    CB     sing N N 336 
SER CA    HA     sing N N 337 
SER C     O      doub N N 338 
SER C     OXT    sing N N 339 
SER CB    OG     sing N N 340 
SER CB    HB2    sing N N 341 
SER CB    HB3    sing N N 342 
SER OG    HG     sing N N 343 
SER OXT   HXT    sing N N 344 
THR N     CA     sing N N 345 
THR N     H      sing N N 346 
THR N     H2     sing N N 347 
THR CA    C      sing N N 348 
THR CA    CB     sing N N 349 
THR CA    HA     sing N N 350 
THR C     O      doub N N 351 
THR C     OXT    sing N N 352 
THR CB    OG1    sing N N 353 
THR CB    CG2    sing N N 354 
THR CB    HB     sing N N 355 
THR OG1   HG1    sing N N 356 
THR CG2   HG21   sing N N 357 
THR CG2   HG22   sing N N 358 
THR CG2   HG23   sing N N 359 
THR OXT   HXT    sing N N 360 
TRP N     CA     sing N N 361 
TRP N     H      sing N N 362 
TRP N     H2     sing N N 363 
TRP CA    C      sing N N 364 
TRP CA    CB     sing N N 365 
TRP CA    HA     sing N N 366 
TRP C     O      doub N N 367 
TRP C     OXT    sing N N 368 
TRP CB    CG     sing N N 369 
TRP CB    HB2    sing N N 370 
TRP CB    HB3    sing N N 371 
TRP CG    CD1    doub Y N 372 
TRP CG    CD2    sing Y N 373 
TRP CD1   NE1    sing Y N 374 
TRP CD1   HD1    sing N N 375 
TRP CD2   CE2    doub Y N 376 
TRP CD2   CE3    sing Y N 377 
TRP NE1   CE2    sing Y N 378 
TRP NE1   HE1    sing N N 379 
TRP CE2   CZ2    sing Y N 380 
TRP CE3   CZ3    doub Y N 381 
TRP CE3   HE3    sing N N 382 
TRP CZ2   CH2    doub Y N 383 
TRP CZ2   HZ2    sing N N 384 
TRP CZ3   CH2    sing Y N 385 
TRP CZ3   HZ3    sing N N 386 
TRP CH2   HH2    sing N N 387 
TRP OXT   HXT    sing N N 388 
TYR N     CA     sing N N 389 
TYR N     H      sing N N 390 
TYR N     H2     sing N N 391 
TYR CA    C      sing N N 392 
TYR CA    CB     sing N N 393 
TYR CA    HA     sing N N 394 
TYR C     O      doub N N 395 
TYR C     OXT    sing N N 396 
TYR CB    CG     sing N N 397 
TYR CB    HB2    sing N N 398 
TYR CB    HB3    sing N N 399 
TYR CG    CD1    doub Y N 400 
TYR CG    CD2    sing Y N 401 
TYR CD1   CE1    sing Y N 402 
TYR CD1   HD1    sing N N 403 
TYR CD2   CE2    doub Y N 404 
TYR CD2   HD2    sing N N 405 
TYR CE1   CZ     doub Y N 406 
TYR CE1   HE1    sing N N 407 
TYR CE2   CZ     sing Y N 408 
TYR CE2   HE2    sing N N 409 
TYR CZ    OH     sing N N 410 
TYR OH    HH     sing N N 411 
TYR OXT   HXT    sing N N 412 
VAL N     CA     sing N N 413 
VAL N     H      sing N N 414 
VAL N     H2     sing N N 415 
VAL CA    C      sing N N 416 
VAL CA    CB     sing N N 417 
VAL CA    HA     sing N N 418 
VAL C     O      doub N N 419 
VAL C     OXT    sing N N 420 
VAL CB    CG1    sing N N 421 
VAL CB    CG2    sing N N 422 
VAL CB    HB     sing N N 423 
VAL CG1   HG11   sing N N 424 
VAL CG1   HG12   sing N N 425 
VAL CG1   HG13   sing N N 426 
VAL CG2   HG21   sing N N 427 
VAL CG2   HG22   sing N N 428 
VAL CG2   HG23   sing N N 429 
VAL OXT   HXT    sing N N 430 
# 
_pdbx_audit_support.funding_organization   'National Natural Science Foundation of China (NSFC)' 
_pdbx_audit_support.country                China 
_pdbx_audit_support.grant_number           ? 
_pdbx_audit_support.ordinal                1 
# 
_pdbx_initial_refinement_model.id               1 
_pdbx_initial_refinement_model.entity_id_list   ? 
_pdbx_initial_refinement_model.type             'in silico model' 
_pdbx_initial_refinement_model.source_name      AlphaFold 
_pdbx_initial_refinement_model.accession_code   ? 
_pdbx_initial_refinement_model.details          ? 
# 
_atom_sites.entry_id                    8WJD 
_atom_sites.Cartn_transf_matrix[1][1]   ? 
_atom_sites.Cartn_transf_matrix[1][2]   ? 
_atom_sites.Cartn_transf_matrix[1][3]   ? 
_atom_sites.Cartn_transf_matrix[2][1]   ? 
_atom_sites.Cartn_transf_matrix[2][2]   ? 
_atom_sites.Cartn_transf_matrix[2][3]   ? 
_atom_sites.Cartn_transf_matrix[3][1]   ? 
_atom_sites.Cartn_transf_matrix[3][2]   ? 
_atom_sites.Cartn_transf_matrix[3][3]   ? 
_atom_sites.Cartn_transf_vector[1]      ? 
_atom_sites.Cartn_transf_vector[2]      ? 
_atom_sites.Cartn_transf_vector[3]      ? 
_atom_sites.Cartn_transform_axes        ? 
_atom_sites.fract_transf_matrix[1][1]   -0.00584642 
_atom_sites.fract_transf_matrix[1][2]   -0.01363825 
_atom_sites.fract_transf_matrix[1][3]   0.01147898 
_atom_sites.fract_transf_matrix[2][1]   -0.01509984 
_atom_sites.fract_transf_matrix[2][2]   0.00266739 
_atom_sites.fract_transf_matrix[2][3]   0.01080821 
_atom_sites.fract_transf_matrix[3][1]   -0.00598974 
_atom_sites.fract_transf_matrix[3][2]   -0.00370578 
_atom_sites.fract_transf_matrix[3][3]   -0.00745354 
_atom_sites.fract_transf_vector[1]      -0.410284 
_atom_sites.fract_transf_vector[2]      0.105365 
_atom_sites.fract_transf_vector[3]      -0.117862 
_atom_sites.solution_primary            ? 
_atom_sites.solution_secondary          ? 
_atom_sites.solution_hydrogens          ? 
_atom_sites.special_details             ? 
# 
loop_
_atom_type.symbol 
C 
N 
O 
P 
S 
# 
loop_
_atom_site.group_PDB 
_atom_site.id 
_atom_site.type_symbol 
_atom_site.label_atom_id 
_atom_site.label_alt_id 
_atom_site.label_comp_id 
_atom_site.label_asym_id 
_atom_site.label_entity_id 
_atom_site.label_seq_id 
_atom_site.pdbx_PDB_ins_code 
_atom_site.Cartn_x 
_atom_site.Cartn_y 
_atom_site.Cartn_z 
_atom_site.occupancy 
_atom_site.B_iso_or_equiv 
_atom_site.pdbx_formal_charge 
_atom_site.auth_seq_id 
_atom_site.auth_comp_id 
_atom_site.auth_asym_id 
_atom_site.auth_atom_id 
_atom_site.pdbx_PDB_model_num 
ATOM   1   N N     . ASN A 1 1   ? -17.110 -10.820 9.295   1.00 78.46  ?  2   ASN A N     1 
ATOM   2   C CA    . ASN A 1 1   ? -16.302 -9.817  8.626   1.00 79.95  ?  2   ASN A CA    1 
ATOM   3   C C     . ASN A 1 1   ? -15.844 -10.367 7.320   1.00 65.51  ?  2   ASN A C     1 
ATOM   4   O O     . ASN A 1 1   ? -14.804 -9.953  6.861   1.00 60.04  ?  2   ASN A O     1 
ATOM   5   C CB    . ASN A 1 1   ? -15.071 -9.460  9.460   1.00 75.16  ?  2   ASN A CB    1 
ATOM   6   C CG    . ASN A 1 1   ? -14.897 -7.964  9.648   1.00 74.33  ?  2   ASN A CG    1 
ATOM   7   O OD1   . ASN A 1 1   ? -15.463 -7.157  8.915   1.00 75.04  ?  2   ASN A OD1   1 
ATOM   8   N ND2   . ASN A 1 1   ? -14.093 -7.590  10.630  1.00 70.43  ?  2   ASN A ND2   1 
ATOM   9   N N     . ARG A 1 2   ? -16.622 -11.249 6.736   1.00 59.26  ?  3   ARG A N     1 
ATOM   10  C CA    . ARG A 1 2   ? -16.269 -11.885 5.509   1.00 49.10  ?  3   ARG A CA    1 
ATOM   11  C C     . ARG A 1 2   ? -17.247 -11.726 4.418   1.00 48.80  ?  3   ARG A C     1 
ATOM   12  O O     . ARG A 1 2   ? -18.247 -11.070 4.585   1.00 60.53  ?  3   ARG A O     1 
ATOM   13  C CB    . ARG A 1 2   ? -16.039 -13.354 5.684   1.00 61.60  ?  3   ARG A CB    1 
ATOM   14  C CG    . ARG A 1 2   ? -15.288 -13.690 6.968   1.00 56.67  ?  3   ARG A CG    1 
ATOM   15  C CD    . ARG A 1 2   ? -14.780 -15.115 7.022   1.00 66.10  ?  3   ARG A CD    1 
ATOM   16  N NE    . ARG A 1 2   ? -13.325 -15.192 6.913   1.00 73.42  ?  3   ARG A NE    1 
ATOM   17  C CZ    . ARG A 1 2   ? -12.479 -15.095 7.935   1.00 70.49  ?  3   ARG A CZ    1 
ATOM   18  N NH1   . ARG A 1 2   ? -11.178 -15.197 7.729   1.00 68.58  ?  3   ARG A NH1   1 
ATOM   19  N NH2   . ARG A 1 2   ? -12.922 -14.902 9.165   1.00 78.04  ?  3   ARG A NH2   1 
ATOM   20  N N     . LYS A 1 3   ? -16.933 -12.307 3.296   1.00 43.54  ?  4   LYS A N     1 
ATOM   21  C CA    . LYS A 1 3   ? -17.732 -12.150 2.129   1.00 51.93  ?  4   LYS A CA    1 
ATOM   22  C C     . LYS A 1 3   ? -17.879 -10.709 1.829   1.00 48.33  ?  4   LYS A C     1 
ATOM   23  O O     . LYS A 1 3   ? -18.960 -10.233 1.663   1.00 52.31  ?  4   LYS A O     1 
ATOM   24  C CB    . LYS A 1 3   ? -19.029 -12.971 2.110   1.00 49.33  ?  4   LYS A CB    1 
ATOM   25  C CG    . LYS A 1 3   ? -18.819 -14.455 2.153   1.00 45.14  ?  4   LYS A CG    1 
ATOM   26  C CD    . LYS A 1 3   ? -18.353 -14.944 0.812   1.00 66.18  ?  4   LYS A CD    1 
ATOM   27  C CE    . LYS A 1 3   ? -19.441 -14.759 -0.221  1.00 64.76  ?  4   LYS A CE    1 
ATOM   28  N NZ    . LYS A 1 3   ? -18.844 -14.933 -1.564  1.00 52.13  ?  4   LYS A NZ    1 
ATOM   29  N N     . LEU A 1 4   ? -16.766 -10.021 1.740   1.00 34.62  ?  5   LEU A N     1 
ATOM   30  C CA    . LEU A 1 4   ? -16.769 -8.667  1.396   1.00 29.84  ?  5   LEU A CA    1 
ATOM   31  C C     . LEU A 1 4   ? -16.388 -8.430  -0.047  1.00 26.59  ?  5   LEU A C     1 
ATOM   32  O O     . LEU A 1 4   ? -15.725 -9.220  -0.624  1.00 29.03  ?  5   LEU A O     1 
ATOM   33  C CB    . LEU A 1 4   ? -15.802 -7.866  2.294   1.00 32.04  ?  5   LEU A CB    1 
ATOM   34  C CG    . LEU A 1 4   ? -15.880 -7.849  3.798   1.00 32.59  ?  5   LEU A CG    1 
ATOM   35  C CD1   . LEU A 1 4   ? -14.825 -6.867  4.251   1.00 35.69  ?  5   LEU A CD1   1 
ATOM   36  C CD2   . LEU A 1 4   ? -17.252 -7.365  4.196   1.00 37.89  ?  5   LEU A CD2   1 
ATOM   37  N N     . ASN A 1 5   ? -16.874 -7.342  -0.586  1.00 29.10  ?  6   ASN A N     1 
ATOM   38  C CA    . ASN A 1 5   ? -16.504 -6.934  -1.889  1.00 25.37  ?  6   ASN A CA    1 
ATOM   39  C C     . ASN A 1 5   ? -15.241 -6.102  -1.847  1.00 30.53  ?  6   ASN A C     1 
ATOM   40  O O     . ASN A 1 5   ? -14.800 -5.704  -0.833  1.00 27.42  ?  6   ASN A O     1 
ATOM   41  C CB    . ASN A 1 5   ? -17.645 -6.267  -2.670  1.00 34.60  ?  6   ASN A CB    1 
ATOM   42  C CG    . ASN A 1 5   ? -18.139 -4.967  -2.092  1.00 38.78  ?  6   ASN A CG    1 
ATOM   43  O OD1   . ASN A 1 5   ? -17.386 -4.095  -1.752  1.00 34.72  ?  6   ASN A OD1   1 
ATOM   44  N ND2   . ASN A 1 5   ? -19.444 -4.812  -2.079  1.00 30.53  ?  6   ASN A ND2   1 
ATOM   45  N N     . PHE A 1 6   ? -14.698 -5.826  -3.006  1.00 28.21  ?  7   PHE A N     1 
ATOM   46  C CA    . PHE A 1 6   ? -13.451 -5.101  -3.056  1.00 29.44  ?  7   PHE A CA    1 
ATOM   47  C C     . PHE A 1 6   ? -13.567 -3.731  -2.468  1.00 28.30  ?  7   PHE A C     1 
ATOM   48  O O     . PHE A 1 6   ? -12.701 -3.289  -1.807  1.00 29.37  ?  7   PHE A O     1 
ATOM   49  C CB    . PHE A 1 6   ? -12.905 -5.024  -4.485  1.00 24.79  ?  7   PHE A CB    1 
ATOM   50  C CG    . PHE A 1 6   ? -11.549 -4.391  -4.583  1.00 27.70  ?  7   PHE A CG    1 
ATOM   51  C CD1   . PHE A 1 6   ? -10.499 -4.866  -3.834  1.00 27.12  ?  7   PHE A CD1   1 
ATOM   52  C CD2   . PHE A 1 6   ? -11.334 -3.322  -5.414  1.00 28.02  ?  7   PHE A CD2   1 
ATOM   53  C CE1   . PHE A 1 6   ? -9.256  -4.286  -3.904  1.00 27.61  ?  7   PHE A CE1   1 
ATOM   54  C CE2   . PHE A 1 6   ? -10.096 -2.738  -5.495  1.00 29.08  ?  7   PHE A CE2   1 
ATOM   55  C CZ    . PHE A 1 6   ? -9.056  -3.221  -4.741  1.00 32.02  ?  7   PHE A CZ    1 
ATOM   56  N N     . GLY A 1 7   ? -14.677 -3.080  -2.706  1.00 28.10  ?  8   GLY A N     1 
ATOM   57  C CA    . GLY A 1 7   ? -14.901 -1.774  -2.146  1.00 28.86  ?  8   GLY A CA    1 
ATOM   58  C C     . GLY A 1 7   ? -14.886 -1.740  -0.647  1.00 31.55  ?  8   GLY A C     1 
ATOM   59  O O     . GLY A 1 7   ? -14.424 -0.812  -0.073  1.00 32.32  ?  8   GLY A O     1 
ATOM   60  N N     . GLN A 1 8   ? -15.438 -2.767  -0.039  1.00 27.58  ?  9   GLN A N     1 
ATOM   61  C CA    . GLN A 1 8   ? -15.406 -2.860  1.389   1.00 27.66  ?  9   GLN A CA    1 
ATOM   62  C C     . GLN A 1 8   ? -13.990 -3.142  1.853   1.00 31.54  ?  9   GLN A C     1 
ATOM   63  O O     . GLN A 1 8   ? -13.557 -2.609  2.821   1.00 31.06  ?  9   GLN A O     1 
ATOM   64  C CB    . GLN A 1 8   ? -16.369 -3.914  1.837   1.00 35.34  ?  9   GLN A CB    1 
ATOM   65  C CG    . GLN A 1 8   ? -17.821 -3.555  1.597   1.00 35.79  ?  9   GLN A CG    1 
ATOM   66  C CD    . GLN A 1 8   ? -18.753 -4.732  1.767   1.00 36.12  ?  9   GLN A CD    1 
ATOM   67  O OE1   . GLN A 1 8   ? -18.588 -5.751  1.149   1.00 33.60  ?  9   GLN A OE1   1 
ATOM   68  N NE2   . GLN A 1 8   ? -19.746 -4.577  2.607   1.00 49.61  ?  9   GLN A NE2   1 
ATOM   69  N N     . ALA A 1 9   ? -13.286 -3.999  1.144   1.00 25.96  ?  10  ALA A N     1 
ATOM   70  C CA    . ALA A 1 9   ? -11.879 -4.185  1.483   1.00 27.23  ?  10  ALA A CA    1 
ATOM   71  C C     . ALA A 1 9   ? -11.126 -2.863  1.422   1.00 29.41  ?  10  ALA A C     1 
ATOM   72  O O     . ALA A 1 9   ? -10.313 -2.550  2.304   1.00 29.44  ?  10  ALA A O     1 
ATOM   73  C CB    . ALA A 1 9   ? -11.256 -5.208  0.530   1.00 27.35  ?  10  ALA A CB    1 
ATOM   74  N N     . VAL A 1 10  ? -11.349 -2.089  0.352   1.00 28.15  ?  11  VAL A N     1 
ATOM   75  C CA    . VAL A 1 10  ? -10.657 -0.811  0.192   1.00 27.34  ?  11  VAL A CA    1 
ATOM   76  C C     . VAL A 1 10  ? -10.992 0.132   1.337   1.00 35.68  ?  11  VAL A C     1 
ATOM   77  O O     . VAL A 1 10  ? -10.105 0.782   1.884   1.00 31.02  ?  11  VAL A O     1 
ATOM   78  C CB    . VAL A 1 10  ? -10.973 -0.191  -1.182  1.00 26.12  ?  11  VAL A CB    1 
ATOM   79  C CG1   . VAL A 1 10  ? -10.536 1.283   -1.244  1.00 33.62  ?  11  VAL A CG1   1 
ATOM   80  C CG2   . VAL A 1 10  ? -10.323 -0.983  -2.265  1.00 30.63  ?  11  VAL A CG2   1 
ATOM   81  N N     . GLU A 1 11  ? -12.261 0.193   1.760   1.00 31.80  ?  12  GLU A N     1 
ATOM   82  C CA    . GLU A 1 11  ? -12.586 1.103   2.865   1.00 31.65  ?  12  GLU A CA    1 
ATOM   83  C C     . GLU A 1 11  ? -11.916 0.672   4.164   1.00 32.22  ?  12  GLU A C     1 
ATOM   84  O O     . GLU A 1 11  ? -11.517 1.520   4.966   1.00 34.83  ?  12  GLU A O     1 
ATOM   85  C CB    . GLU A 1 11  ? -14.097 1.223   3.046   1.00 37.90  ?  12  GLU A CB    1 
ATOM   86  C CG    . GLU A 1 11  ? -14.775 2.063   1.957   1.00 44.40  ?  12  GLU A CG    1 
ATOM   87  C CD    . GLU A 1 11  ? -13.969 3.312   1.554   1.00 53.16  ?  12  GLU A CD    1 
ATOM   88  O OE1   . GLU A 1 11  ? -14.017 4.314   2.303   1.00 49.81  ?  12  GLU A OE1   1 
ATOM   89  O OE2   . GLU A 1 11  ? -13.343 3.322   0.454   1.00 43.29  -1 12  GLU A OE2   1 
ATOM   90  N N     . ALA A 1 12  ? -11.746 -0.637  4.363   1.00 27.60  ?  13  ALA A N     1 
ATOM   91  C CA    . ALA A 1 12  ? -11.000 -1.139  5.513   1.00 28.54  ?  13  ALA A CA    1 
ATOM   92  C C     . ALA A 1 12  ? -9.509  -0.834  5.391   1.00 36.28  ?  13  ALA A C     1 
ATOM   93  O O     . ALA A 1 12  ? -8.849  -0.517  6.387   1.00 33.32  ?  13  ALA A O     1 
ATOM   94  C CB    . ALA A 1 12  ? -11.235 -2.640  5.644   1.00 29.39  ?  13  ALA A CB    1 
ATOM   95  N N     . LEU A 1 13  ? -8.961  -0.927  4.172   1.00 31.50  ?  14  LEU A N     1 
ATOM   96  C CA    . LEU A 1 13  ? -7.549  -0.607  3.978   1.00 29.09  ?  14  LEU A CA    1 
ATOM   97  C C     . LEU A 1 13  ? -7.259  0.843   4.332   1.00 33.67  ?  14  LEU A C     1 
ATOM   98  O O     . LEU A 1 13  ? -6.217  1.154   4.934   1.00 33.76  ?  14  LEU A O     1 
ATOM   99  C CB    . LEU A 1 13  ? -7.145  -0.875  2.531   1.00 28.27  ?  14  LEU A CB    1 
ATOM   100 C CG    . LEU A 1 13  ? -6.912  -2.323  2.104   1.00 23.55  ?  14  LEU A CG    1 
ATOM   101 C CD1   . LEU A 1 13  ? -6.894  -2.415  0.603   1.00 24.20  ?  14  LEU A CD1   1 
ATOM   102 C CD2   . LEU A 1 13  ? -5.595  -2.724  2.655   1.00 28.64  ?  14  LEU A CD2   1 
ATOM   103 N N     . LYS A 1 14  ? -8.140  1.755   3.916   1.00 38.16  ?  15  LYS A N     1 
ATOM   104 C CA    . LYS A 1 14  ? -7.950  3.151   4.283   1.00 34.64  ?  15  LYS A CA    1 
ATOM   105 C C     . LYS A 1 14  ? -8.028  3.354   5.782   1.00 41.49  ?  15  LYS A C     1 
ATOM   106 O O     . LYS A 1 14  ? -7.559  4.386   6.283   1.00 40.02  ?  15  LYS A O     1 
ATOM   107 C CB    . LYS A 1 14  ? -8.995  4.027   3.594   1.00 34.14  ?  15  LYS A CB    1 
ATOM   108 C CG    . LYS A 1 14  ? -8.876  4.099   2.109   1.00 36.51  ?  15  LYS A CG    1 
ATOM   109 C CD    . LYS A 1 14  ? -9.992  4.978   1.570   1.00 39.72  ?  15  LYS A CD    1 
ATOM   110 C CE    . LYS A 1 14  ? -10.231 4.762   0.093   1.00 40.78  ?  15  LYS A CE    1 
ATOM   111 N NZ    . LYS A 1 14  ? -11.442 5.529   -0.351  1.00 39.39  ?  15  LYS A NZ    1 
ATOM   112 N N     . LYS A 1 15  ? -8.596  2.401   6.518   1.00 39.85  ?  16  LYS A N     1 
ATOM   113 C CA    . LYS A 1 15  ? -8.649  2.537   7.969   1.00 43.93  ?  16  LYS A CA    1 
ATOM   114 C C     . LYS A 1 15  ? -7.463  1.892   8.634   1.00 49.68  ?  16  LYS A C     1 
ATOM   115 O O     . LYS A 1 15  ? -7.524  1.600   9.829   1.00 45.50  ?  16  LYS A O     1 
ATOM   116 C CB    . LYS A 1 15  ? -9.907  1.897   8.545   1.00 44.37  ?  16  LYS A CB    1 
ATOM   117 C CG    . LYS A 1 15  ? -11.244 2.587   8.177   1.00 48.68  ?  16  LYS A CG    1 
ATOM   118 C CD    . LYS A 1 15  ? -12.402 1.829   8.860   1.00 52.41  ?  16  LYS A CD    1 
ATOM   119 C CE    . LYS A 1 15  ? -13.759 2.371   8.587   1.00 63.46  ?  16  LYS A CE    1 
ATOM   120 N NZ    . LYS A 1 15  ? -14.781 1.582   9.276   1.00 71.39  ?  16  LYS A NZ    1 
ATOM   121 N N     . GLY A 1 16  ? -6.414  1.587   7.873   1.00 37.23  ?  17  GLY A N     1 
ATOM   122 C CA    . GLY A 1 16  ? -5.249  0.900   8.397   1.00 40.12  ?  17  GLY A CA    1 
ATOM   123 C C     . GLY A 1 16  ? -5.472  -0.549  8.763   1.00 37.86  ?  17  GLY A C     1 
ATOM   124 O O     . GLY A 1 16  ? -4.707  -1.091  9.563   1.00 39.65  ?  17  GLY A O     1 
ATOM   125 N N     . LYS A 1 17  ? -6.503  -1.192  8.213   1.00 40.65  ?  18  LYS A N     1 
ATOM   126 C CA    . LYS A 1 17  ? -6.755  -2.605  8.456   1.00 34.01  ?  18  LYS A CA    1 
ATOM   127 C C     . LYS A 1 17  ? -6.027  -3.474  7.421   1.00 34.08  ?  18  LYS A C     1 
ATOM   128 O O     . LYS A 1 17  ? -5.600  -2.998  6.372   1.00 31.91  ?  18  LYS A O     1 
ATOM   129 C CB    . LYS A 1 17  ? -8.253  -2.888  8.429   1.00 37.08  ?  18  LYS A CB    1 
ATOM   130 C CG    . LYS A 1 17  ? -9.028  -2.072  9.438   1.00 43.26  ?  18  LYS A CG    1 
ATOM   131 C CD    . LYS A 1 17  ? -9.433  -2.970  10.588  1.00 59.79  ?  18  LYS A CD    1 
ATOM   132 C CE    . LYS A 1 17  ? -10.421 -2.293  11.528  1.00 61.05  ?  18  LYS A CE    1 
ATOM   133 N NZ    . LYS A 1 17  ? -10.559 -3.067  12.803  1.00 63.12  ?  18  LYS A NZ    1 
ATOM   134 N N     . ARG A 1 18  ? -5.859  -4.751  7.746   1.00 29.24  ?  19  ARG A N     1 
ATOM   135 C CA    . ARG A 1 18  ? -5.276  -5.725  6.822   1.00 32.63  ?  19  ARG A CA    1 
ATOM   136 C C     . ARG A 1 18  ? -6.396  -6.578  6.245   1.00 34.77  ?  19  ARG A C     1 
ATOM   137 O O     . ARG A 1 18  ? -7.297  -7.004  6.971   1.00 33.96  ?  19  ARG A O     1 
ATOM   138 C CB    . ARG A 1 18  ? -4.263  -6.637  7.518   1.00 39.43  ?  19  ARG A CB    1 
ATOM   139 C CG    . ARG A 1 18  ? -3.126  -5.917  8.247   1.00 30.59  ?  19  ARG A CG    1 
ATOM   140 C CD    . ARG A 1 18  ? -2.279  -6.944  9.014   1.00 33.50  ?  19  ARG A CD    1 
ATOM   141 N NE    . ARG A 1 18  ? -3.034  -7.528  10.119  1.00 44.68  ?  19  ARG A NE    1 
ATOM   142 C CZ    . ARG A 1 18  ? -2.825  -8.747  10.604  1.00 41.18  ?  19  ARG A CZ    1 
ATOM   143 N NH1   . ARG A 1 18  ? -1.886  -9.519  10.072  1.00 45.44  ?  19  ARG A NH1   1 
ATOM   144 N NH2   . ARG A 1 18  ? -3.567  -9.196  11.613  1.00 48.71  ?  19  ARG A NH2   1 
ATOM   145 N N     . VAL A 1 19  ? -6.354  -6.826  4.935   1.00 31.53  ?  20  VAL A N     1 
ATOM   146 C CA    . VAL A 1 19  ? -7.429  -7.540  4.263   1.00 29.79  ?  20  VAL A CA    1 
ATOM   147 C C     . VAL A 1 19  ? -6.841  -8.601  3.348   1.00 32.29  ?  20  VAL A C     1 
ATOM   148 O O     . VAL A 1 19  ? -5.676  -8.539  2.949   1.00 28.74  ?  20  VAL A O     1 
ATOM   149 C CB    . VAL A 1 19  ? -8.360  -6.597  3.460   1.00 28.65  ?  20  VAL A CB    1 
ATOM   150 C CG1   . VAL A 1 19  ? -8.937  -5.538  4.375   1.00 30.32  ?  20  VAL A CG1   1 
ATOM   151 C CG2   . VAL A 1 19  ? -7.587  -5.923  2.322   1.00 26.83  ?  20  VAL A CG2   1 
ATOM   152 N N     . ALA A 1 20  ? -7.669  -9.585  3.016   1.00 27.00  ?  21  ALA A N     1 
ATOM   153 C CA    . ALA A 1 20  ? -7.218  -10.698 2.197   1.00 28.89  ?  21  ALA A CA    1 
ATOM   154 C C     . ALA A 1 20  ? -8.419  -11.337 1.517   1.00 30.37  ?  21  ALA A C     1 
ATOM   155 O O     . ALA A 1 20  ? -9.564  -11.094 1.904   1.00 30.80  ?  21  ALA A O     1 
ATOM   156 C CB    . ALA A 1 20  ? -6.463  -11.731 3.046   1.00 34.63  ?  21  ALA A CB    1 
ATOM   157 N N     . ARG A 1 21  ? -8.141  -12.183 0.524   1.00 32.36  ?  22  ARG A N     1 
ATOM   158 C CA    . ARG A 1 21  ? -9.162  -12.946 -0.192  1.00 30.20  ?  22  ARG A CA    1 
ATOM   159 C C     . ARG A 1 21  ? -9.136  -14.404 0.260   1.00 41.87  ?  22  ARG A C     1 
ATOM   160 O O     . ARG A 1 21  ? -8.062  -15.000 0.382   1.00 38.77  ?  22  ARG A O     1 
ATOM   161 C CB    . ARG A 1 21  ? -8.953  -12.840 -1.699  1.00 29.15  ?  22  ARG A CB    1 
ATOM   162 C CG    . ARG A 1 21  ? -9.491  -11.549 -2.289  1.00 28.03  ?  22  ARG A CG    1 
ATOM   163 C CD    . ARG A 1 21  ? -9.392  -11.573 -3.798  1.00 29.99  ?  22  ARG A CD    1 
ATOM   164 N NE    . ARG A 1 21  ? -10.166 -12.706 -4.287  1.00 30.26  ?  22  ARG A NE    1 
ATOM   165 C CZ    . ARG A 1 21  ? -9.896  -13.384 -5.389  1.00 34.18  ?  22  ARG A CZ    1 
ATOM   166 N NH1   . ARG A 1 21  ? -8.844  -13.054 -6.145  1.00 33.88  ?  22  ARG A NH1   1 
ATOM   167 N NH2   . ARG A 1 21  ? -10.655 -14.435 -5.706  1.00 37.69  ?  22  ARG A NH2   1 
ATOM   168 N N     . GLN A 1 22  ? -10.323 -14.966 0.529   1.00 37.95  ?  23  GLN A N     1 
ATOM   169 C CA    . GLN A 1 22  ? -10.454 -16.408 0.764   1.00 38.95  ?  23  GLN A CA    1 
ATOM   170 C C     . GLN A 1 22  ? -9.736  -17.225 -0.300  1.00 42.09  ?  23  GLN A C     1 
ATOM   171 O O     . GLN A 1 22  ? -9.133  -18.259 0.005   1.00 52.10  ?  23  GLN A O     1 
ATOM   172 C CB    . GLN A 1 22  ? -11.939 -16.798 0.780   1.00 46.91  ?  23  GLN A CB    1 
ATOM   173 C CG    . GLN A 1 22  ? -12.795 -16.281 1.934   1.00 56.96  ?  23  GLN A CG    1 
ATOM   174 C CD    . GLN A 1 22  ? -12.415 -16.868 3.277   1.00 65.79  ?  23  GLN A CD    1 
ATOM   175 O OE1   . GLN A 1 22  ? -11.842 -16.197 4.134   1.00 70.20  ?  23  GLN A OE1   1 
ATOM   176 N NE2   . GLN A 1 22  ? -12.781 -18.125 3.483   1.00 73.91  ?  23  GLN A NE2   1 
ATOM   177 N N     . GLY A 1 23  ? -9.821  -16.794 -1.563  1.00 41.82  ?  24  GLY A N     1 
ATOM   178 C CA    . GLY A 1 23  ? -9.264  -17.547 -2.674  1.00 49.39  ?  24  GLY A CA    1 
ATOM   179 C C     . GLY A 1 23  ? -7.755  -17.601 -2.672  1.00 65.45  ?  24  GLY A C     1 
ATOM   180 O O     . GLY A 1 23  ? -7.169  -18.382 -3.429  1.00 70.89  ?  24  GLY A O     1 
ATOM   181 N N     . TRP A 1 24  ? -7.118  -16.764 -1.860  1.00 58.55  ?  25  TRP A N     1 
ATOM   182 C CA    . TRP A 1 24  ? -5.704  -16.902 -1.533  1.00 66.26  ?  25  TRP A CA    1 
ATOM   183 C C     . TRP A 1 24  ? -5.686  -17.870 -0.357  1.00 77.62  ?  25  TRP A C     1 
ATOM   184 O O     . TRP A 1 24  ? -6.004  -17.481 0.773   1.00 82.41  ?  25  TRP A O     1 
ATOM   185 C CB    . TRP A 1 24  ? -5.114  -15.579 -1.064  1.00 53.47  ?  25  TRP A CB    1 
ATOM   186 C CG    . TRP A 1 24  ? -5.281  -14.432 -1.955  1.00 45.43  ?  25  TRP A CG    1 
ATOM   187 C CD1   . TRP A 1 24  ? -5.650  -14.425 -3.270  1.00 48.26  ?  25  TRP A CD1   1 
ATOM   188 C CD2   . TRP A 1 24  ? -5.147  -13.073 -1.559  1.00 38.93  ?  25  TRP A CD2   1 
ATOM   189 N NE1   . TRP A 1 24  ? -5.742  -13.125 -3.721  1.00 39.82  ?  25  TRP A NE1   1 
ATOM   190 C CE2   . TRP A 1 24  ? -5.429  -12.280 -2.685  1.00 40.03  ?  25  TRP A CE2   1 
ATOM   191 C CE3   . TRP A 1 24  ? -4.795  -12.446 -0.359  1.00 37.38  ?  25  TRP A CE3   1 
ATOM   192 C CZ2   . TRP A 1 24  ? -5.369  -10.890 -2.644  1.00 31.65  ?  25  TRP A CZ2   1 
ATOM   193 C CZ3   . TRP A 1 24  ? -4.743  -11.076 -0.318  1.00 36.39  ?  25  TRP A CZ3   1 
ATOM   194 C CH2   . TRP A 1 24  ? -5.026  -10.307 -1.448  1.00 31.78  ?  25  TRP A CH2   1 
ATOM   195 N N     . ASN A 1 25  ? -5.345  -19.123 -0.604  1.00 81.83  ?  26  ASN A N     1 
ATOM   196 C CA    . ASN A 1 25  ? -5.705  -20.173 0.348   1.00 88.67  ?  26  ASN A CA    1 
ATOM   197 C C     . ASN A 1 25  ? -4.609  -20.355 1.397   1.00 87.99  ?  26  ASN A C     1 
ATOM   198 O O     . ASN A 1 25  ? -3.569  -20.966 1.131   1.00 95.55  ?  26  ASN A O     1 
ATOM   199 C CB    . ASN A 1 25  ? -6.018  -21.456 -0.409  1.00 94.91  ?  26  ASN A CB    1 
ATOM   200 C CG    . ASN A 1 25  ? -6.984  -21.216 -1.562  1.00 92.59  ?  26  ASN A CG    1 
ATOM   201 O OD1   . ASN A 1 25  ? -6.587  -21.212 -2.731  1.00 97.55  ?  26  ASN A OD1   1 
ATOM   202 N ND2   . ASN A 1 25  ? -8.262  -20.992 -1.231  1.00 81.36  ?  26  ASN A ND2   1 
ATOM   203 N N     . GLY A 1 26  ? -4.856  -19.815 2.597   1.00 73.42  ?  27  GLY A N     1 
ATOM   204 C CA    . GLY A 1 26  ? -4.033  -20.033 3.772   1.00 64.94  ?  27  GLY A CA    1 
ATOM   205 C C     . GLY A 1 26  ? -2.541  -19.827 3.585   1.00 75.24  ?  27  GLY A C     1 
ATOM   206 O O     . GLY A 1 26  ? -1.740  -20.502 4.241   1.00 71.19  ?  27  GLY A O     1 
ATOM   207 N N     . LYS A 1 27  ? -2.148  -18.920 2.690   1.00 69.59  ?  28  LYS A N     1 
ATOM   208 C CA    . LYS A 1 27  ? -0.738  -18.625 2.480   1.00 48.88  ?  28  LYS A CA    1 
ATOM   209 C C     . LYS A 1 27  ? -0.269  -17.430 3.314   1.00 53.87  ?  28  LYS A C     1 
ATOM   210 O O     . LYS A 1 27  ? 0.830   -16.911 3.075   1.00 53.62  ?  28  LYS A O     1 
ATOM   211 C CB    . LYS A 1 27  ? -0.445  -18.393 0.988   1.00 56.66  ?  28  LYS A CB    1 
ATOM   212 C CG    . LYS A 1 27  ? -0.694  -19.638 0.116   1.00 60.95  ?  28  LYS A CG    1 
ATOM   213 C CD    . LYS A 1 27  ? -0.328  -19.499 -1.379  1.00 64.70  ?  28  LYS A CD    1 
ATOM   214 C CE    . LYS A 1 27  ? -1.268  -18.588 -2.163  1.00 69.30  ?  28  LYS A CE    1 
ATOM   215 N NZ    . LYS A 1 27  ? -2.645  -19.092 -2.311  1.00 75.35  ?  28  LYS A NZ    1 
ATOM   216 N N     . GLY A 1 28  ? -1.064  -16.994 4.297   1.00 48.89  ?  29  GLY A N     1 
ATOM   217 C CA    . GLY A 1 28  ? -0.675  -15.901 5.176   1.00 37.68  ?  29  GLY A CA    1 
ATOM   218 C C     . GLY A 1 28  ? -0.627  -14.528 4.536   1.00 43.29  ?  29  GLY A C     1 
ATOM   219 O O     . GLY A 1 28  ? -0.283  -13.563 5.223   1.00 43.06  ?  29  GLY A O     1 
ATOM   220 N N     . MET A 1 29  ? -0.975  -14.403 3.257   1.00 42.93  ?  30  MET A N     1 
ATOM   221 C CA    . MET A 1 29  ? -0.915  -13.120 2.564   1.00 34.70  ?  30  MET A CA    1 
ATOM   222 C C     . MET A 1 29  ? -1.991  -12.158 3.046   1.00 34.45  ?  30  MET A C     1 
ATOM   223 O O     . MET A 1 29  ? -3.095  -12.562 3.417   1.00 34.87  ?  30  MET A O     1 
ATOM   224 C CB    . MET A 1 29  ? -1.085  -13.315 1.061   1.00 33.82  ?  30  MET A CB    1 
ATOM   225 C CG    . MET A 1 29  ? -0.329  -14.459 0.468   1.00 44.45  ?  30  MET A CG    1 
ATOM   226 S SD    . MET A 1 29  ? -1.053  -14.843 -1.137  1.00 55.35  ?  30  MET A SD    1 
ATOM   227 C CE    . MET A 1 29  ? -0.586  -13.384 -2.063  1.00 46.89  ?  30  MET A CE    1 
ATOM   228 N N     . PHE A 1 30  ? -1.651  -10.868 3.030   1.00 30.17  ?  31  PHE A N     1 
ATOM   229 C CA    . PHE A 1 30  ? -2.638  -9.812  3.223   1.00 26.35  ?  31  PHE A CA    1 
ATOM   230 C C     . PHE A 1 30  ? -2.167  -8.527  2.546   1.00 30.02  ?  31  PHE A C     1 
ATOM   231 O O     . PHE A 1 30  ? -0.986  -8.363  2.212   1.00 26.42  ?  31  PHE A O     1 
ATOM   232 C CB    . PHE A 1 30  ? -2.934  -9.578  4.719   1.00 24.74  ?  31  PHE A CB    1 
ATOM   233 C CG    . PHE A 1 30  ? -1.731  -9.148  5.535   1.00 28.15  ?  31  PHE A CG    1 
ATOM   234 C CD1   . PHE A 1 30  ? -1.311  -7.824  5.558   1.00 28.38  ?  31  PHE A CD1   1 
ATOM   235 C CD2   . PHE A 1 30  ? -1.031  -10.076 6.296   1.00 30.75  ?  31  PHE A CD2   1 
ATOM   236 C CE1   . PHE A 1 30  ? -0.206  -7.436  6.293   1.00 32.71  ?  31  PHE A CE1   1 
ATOM   237 C CE2   . PHE A 1 30  ? 0.072   -9.683  7.057   1.00 32.60  ?  31  PHE A CE2   1 
ATOM   238 C CZ    . PHE A 1 30  ? 0.472   -8.369  7.063   1.00 32.95  ?  31  PHE A CZ    1 
ATOM   239 N N     . ILE A 1 31  ? -3.121  -7.613  2.340   1.00 26.79  ?  32  ILE A N     1 
ATOM   240 C CA    . ILE A 1 31  ? -2.890  -6.282  1.793   1.00 24.94  ?  32  ILE A CA    1 
ATOM   241 C C     . ILE A 1 31  ? -3.028  -5.284  2.925   1.00 23.45  ?  32  ILE A C     1 
ATOM   242 O O     . ILE A 1 31  ? -3.880  -5.449  3.813   1.00 27.25  ?  32  ILE A O     1 
ATOM   243 C CB    . ILE A 1 31  ? -3.916  -5.918  0.696   1.00 25.40  ?  32  ILE A CB    1 
ATOM   244 C CG1   . ILE A 1 31  ? -4.044  -7.066  -0.294  1.00 32.27  ?  32  ILE A CG1   1 
ATOM   245 C CG2   . ILE A 1 31  ? -3.548  -4.580  -0.008  1.00 25.19  ?  32  ILE A CG2   1 
ATOM   246 C CD1   . ILE A 1 31  ? -2.757  -7.389  -0.908  1.00 29.77  ?  32  ILE A CD1   1 
ATOM   247 N N     . PHE A 1 32  ? -2.259  -4.203  2.847   1.00 25.42  ?  33  PHE A N     1 
ATOM   248 C CA    . PHE A 1 32  ? -2.388  -3.105  3.802   1.00 23.75  ?  33  PHE A CA    1 
ATOM   249 C C     . PHE A 1 32  ? -2.062  -1.799  3.093   1.00 27.44  ?  33  PHE A C     1 
ATOM   250 O O     . PHE A 1 32  ? -1.508  -1.788  1.993   1.00 25.57  ?  33  PHE A O     1 
ATOM   251 C CB    . PHE A 1 32  ? -1.509  -3.342  5.033   1.00 24.22  ?  33  PHE A CB    1 
ATOM   252 C CG    . PHE A 1 32  ? -0.039  -3.367  4.739   1.00 23.75  ?  33  PHE A CG    1 
ATOM   253 C CD1   . PHE A 1 32  ? 0.561   -4.526  4.283   1.00 27.87  ?  33  PHE A CD1   1 
ATOM   254 C CD2   . PHE A 1 32  ? 0.735   -2.258  4.974   1.00 23.15  ?  33  PHE A CD2   1 
ATOM   255 C CE1   . PHE A 1 32  ? 1.908   -4.562  4.048   1.00 25.11  ?  33  PHE A CE1   1 
ATOM   256 C CE2   . PHE A 1 32  ? 2.118   -2.260  4.721   1.00 27.64  ?  33  PHE A CE2   1 
ATOM   257 C CZ    . PHE A 1 32  ? 2.703   -3.423  4.260   1.00 26.18  ?  33  PHE A CZ    1 
ATOM   258 N N     . GLN A 1 33  ? -2.403  -0.679  3.718   1.00 26.78  ?  34  GLN A N     1 
ATOM   259 C CA    . GLN A 1 33  ? -2.085  0.601   3.113   1.00 21.28  ?  34  GLN A CA    1 
ATOM   260 C C     . GLN A 1 33  ? -0.962  1.258   3.883   1.00 26.47  ?  34  GLN A C     1 
ATOM   261 O O     . GLN A 1 33  ? -0.941  1.218   5.120   1.00 28.14  ?  34  GLN A O     1 
ATOM   262 C CB    . GLN A 1 33  ? -3.318  1.515   3.096   1.00 31.41  ?  34  GLN A CB    1 
ATOM   263 C CG    . GLN A 1 33  ? -3.039  2.877   2.538   1.00 27.77  ?  34  GLN A CG    1 
ATOM   264 C CD    . GLN A 1 33  ? -4.147  3.833   2.869   1.00 35.80  ?  34  GLN A CD    1 
ATOM   265 O OE1   . GLN A 1 33  ? -4.808  4.364   1.973   1.00 35.67  ?  34  GLN A OE1   1 
ATOM   266 N NE2   . GLN A 1 33  ? -4.356  4.066   4.154   1.00 38.91  ?  34  GLN A NE2   1 
ATOM   267 N N     . ARG A 1 34  ? -0.017  1.840   3.148   1.00 27.03  ?  35  ARG A N     1 
ATOM   268 C CA    . ARG A 1 34  ? 0.972   2.685   3.798   1.00 27.58  ?  35  ARG A CA    1 
ATOM   269 C C     . ARG A 1 34  ? 0.579   4.141   3.635   1.00 27.04  ?  35  ARG A C     1 
ATOM   270 O O     . ARG A 1 34  ? 0.175   4.568   2.535   1.00 26.06  ?  35  ARG A O     1 
ATOM   271 C CB    . ARG A 1 34  ? 2.377   2.432   3.244   1.00 24.81  ?  35  ARG A CB    1 
ATOM   272 C CG    . ARG A 1 34  ? 2.928   1.065   3.664   1.00 26.60  ?  35  ARG A CG    1 
ATOM   273 C CD    . ARG A 1 34  ? 4.314   0.809   3.087   1.00 26.33  ?  35  ARG A CD    1 
ATOM   274 N NE    . ARG A 1 34  ? 5.355   1.413   3.926   1.00 23.91  ?  35  ARG A NE    1 
ATOM   275 C CZ    . ARG A 1 34  ? 6.658   1.188   3.764   1.00 25.73  ?  35  ARG A CZ    1 
ATOM   276 N NH1   . ARG A 1 34  ? 7.053   0.365   2.807   1.00 27.00  ?  35  ARG A NH1   1 
ATOM   277 N NH2   . ARG A 1 34  ? 7.564   1.746   4.578   1.00 27.04  ?  35  ARG A NH2   1 
ATOM   278 N N     . PRO A 1 35  ? 0.644   4.912   4.717   1.00 29.10  ?  36  PRO A N     1 
ATOM   279 C CA    . PRO A 1 35  ? 0.162   6.291   4.677   1.00 31.42  ?  36  PRO A CA    1 
ATOM   280 C C     . PRO A 1 35  ? 1.001   7.164   3.766   1.00 27.68  ?  36  PRO A C     1 
ATOM   281 O O     . PRO A 1 35  ? 2.188   6.923   3.533   1.00 27.02  ?  36  PRO A O     1 
ATOM   282 C CB    . PRO A 1 35  ? 0.315   6.738   6.131   1.00 31.36  ?  36  PRO A CB    1 
ATOM   283 C CG    . PRO A 1 35  ? 1.599   6.019   6.541   1.00 35.75  ?  36  PRO A CG    1 
ATOM   284 C CD    . PRO A 1 35  ? 1.404   4.635   5.945   1.00 31.38  ?  36  PRO A CD    1 
ATOM   285 N N     . GLY A 1 36  ? 0.364   8.227   3.279   1.00 29.34  ?  37  GLY A N     1 
ATOM   286 C CA    . GLY A 1 36  ? 1.120   9.263   2.620   1.00 31.67  ?  37  GLY A CA    1 
ATOM   287 C C     . GLY A 1 36  ? 1.736   10.232  3.614   1.00 36.07  ?  37  GLY A C     1 
ATOM   288 O O     . GLY A 1 36  ? 1.436   10.224  4.815   1.00 30.93  ?  37  GLY A O     1 
ATOM   289 N N     . ASP A 1 37  ? 2.623   11.079  3.096   1.00 28.10  ?  38  ASP A N     1 
ATOM   290 C CA    . ASP A 1 37  ? 3.202   12.164  3.889   1.00 35.26  ?  38  ASP A CA    1 
ATOM   291 C C     . ASP A 1 37  ? 3.662   13.267  2.959   1.00 34.70  ?  38  ASP A C     1 
ATOM   292 O O     . ASP A 1 37  ? 3.870   13.041  1.772   1.00 33.17  ?  38  ASP A O     1 
ATOM   293 C CB    . ASP A 1 37  ? 4.392   11.697  4.736   1.00 35.18  ?  38  ASP A CB    1 
ATOM   294 C CG    . ASP A 1 37  ? 4.691   12.648  5.912   1.00 48.12  ?  38  ASP A CG    1 
ATOM   295 O OD1   . ASP A 1 37  ? 3.940   13.646  6.107   1.00 42.77  ?  38  ASP A OD1   1 
ATOM   296 O OD2   . ASP A 1 37  ? 5.710   12.419  6.616   1.00 45.95  -1 38  ASP A OD2   1 
ATOM   297 N N     . GLU A 1 38  ? 3.820   14.473  3.507   1.00 31.18  ?  39  GLU A N     1 
ATOM   298 C CA    . GLU A 1 38  ? 4.458   15.557  2.777   1.00 32.03  ?  39  GLU A CA    1 
ATOM   299 C C     . GLU A 1 38  ? 5.805   15.798  3.436   1.00 43.13  ?  39  GLU A C     1 
ATOM   300 O O     . GLU A 1 38  ? 5.863   16.057  4.644   1.00 41.38  ?  39  GLU A O     1 
ATOM   301 C CB    . GLU A 1 38  ? 3.605   16.826  2.778   1.00 48.91  ?  39  GLU A CB    1 
ATOM   302 C CG    . GLU A 1 38  ? 4.025   17.836  1.711   1.00 47.34  ?  39  GLU A CG    1 
ATOM   303 C CD    . GLU A 1 38  ? 3.310   19.188  1.807   1.00 69.03  ?  39  GLU A CD    1 
ATOM   304 O OE1   . GLU A 1 38  ? 3.195   19.870  0.762   1.00 70.95  ?  39  GLU A OE1   1 
ATOM   305 O OE2   . GLU A 1 38  ? 2.899   19.588  2.919   1.00 72.32  -1 39  GLU A OE2   1 
ATOM   306 N N     . LEU A 1 39  ? 6.885   15.674  2.662   1.00 33.77  ?  40  LEU A N     1 
ATOM   307 C CA    . LEU A 1 39  ? 8.242   15.822  3.183   1.00 37.17  ?  40  LEU A CA    1 
ATOM   308 C C     . LEU A 1 39  ? 8.752   17.236  2.932   1.00 42.04  ?  40  LEU A C     1 
ATOM   309 O O     . LEU A 1 39  ? 8.736   17.707  1.791   1.00 36.83  ?  40  LEU A O     1 
ATOM   310 C CB    . LEU A 1 39  ? 9.190   14.803  2.544   1.00 31.56  ?  40  LEU A CB    1 
ATOM   311 C CG    . LEU A 1 39  ? 8.723   13.353  2.654   1.00 36.67  ?  40  LEU A CG    1 
ATOM   312 C CD1   . LEU A 1 39  ? 9.850   12.398  2.221   1.00 31.12  ?  40  LEU A CD1   1 
ATOM   313 C CD2   . LEU A 1 39  ? 8.251   13.025  4.063   1.00 37.26  ?  40  LEU A CD2   1 
ATOM   314 N N     . SER A 1 40  ? 9.199   17.916  3.991   1.00 42.16  ?  41  SER A N     1 
ATOM   315 C CA    . SER A 1 40  ? 9.669   19.287  3.818   1.00 43.23  ?  41  SER A CA    1 
ATOM   316 C C     . SER A 1 40  ? 10.894  19.326  2.906   1.00 41.24  ?  41  SER A C     1 
ATOM   317 O O     . SER A 1 40  ? 11.713  18.400  2.882   1.00 38.38  ?  41  SER A O     1 
ATOM   318 C CB    . SER A 1 40  ? 9.988   19.930  5.175   1.00 54.08  ?  41  SER A CB    1 
ATOM   319 O OG    . SER A 1 40  ? 11.085  19.298  5.810   1.00 59.03  ?  41  SER A OG    1 
ATOM   320 N N     . LYS A 1 41  ? 11.086  20.397  2.181   1.00 41.34  ?  42  LYS A N     1 
ATOM   321 C CA    . LYS A 1 41  ? 12.267  20.538  1.373   1.00 40.87  ?  42  LYS A CA    1 
ATOM   322 C C     . LYS A 1 41  ? 13.559  20.412  2.135   1.00 45.58  ?  42  LYS A C     1 
ATOM   323 O O     . LYS A 1 41  ? 14.551  20.080  1.582   1.00 41.98  ?  42  LYS A O     1 
ATOM   324 C CB    . LYS A 1 41  ? 12.279  21.898  0.734   1.00 48.75  ?  42  LYS A CB    1 
ATOM   325 C CG    . LYS A 1 41  ? 11.834  23.033  1.631   1.00 54.94  ?  42  LYS A CG    1 
ATOM   326 C CD    . LYS A 1 41  ? 12.046  24.358  0.943   1.00 60.59  ?  42  LYS A CD    1 
ATOM   327 C CE    . LYS A 1 41  ? 12.462  25.429  1.927   1.00 69.92  ?  42  LYS A CE    1 
ATOM   328 N NZ    . LYS A 1 41  ? 13.121  26.554  1.210   1.00 76.59  ?  42  LYS A NZ    1 
ATOM   329 N N     . THR A 1 42  ? 13.546  20.791  3.383   1.00 49.54  ?  43  THR A N     1 
ATOM   330 C CA    . THR A 1 42  ? 14.705  20.666  4.234   1.00 52.62  ?  43  THR A CA    1 
ATOM   331 C C     . THR A 1 42  ? 15.013  19.203  4.547   1.00 55.70  ?  43  THR A C     1 
ATOM   332 O O     . THR A 1 42  ? 16.164  18.851  4.610   1.00 49.25  ?  43  THR A O     1 
ATOM   333 C CB    . THR A 1 42  ? 14.550  21.571  5.475   1.00 44.34  ?  43  THR A CB    1 
ATOM   334 O OG1   . THR A 1 42  ? 13.491  21.086  6.295   1.00 54.15  ?  43  THR A OG1   1 
ATOM   335 C CG2   . THR A 1 42  ? 14.226  22.968  5.048   1.00 43.12  ?  43  THR A CG2   1 
ATOM   336 N N     . PHE A 1 43  ? 13.989  18.386  4.787   1.00 48.96  ?  44  PHE A N     1 
ATOM   337 C CA    . PHE A 1 43  ? 14.123  16.936  5.057   1.00 49.54  ?  44  PHE A CA    1 
ATOM   338 C C     . PHE A 1 43  ? 14.478  16.096  3.879   1.00 47.91  ?  44  PHE A C     1 
ATOM   339 O O     . PHE A 1 43  ? 15.181  15.134  4.000   1.00 41.78  ?  44  PHE A O     1 
ATOM   340 C CB    . PHE A 1 43  ? 12.853  16.396  5.635   1.00 42.97  ?  44  PHE A CB    1 
ATOM   341 C CG    . PHE A 1 43  ? 12.963  15.013  6.151   1.00 45.20  ?  44  PHE A CG    1 
ATOM   342 C CD1   . PHE A 1 43  ? 13.648  14.760  7.315   1.00 46.85  ?  44  PHE A CD1   1 
ATOM   343 C CD2   . PHE A 1 43  ? 12.375  13.963  5.478   1.00 41.36  ?  44  PHE A CD2   1 
ATOM   344 C CE1   . PHE A 1 43  ? 13.761  13.482  7.795   1.00 43.94  ?  44  PHE A CE1   1 
ATOM   345 C CE2   . PHE A 1 43  ? 12.486  12.685  5.952   1.00 38.58  ?  44  PHE A CE2   1 
ATOM   346 C CZ    . PHE A 1 43  ? 13.177  12.442  7.112   1.00 49.30  ?  44  PHE A CZ    1 
ATOM   347 N N     . LEU A 1 44  ? 14.002  16.510  2.721   1.00 45.46  ?  45  LEU A N     1 
ATOM   348 C CA    . LEU A 1 44  ? 14.177  15.720  1.542   1.00 42.48  ?  45  LEU A CA    1 
ATOM   349 C C     . LEU A 1 44  ? 15.589  15.282  1.211   1.00 50.75  ?  45  LEU A C     1 
ATOM   350 O O     . LEU A 1 44  ? 15.778  14.182  0.761   1.00 44.61  ?  45  LEU A O     1 
ATOM   351 C CB    . LEU A 1 44  ? 13.600  16.448  0.353   1.00 44.72  ?  45  LEU A CB    1 
ATOM   352 C CG    . LEU A 1 44  ? 12.551  15.938  -0.605  1.00 58.11  ?  45  LEU A CG    1 
ATOM   353 C CD1   . LEU A 1 44  ? 12.943  16.565  -1.922  1.00 58.26  ?  45  LEU A CD1   1 
ATOM   354 C CD2   . LEU A 1 44  ? 12.550  14.428  -0.719  1.00 66.16  ?  45  LEU A CD2   1 
ATOM   355 N N     . PRO A 1 45  ? 16.589  16.105  1.462   1.00 47.37  ?  46  PRO A N     1 
ATOM   356 C CA    . PRO A 1 45  ? 17.916  15.600  1.175   1.00 49.29  ?  46  PRO A CA    1 
ATOM   357 C C     . PRO A 1 45  ? 18.365  14.384  1.948   1.00 50.66  ?  46  PRO A C     1 
ATOM   358 O O     . PRO A 1 45  ? 19.337  13.782  1.577   1.00 51.53  ?  46  PRO A O     1 
ATOM   359 C CB    . PRO A 1 45  ? 18.760  16.760  1.580   1.00 55.10  ?  46  PRO A CB    1 
ATOM   360 C CG    . PRO A 1 45  ? 18.000  17.931  1.183   1.00 52.46  ?  46  PRO A CG    1 
ATOM   361 C CD    . PRO A 1 45  ? 16.630  17.573  1.596   1.00 48.32  ?  46  PRO A CD    1 
ATOM   362 N N     . ASN A 1 46  ? 17.724  14.088  3.036   1.00 39.92  ?  47  ASN A N     1 
ATOM   363 C CA    . ASN A 1 46  ? 18.085  12.971  3.858   1.00 46.17  ?  47  ASN A CA    1 
ATOM   364 C C     . ASN A 1 46  ? 17.469  11.634  3.457   1.00 38.24  ?  47  ASN A C     1 
ATOM   365 O O     . ASN A 1 46  ? 17.736  10.647  4.078   1.00 41.76  ?  47  ASN A O     1 
ATOM   366 C CB    . ASN A 1 46  ? 17.585  13.261  5.244   1.00 50.33  ?  47  ASN A CB    1 
ATOM   367 C CG    . ASN A 1 46  ? 18.152  14.521  5.823   1.00 62.42  ?  47  ASN A CG    1 
ATOM   368 O OD1   . ASN A 1 46  ? 19.333  14.793  5.693   1.00 64.16  ?  47  ASN A OD1   1 
ATOM   369 N ND2   . ASN A 1 46  ? 17.311  15.289  6.482   1.00 62.14  ?  47  ASN A ND2   1 
ATOM   370 N N     . VAL A 1 47  ? 16.604  11.636  2.464   1.00 40.33  ?  48  VAL A N     1 
ATOM   371 C CA    . VAL A 1 47  ? 15.936  10.428  2.036   1.00 33.09  ?  48  VAL A CA    1 
ATOM   372 C C     . VAL A 1 47  ? 16.846  9.456   1.314   1.00 36.52  ?  48  VAL A C     1 
ATOM   373 O O     . VAL A 1 47  ? 17.425  9.803   0.335   1.00 46.10  ?  48  VAL A O     1 
ATOM   374 C CB    . VAL A 1 47  ? 14.690  10.741  1.204   1.00 32.90  ?  48  VAL A CB    1 
ATOM   375 C CG1   . VAL A 1 47  ? 13.991  9.479   0.756   1.00 32.46  ?  48  VAL A CG1   1 
ATOM   376 C CG2   . VAL A 1 47  ? 13.744  11.567  2.055   1.00 35.60  ?  48  VAL A CG2   1 
ATOM   377 N N     . LYS A 1 48  ? 16.942  8.244   1.833   1.00 32.19  ?  49  LYS A N     1 
ATOM   378 C CA    . LYS A 1 48  ? 17.809  7.220   1.267   1.00 37.47  ?  49  LYS A CA    1 
ATOM   379 C C     . LYS A 1 48  ? 17.157  6.504   0.100   1.00 45.41  ?  49  LYS A C     1 
ATOM   380 O O     . LYS A 1 48  ? 17.850  6.119   -0.847  1.00 36.59  ?  49  LYS A O     1 
ATOM   381 C CB    . LYS A 1 48  ? 18.187  6.215   2.360   1.00 36.62  ?  49  LYS A CB    1 
ATOM   382 C CG    . LYS A 1 48  ? 18.734  6.891   3.611   1.00 37.14  ?  49  LYS A CG    1 
ATOM   383 C CD    . LYS A 1 48  ? 18.964  5.934   4.780   1.00 40.77  ?  49  LYS A CD    1 
ATOM   384 C CE    . LYS A 1 48  ? 17.778  5.992   5.749   1.00 37.28  ?  49  LYS A CE    1 
ATOM   385 N NZ    . LYS A 1 48  ? 17.491  7.370   6.268   1.00 45.31  ?  49  LYS A NZ    1 
ATOM   386 N N     . SER A 1 49  ? 15.831  6.354   0.129   1.00 34.68  ?  50  SER A N     1 
ATOM   387 C CA    . SER A 1 49  ? 15.137  5.440   -0.768  1.00 28.35  ?  50  SER A CA    1 
ATOM   388 C C     . SER A 1 49  ? 14.689  6.085   -2.081  1.00 30.51  ?  50  SER A C     1 
ATOM   389 O O     . SER A 1 49  ? 13.669  5.664   -2.631  1.00 36.57  ?  50  SER A O     1 
ATOM   390 C CB    . SER A 1 49  ? 13.919  4.849   -0.060  1.00 40.85  ?  50  SER A CB    1 
ATOM   391 O OG    . SER A 1 49  ? 13.150  5.908   0.505   1.00 31.77  ?  50  SER A OG    1 
ATOM   392 N N     . LEU A 1 50  ? 15.392  7.091   -2.591  1.00 31.25  ?  51  LEU A N     1 
ATOM   393 C CA    . LEU A 1 50  ? 15.107  7.667   -3.901  1.00 31.16  ?  51  LEU A CA    1 
ATOM   394 C C     . LEU A 1 50  ? 16.349  7.597   -4.758  1.00 42.14  ?  51  LEU A C     1 
ATOM   395 O O     . LEU A 1 50  ? 17.455  7.870   -4.264  1.00 44.75  ?  51  LEU A O     1 
ATOM   396 C CB    . LEU A 1 50  ? 14.666  9.127   -3.773  1.00 36.78  ?  51  LEU A CB    1 
ATOM   397 C CG    . LEU A 1 50  ? 13.319  9.447   -3.146  1.00 38.88  ?  51  LEU A CG    1 
ATOM   398 C CD1   . LEU A 1 50  ? 13.241  10.936  -2.916  1.00 36.34  ?  51  LEU A CD1   1 
ATOM   399 C CD2   . LEU A 1 50  ? 12.183  8.990   -4.077  1.00 29.86  ?  51  LEU A CD2   1 
ATOM   400 N N     . PRO A 1 51  ? 16.233  7.232   -6.040  1.00 35.97  ?  52  PRO A N     1 
ATOM   401 C CA    . PRO A 1 51  ? 17.389  7.321   -6.933  1.00 40.80  ?  52  PRO A CA    1 
ATOM   402 C C     . PRO A 1 51  ? 17.919  8.748   -6.983  1.00 46.18  ?  52  PRO A C     1 
ATOM   403 O O     . PRO A 1 51  ? 17.175  9.721   -6.832  1.00 44.40  ?  52  PRO A O     1 
ATOM   404 C CB    . PRO A 1 51  ? 16.842  6.854   -8.290  1.00 42.94  ?  52  PRO A CB    1 
ATOM   405 C CG    . PRO A 1 51  ? 15.368  6.930   -8.169  1.00 40.30  ?  52  PRO A CG    1 
ATOM   406 C CD    . PRO A 1 51  ? 15.037  6.717   -6.730  1.00 33.68  ?  52  PRO A CD    1 
ATOM   407 N N     . ASP A 1 52  ? 19.234  8.861   -7.179  1.00 49.56  ?  53  ASP A N     1 
ATOM   408 C CA    . ASP A 1 52  ? 19.883  10.168  -7.114  1.00 44.09  ?  53  ASP A CA    1 
ATOM   409 C C     . ASP A 1 52  ? 19.312  11.131  -8.152  1.00 42.66  ?  53  ASP A C     1 
ATOM   410 O O     . ASP A 1 52  ? 19.089  12.312  -7.856  1.00 48.37  ?  53  ASP A O     1 
ATOM   411 C CB    . ASP A 1 52  ? 21.394  9.995   -7.300  1.00 46.52  ?  53  ASP A CB    1 
ATOM   412 C CG    . ASP A 1 52  ? 22.101  9.587   -6.008  1.00 62.84  ?  53  ASP A CG    1 
ATOM   413 O OD1   . ASP A 1 52  ? 21.445  9.532   -4.937  1.00 57.41  ?  53  ASP A OD1   1 
ATOM   414 O OD2   . ASP A 1 52  ? 23.318  9.294   -6.075  1.00 71.69  ?  53  ASP A OD2   1 
ATOM   415 N N     . ALA A 1 53  ? 19.061  10.643  -9.372  1.00 48.89  ?  54  ALA A N     1 
ATOM   416 C CA    . ALA A 1 53  ? 18.475  11.492  -10.408 1.00 48.69  ?  54  ALA A CA    1 
ATOM   417 C C     . ALA A 1 53  ? 17.151  12.091  -9.938  1.00 48.96  ?  54  ALA A C     1 
ATOM   418 O O     . ALA A 1 53  ? 16.899  13.291  -10.099 1.00 47.95  ?  54  ALA A O     1 
ATOM   419 C CB    . ALA A 1 53  ? 18.283  10.687  -11.699 1.00 50.49  ?  54  ALA A CB    1 
ATOM   420 N N     . VAL A 1 54  ? 16.307  11.268  -9.315  1.00 41.38  ?  55  VAL A N     1 
ATOM   421 C CA    . VAL A 1 54  ? 15.033  11.764  -8.809  1.00 39.49  ?  55  VAL A CA    1 
ATOM   422 C C     . VAL A 1 54  ? 15.245  12.688  -7.619  1.00 37.45  ?  55  VAL A C     1 
ATOM   423 O O     . VAL A 1 54  ? 14.594  13.737  -7.509  1.00 37.36  ?  55  VAL A O     1 
ATOM   424 C CB    . VAL A 1 54  ? 14.112  10.583  -8.470  1.00 35.30  ?  55  VAL A CB    1 
ATOM   425 C CG1   . VAL A 1 54  ? 12.766  11.079  -7.950  1.00 34.30  ?  55  VAL A CG1   1 
ATOM   426 C CG2   . VAL A 1 54  ? 13.880  9.793   -9.716  1.00 30.29  ?  55  VAL A CG2   1 
ATOM   427 N N     . LYS A 1 55  ? 16.158  12.333  -6.711  1.00 40.20  ?  56  LYS A N     1 
ATOM   428 C CA    . LYS A 1 55  ? 16.342  13.192  -5.549  1.00 38.30  ?  56  LYS A CA    1 
ATOM   429 C C     . LYS A 1 55  ? 16.844  14.563  -5.979  1.00 44.23  ?  56  LYS A C     1 
ATOM   430 O O     . LYS A 1 55  ? 16.351  15.587  -5.495  1.00 40.65  ?  56  LYS A O     1 
ATOM   431 C CB    . LYS A 1 55  ? 17.278  12.549  -4.530  1.00 38.71  ?  56  LYS A CB    1 
ATOM   432 C CG    . LYS A 1 55  ? 17.131  13.189  -3.180  1.00 45.35  ?  56  LYS A CG    1 
ATOM   433 C CD    . LYS A 1 55  ? 17.591  12.303  -2.067  1.00 49.82  ?  56  LYS A CD    1 
ATOM   434 C CE    . LYS A 1 55  ? 19.077  12.256  -2.066  1.00 54.32  ?  56  LYS A CE    1 
ATOM   435 N NZ    . LYS A 1 55  ? 19.549  12.239  -0.668  1.00 55.21  ?  56  LYS A NZ    1 
ATOM   436 N N     . LYS A 1 56  ? 17.757  14.605  -6.949  1.00 44.21  ?  57  LYS A N     1 
ATOM   437 C CA    . LYS A 1 56  ? 18.253  15.890  -7.427  1.00 43.16  ?  57  LYS A CA    1 
ATOM   438 C C     . LYS A 1 56  ? 17.133  16.703  -8.066  1.00 49.41  ?  57  LYS A C     1 
ATOM   439 O O     . LYS A 1 56  ? 16.949  17.886  -7.751  1.00 45.33  ?  57  LYS A O     1 
ATOM   440 C CB    . LYS A 1 56  ? 19.388  15.685  -8.429  1.00 50.62  ?  57  LYS A CB    1 
ATOM   441 C CG    . LYS A 1 56  ? 19.890  17.003  -9.002  1.00 59.38  ?  57  LYS A CG    1 
ATOM   442 C CD    . LYS A 1 56  ? 20.671  16.847  -10.296 1.00 70.61  ?  57  LYS A CD    1 
ATOM   443 C CE    . LYS A 1 56  ? 19.887  17.394  -11.487 1.00 77.66  ?  57  LYS A CE    1 
ATOM   444 N NZ    . LYS A 1 56  ? 20.699  17.414  -12.742 1.00 84.94  ?  57  LYS A NZ    1 
ATOM   445 N N     . PHE A 1 57  ? 16.370  16.078  -8.975  1.00 42.92  ?  58  PHE A N     1 
ATOM   446 C CA    . PHE A 1 57  ? 15.248  16.761  -9.616  1.00 38.55  ?  58  PHE A CA    1 
ATOM   447 C C     . PHE A 1 57  ? 14.324  17.398  -8.588  1.00 44.01  ?  58  PHE A C     1 
ATOM   448 O O     . PHE A 1 57  ? 13.905  18.552  -8.746  1.00 40.09  ?  58  PHE A O     1 
ATOM   449 C CB    . PHE A 1 57  ? 14.462  15.775  -10.487 1.00 38.97  ?  58  PHE A CB    1 
ATOM   450 C CG    . PHE A 1 57  ? 13.137  16.304  -10.976 1.00 33.93  ?  58  PHE A CG    1 
ATOM   451 C CD1   . PHE A 1 57  ? 13.062  17.085  -12.115 1.00 43.58  ?  58  PHE A CD1   1 
ATOM   452 C CD2   . PHE A 1 57  ? 11.954  16.001  -10.307 1.00 35.09  ?  58  PHE A CD2   1 
ATOM   453 C CE1   . PHE A 1 57  ? 11.836  17.561  -12.573 1.00 46.20  ?  58  PHE A CE1   1 
ATOM   454 C CE2   . PHE A 1 57  ? 10.732  16.484  -10.753 1.00 29.11  ?  58  PHE A CE2   1 
ATOM   455 C CZ    . PHE A 1 57  ? 10.676  17.259  -11.891 1.00 40.91  ?  58  PHE A CZ    1 
ATOM   456 N N     . LEU A 1 58  ? 14.004  16.658  -7.519  1.00 39.61  ?  59  LEU A N     1 
ATOM   457 C CA    . LEU A 1 58  ? 13.050  17.150  -6.531  1.00 34.84  ?  59  LEU A CA    1 
ATOM   458 C C     . LEU A 1 58  ? 13.635  18.260  -5.683  1.00 42.96  ?  59  LEU A C     1 
ATOM   459 O O     . LEU A 1 58  ? 12.911  19.174  -5.278  1.00 43.91  ?  59  LEU A O     1 
ATOM   460 C CB    . LEU A 1 58  ? 12.606  16.016  -5.624  1.00 31.88  ?  59  LEU A CB    1 
ATOM   461 C CG    . LEU A 1 58  ? 11.820  14.906  -6.276  1.00 26.93  ?  59  LEU A CG    1 
ATOM   462 C CD1   . LEU A 1 58  ? 11.643  13.803  -5.230  1.00 31.26  ?  59  LEU A CD1   1 
ATOM   463 C CD2   . LEU A 1 58  ? 10.463  15.438  -6.686  1.00 32.62  ?  59  LEU A CD2   1 
ATOM   464 N N     . MET A 1 59  ? 14.924  18.168  -5.343  1.00 40.39  ?  60  MET A N     1 
ATOM   465 C CA    . MET A 1 59  ? 15.519  19.221  -4.523  1.00 45.40  ?  60  MET A CA    1 
ATOM   466 C C     . MET A 1 59  ? 15.608  20.524  -5.306  1.00 47.23  ?  60  MET A C     1 
ATOM   467 O O     . MET A 1 59  ? 15.444  21.608  -4.735  1.00 52.41  ?  60  MET A O     1 
ATOM   468 C CB    . MET A 1 59  ? 16.893  18.784  -4.016  1.00 45.85  ?  60  MET A CB    1 
ATOM   469 C CG    . MET A 1 59  ? 16.819  17.716  -2.922  1.00 48.33  ?  60  MET A CG    1 
ATOM   470 S SD    . MET A 1 59  ? 18.437  17.164  -2.359  1.00 55.20  ?  60  MET A SD    1 
ATOM   471 C CE    . MET A 1 59  ? 19.310  17.073  -3.931  1.00 51.94  ?  60  MET A CE    1 
ATOM   472 N N     . ASP A 1 60  ? 15.803  20.421  -6.620  1.00 41.72  ?  61  ASP A N     1 
ATOM   473 C CA    . ASP A 1 60  ? 15.829  21.591  -7.488  1.00 51.85  ?  61  ASP A CA    1 
ATOM   474 C C     . ASP A 1 60  ? 14.480  22.297  -7.514  1.00 57.07  ?  61  ASP A C     1 
ATOM   475 O O     . ASP A 1 60  ? 14.422  23.520  -7.686  1.00 65.65  ?  61  ASP A O     1 
ATOM   476 C CB    . ASP A 1 60  ? 16.223  21.149  -8.890  1.00 48.36  ?  61  ASP A CB    1 
ATOM   477 C CG    . ASP A 1 60  ? 17.710  20.821  -8.998  1.00 69.43  ?  61  ASP A CG    1 
ATOM   478 O OD1   . ASP A 1 60  ? 18.441  20.989  -7.992  1.00 64.72  ?  61  ASP A OD1   1 
ATOM   479 O OD2   . ASP A 1 60  ? 18.144  20.362  -10.079 1.00 69.80  ?  61  ASP A OD2   1 
ATOM   480 N N     . GLN A 1 61  ? 13.390  21.534  -7.370  1.00 59.68  ?  62  GLN A N     1 
ATOM   481 C CA    . GLN A 1 61  ? 12.052  22.091  -7.174  1.00 53.09  ?  62  GLN A CA    1 
ATOM   482 C C     . GLN A 1 61  ? 12.012  23.069  -6.011  1.00 58.35  ?  62  GLN A C     1 
ATOM   483 O O     . GLN A 1 61  ? 11.197  24.000  -6.004  1.00 61.40  ?  62  GLN A O     1 
ATOM   484 C CB    . GLN A 1 61  ? 11.073  20.954  -6.897  1.00 51.20  ?  62  GLN A CB    1 
ATOM   485 C CG    . GLN A 1 61  ? 10.917  19.970  -8.021  1.00 52.20  ?  62  GLN A CG    1 
ATOM   486 C CD    . GLN A 1 61  ? 10.088  20.523  -9.113  1.00 55.11  ?  62  GLN A CD    1 
ATOM   487 O OE1   . GLN A 1 61  ? 8.892   20.759  -8.924  1.00 52.65  ?  62  GLN A OE1   1 
ATOM   488 N NE2   . GLN A 1 61  ? 10.701  20.754  -10.271 1.00 57.34  ?  62  GLN A NE2   1 
ATOM   489 N N     . ASP A 1 62  ? 12.849  22.834  -5.002  1.00 54.00  ?  63  ASP A N     1 
ATOM   490 C CA    . ASP A 1 62  ? 12.960  23.645  -3.795  1.00 61.46  ?  63  ASP A CA    1 
ATOM   491 C C     . ASP A 1 62  ? 11.570  23.934  -3.209  1.00 62.38  ?  63  ASP A C     1 
ATOM   492 O O     . ASP A 1 62  ? 11.134  25.078  -3.064  1.00 60.30  ?  63  ASP A O     1 
ATOM   493 C CB    . ASP A 1 62  ? 13.755  24.924  -4.091  1.00 70.94  ?  63  ASP A CB    1 
ATOM   494 C CG    . ASP A 1 62  ? 14.107  25.699  -2.838  1.00 79.97  ?  63  ASP A CG    1 
ATOM   495 O OD1   . ASP A 1 62  ? 13.705  25.270  -1.745  1.00 84.15  ?  63  ASP A OD1   1 
ATOM   496 O OD2   . ASP A 1 62  ? 14.809  26.724  -2.940  1.00 95.92  ?  63  ASP A OD2   1 
ATOM   497 N N     . ARG A 1 63  ? 10.872  22.847  -2.877  1.00 44.69  ?  64  ARG A N     1 
ATOM   498 C CA    . ARG A 1 63  ? 9.537   22.896  -2.296  1.00 34.04  ?  64  ARG A CA    1 
ATOM   499 C C     . ARG A 1 63  ? 9.276   21.582  -1.581  1.00 38.78  ?  64  ARG A C     1 
ATOM   500 O O     . ARG A 1 63  ? 9.966   20.587  -1.810  1.00 39.35  ?  64  ARG A O     1 
ATOM   501 C CB    . ARG A 1 63  ? 8.470   23.152  -3.359  1.00 43.91  ?  64  ARG A CB    1 
ATOM   502 C CG    . ARG A 1 63  ? 8.452   22.118  -4.451  1.00 40.02  ?  64  ARG A CG    1 
ATOM   503 C CD    . ARG A 1 63  ? 7.301   22.365  -5.396  1.00 41.08  ?  64  ARG A CD    1 
ATOM   504 N NE    . ARG A 1 63  ? 7.196   21.287  -6.363  1.00 46.54  ?  64  ARG A NE    1 
ATOM   505 C CZ    . ARG A 1 63  ? 6.485   20.193  -6.161  1.00 45.89  ?  64  ARG A CZ    1 
ATOM   506 N NH1   . ARG A 1 63  ? 5.830   20.047  -5.018  1.00 40.49  ?  64  ARG A NH1   1 
ATOM   507 N NH2   . ARG A 1 63  ? 6.441   19.251  -7.095  1.00 42.59  ?  64  ARG A NH2   1 
ATOM   508 N N     . ASP A 1 64  ? 8.287   21.603  -0.693  1.00 37.81  ?  65  ASP A N     1 
ATOM   509 C CA    . ASP A 1 64  ? 7.860   20.387  -0.013  1.00 37.86  ?  65  ASP A CA    1 
ATOM   510 C C     . ASP A 1 64  ? 7.218   19.450  -1.033  1.00 38.98  ?  65  ASP A C     1 
ATOM   511 O O     . ASP A 1 64  ? 6.531   19.893  -1.958  1.00 38.06  ?  65  ASP A O     1 
ATOM   512 C CB    . ASP A 1 64  ? 6.863   20.714  1.102   1.00 40.35  ?  65  ASP A CB    1 
ATOM   513 C CG    . ASP A 1 64  ? 7.422   21.694  2.151   1.00 51.71  ?  65  ASP A CG    1 
ATOM   514 O OD1   . ASP A 1 64  ? 8.648   21.967  2.138   1.00 50.13  ?  65  ASP A OD1   1 
ATOM   515 O OD2   . ASP A 1 64  ? 6.618   22.188  2.989   1.00 55.32  ?  65  ASP A OD2   1 
ATOM   516 N N     . ILE A 1 65  ? 7.435   18.144  -0.861  1.00 36.04  ?  66  ILE A N     1 
ATOM   517 C CA    . ILE A 1 65  ? 6.987   17.146  -1.831  1.00 30.91  ?  66  ILE A CA    1 
ATOM   518 C C     . ILE A 1 65  ? 6.007   16.196  -1.151  1.00 26.50  ?  66  ILE A C     1 
ATOM   519 O O     . ILE A 1 65  ? 6.315   15.634  -0.093  1.00 33.19  ?  66  ILE A O     1 
ATOM   520 C CB    . ILE A 1 65  ? 8.178   16.368  -2.425  1.00 31.71  ?  66  ILE A CB    1 
ATOM   521 C CG1   . ILE A 1 65  ? 9.180   17.306  -3.093  1.00 33.26  ?  66  ILE A CG1   1 
ATOM   522 C CG2   . ILE A 1 65  ? 7.687   15.388  -3.477  1.00 36.46  ?  66  ILE A CG2   1 
ATOM   523 C CD1   . ILE A 1 65  ? 8.624   18.107  -4.244  1.00 34.90  ?  66  ILE A CD1   1 
ATOM   524 N N     . GLU A 1 66  ? 4.842   15.999  -1.770  1.00 26.72  ?  67  GLU A N     1 
ATOM   525 C CA    . GLU A 1 66  ? 3.846   15.071  -1.277  1.00 27.99  ?  67  GLU A CA    1 
ATOM   526 C C     . GLU A 1 66  ? 4.085   13.672  -1.837  1.00 29.52  ?  67  GLU A C     1 
ATOM   527 O O     . GLU A 1 66  ? 4.244   13.505  -3.045  1.00 31.85  ?  67  GLU A O     1 
ATOM   528 C CB    . GLU A 1 66  ? 2.444   15.529  -1.662  1.00 35.30  ?  67  GLU A CB    1 
ATOM   529 C CG    . GLU A 1 66  ? 1.380   14.720  -0.956  1.00 51.67  ?  67  GLU A CG    1 
ATOM   530 C CD    . GLU A 1 66  ? 0.027   14.815  -1.633  1.00 89.41  ?  67  GLU A CD    1 
ATOM   531 O OE1   . GLU A 1 66  ? -0.306  15.911  -2.147  1.00 96.06  ?  67  GLU A OE1   1 
ATOM   532 O OE2   . GLU A 1 66  ? -0.694  13.786  -1.659  1.00 82.03  -1 67  GLU A OE2   1 
ATOM   533 N N     . PHE A 1 67  ? 4.079   12.677  -0.956  1.00 29.70  ?  68  PHE A N     1 
ATOM   534 C CA    . PHE A 1 67  ? 4.167   11.266  -1.320  1.00 25.04  ?  68  PHE A CA    1 
ATOM   535 C C     . PHE A 1 67  ? 2.820   10.624  -1.000  1.00 26.85  ?  68  PHE A C     1 
ATOM   536 O O     . PHE A 1 67  ? 2.307   10.756  0.120   1.00 28.61  ?  68  PHE A O     1 
ATOM   537 C CB    . PHE A 1 67  ? 5.304   10.595  -0.541  1.00 25.56  ?  68  PHE A CB    1 
ATOM   538 C CG    . PHE A 1 67  ? 6.680   11.050  -0.955  1.00 33.41  ?  68  PHE A CG    1 
ATOM   539 C CD1   . PHE A 1 67  ? 7.135   12.331  -0.646  1.00 33.20  ?  68  PHE A CD1   1 
ATOM   540 C CD2   . PHE A 1 67  ? 7.536   10.187  -1.630  1.00 31.07  ?  68  PHE A CD2   1 
ATOM   541 C CE1   . PHE A 1 67  ? 8.402   12.743  -1.024  1.00 35.51  ?  68  PHE A CE1   1 
ATOM   542 C CE2   . PHE A 1 67  ? 8.804   10.593  -2.006  1.00 33.79  ?  68  PHE A CE2   1 
ATOM   543 C CZ    . PHE A 1 67  ? 9.245   11.864  -1.705  1.00 33.89  ?  68  PHE A CZ    1 
ATOM   544 N N     . THR A 1 68  ? 2.233   9.949   -1.985  1.00 23.67  ?  69  THR A N     1 
ATOM   545 C CA    . THR A 1 68  ? 0.875   9.451   -1.831  1.00 28.07  ?  69  THR A CA    1 
ATOM   546 C C     . THR A 1 68  ? 0.798   8.169   -0.994  1.00 25.94  ?  69  THR A C     1 
ATOM   547 O O     . THR A 1 68  ? 1.756   7.376   -0.946  1.00 25.53  ?  69  THR A O     1 
ATOM   548 C CB    . THR A 1 68  ? 0.275   9.217   -3.211  1.00 31.41  ?  69  THR A CB    1 
ATOM   549 O OG1   . THR A 1 68  ? 1.085   8.261   -3.920  1.00 30.31  ?  69  THR A OG1   1 
ATOM   550 C CG2   . THR A 1 68  ? 0.251   10.514  -3.986  1.00 31.74  ?  69  THR A CG2   1 
ATOM   551 N N     . PRO A 1 69  ? -0.341  7.921   -0.342  1.00 27.06  ?  70  PRO A N     1 
ATOM   552 C CA    . PRO A 1 69  ? -0.561  6.605   0.281   1.00 21.33  ?  70  PRO A CA    1 
ATOM   553 C C     . PRO A 1 69  ? -0.635  5.543   -0.803  1.00 23.86  ?  70  PRO A C     1 
ATOM   554 O O     . PRO A 1 69  ? -0.999  5.828   -1.943  1.00 26.86  ?  70  PRO A O     1 
ATOM   555 C CB    . PRO A 1 69  ? -1.915  6.746   0.975   1.00 25.03  ?  70  PRO A CB    1 
ATOM   556 C CG    . PRO A 1 69  ? -2.291  8.193   0.841   1.00 38.28  ?  70  PRO A CG    1 
ATOM   557 C CD    . PRO A 1 69  ? -1.553  8.754   -0.310  1.00 33.41  ?  70  PRO A CD    1 
ATOM   558 N N     . TYR A 1 70  ? -0.302  4.300   -0.447  1.00 25.18  ?  71  TYR A N     1 
ATOM   559 C CA    . TYR A 1 70  ? -0.385  3.253   -1.458  1.00 25.93  ?  71  TYR A CA    1 
ATOM   560 C C     . TYR A 1 70  ? -0.560  1.896   -0.794  1.00 24.88  ?  71  TYR A C     1 
ATOM   561 O O     . TYR A 1 70  ? -0.244  1.711   0.389   1.00 26.66  ?  71  TYR A O     1 
ATOM   562 C CB    . TYR A 1 70  ? 0.850   3.269   -2.368  1.00 22.11  ?  71  TYR A CB    1 
ATOM   563 C CG    . TYR A 1 70  ? 2.166   2.977   -1.673  1.00 25.22  ?  71  TYR A CG    1 
ATOM   564 C CD1   . TYR A 1 70  ? 2.685   3.853   -0.729  1.00 31.52  ?  71  TYR A CD1   1 
ATOM   565 C CD2   . TYR A 1 70  ? 2.866   1.813   -1.955  1.00 29.07  ?  71  TYR A CD2   1 
ATOM   566 C CE1   . TYR A 1 70  ? 3.880   3.596   -0.100  1.00 26.81  ?  71  TYR A CE1   1 
ATOM   567 C CE2   . TYR A 1 70  ? 4.070   1.539   -1.338  1.00 31.44  ?  71  TYR A CE2   1 
ATOM   568 C CZ    . TYR A 1 70  ? 4.577   2.441   -0.414  1.00 29.28  ?  71  TYR A CZ    1 
ATOM   569 O OH    . TYR A 1 70  ? 5.776   2.181   0.214   1.00 35.48  ?  71  TYR A OH    1 
ATOM   570 N N     . PHE A 1 71  ? -1.089  0.947   -1.570  1.00 24.29  ?  72  PHE A N     1 
ATOM   571 C CA    . PHE A 1 71  ? -1.344  -0.379  -1.035  1.00 25.16  ?  72  PHE A CA    1 
ATOM   572 C C     . PHE A 1 71  ? -0.096  -1.243  -1.168  1.00 26.08  ?  72  PHE A C     1 
ATOM   573 O O     . PHE A 1 71  ? 0.695   -1.088  -2.106  1.00 27.74  ?  72  PHE A O     1 
ATOM   574 C CB    . PHE A 1 71  ? -2.511  -1.059  -1.753  1.00 26.75  ?  72  PHE A CB    1 
ATOM   575 C CG    . PHE A 1 71  ? -3.841  -0.349  -1.601  1.00 25.01  ?  72  PHE A CG    1 
ATOM   576 C CD1   . PHE A 1 71  ? -4.102  0.501   -0.523  1.00 26.39  ?  72  PHE A CD1   1 
ATOM   577 C CD2   . PHE A 1 71  ? -4.851  -0.589  -2.528  1.00 34.43  ?  72  PHE A CD2   1 
ATOM   578 C CE1   . PHE A 1 71  ? -5.345  1.126   -0.397  1.00 33.40  ?  72  PHE A CE1   1 
ATOM   579 C CE2   . PHE A 1 71  ? -6.100  0.038   -2.409  1.00 34.92  ?  72  PHE A CE2   1 
ATOM   580 C CZ    . PHE A 1 71  ? -6.338  0.898   -1.343  1.00 34.76  ?  72  PHE A CZ    1 
ATOM   581 N N     . CYS A 1 72  ? 0.066   -2.160  -0.216  1.00 24.19  ?  73  CYS A N     1 
ATOM   582 C CA    . CYS A 1 72  ? 1.234   -3.024  -0.121  1.00 26.65  ?  73  CYS A CA    1 
ATOM   583 C C     . CYS A 1 72  ? 0.746   -4.425  0.194   1.00 27.28  ?  73  CYS A C     1 
ATOM   584 O O     . CYS A 1 72  ? -0.347  -4.598  0.743   1.00 27.98  ?  73  CYS A O     1 
ATOM   585 C CB    . CYS A 1 72  ? 2.171   -2.561  0.987   1.00 26.36  ?  73  CYS A CB    1 
ATOM   586 S SG    . CYS A 1 72  ? 2.982   -1.071  0.519   1.00 31.87  ?  73  CYS A SG    1 
ATOM   587 N N     . MET A 1 73  ? 1.568   -5.439  -0.109  1.00 25.91  ?  74  MET A N     1 
ATOM   588 C CA    . MET A 1 73  ? 1.163   -6.800  0.198   1.00 24.21  ?  74  MET A CA    1 
ATOM   589 C C     . MET A 1 73  ? 2.226   -7.486  1.040   1.00 30.07  ?  74  MET A C     1 
ATOM   590 O O     . MET A 1 73  ? 3.419   -7.346  0.771   1.00 32.29  ?  74  MET A O     1 
ATOM   591 C CB    . MET A 1 73  ? 0.908   -7.633  -1.065  1.00 30.79  ?  74  MET A CB    1 
ATOM   592 C CG    . MET A 1 73  ? 0.677   -9.109  -0.748  1.00 36.67  ?  74  MET A CG    1 
ATOM   593 S SD    . MET A 1 73  ? 0.349   -10.091 -2.230  1.00 38.54  ?  74  MET A SD    1 
ATOM   594 C CE    . MET A 1 73  ? 1.983   -10.081 -2.974  1.00 46.59  ?  74  MET A CE    1 
ATOM   595 N N     . TYR A 1 74  ? 1.789   -8.233  2.054   1.00 26.57  ?  75  TYR A N     1 
ATOM   596 C CA    . TYR A 1 74  ? 2.653   -9.178  2.746   1.00 28.20  ?  75  TYR A CA    1 
ATOM   597 C C     . TYR A 1 74  ? 2.516   -10.503 2.017   1.00 37.30  ?  75  TYR A C     1 
ATOM   598 O O     . TYR A 1 74  ? 1.449   -11.113 2.023   1.00 28.70  ?  75  TYR A O     1 
ATOM   599 C CB    . TYR A 1 74  ? 2.273   -9.273  4.220   1.00 27.11  ?  75  TYR A CB    1 
ATOM   600 C CG    . TYR A 1 74  ? 3.150   -10.235 4.984   1.00 30.40  ?  75  TYR A CG    1 
ATOM   601 C CD1   . TYR A 1 74  ? 4.423   -9.871  5.374   1.00 29.68  ?  75  TYR A CD1   1 
ATOM   602 C CD2   . TYR A 1 74  ? 2.702   -11.510 5.287   1.00 32.38  ?  75  TYR A CD2   1 
ATOM   603 C CE1   . TYR A 1 74  ? 5.240   -10.750 6.072   1.00 34.31  ?  75  TYR A CE1   1 
ATOM   604 C CE2   . TYR A 1 74  ? 3.515   -12.405 5.988   1.00 33.22  ?  75  TYR A CE2   1 
ATOM   605 C CZ    . TYR A 1 74  ? 4.780   -12.016 6.358   1.00 32.30  ?  75  TYR A CZ    1 
ATOM   606 O OH    . TYR A 1 74  ? 5.592   -12.898 7.052   1.00 37.08  ?  75  TYR A OH    1 
ATOM   607 N N     . SER A 1 75  ? 3.579   -10.924 1.344   1.00 34.75  ?  76  SER A N     1 
ATOM   608 C CA    . SER A 1 75  ? 3.453   -11.964 0.338   1.00 37.54  ?  76  SER A CA    1 
ATOM   609 C C     . SER A 1 75  ? 3.484   -13.364 0.960   1.00 37.96  ?  76  SER A C     1 
ATOM   610 O O     . SER A 1 75  ? 3.758   -13.561 2.151   1.00 33.82  ?  76  SER A O     1 
ATOM   611 C CB    . SER A 1 75  ? 4.570   -11.825 -0.690  1.00 40.79  ?  76  SER A CB    1 
ATOM   612 O OG    . SER A 1 75  ? 5.806   -12.136 -0.079  1.00 40.65  ?  76  SER A OG    1 
ATOM   613 N N     . ALA A 1 76  ? 3.177   -14.352 0.117   1.00 36.27  ?  77  ALA A N     1 
ATOM   614 C CA    . ALA A 1 76  ? 3.329   -15.742 0.523   1.00 43.44  ?  77  ALA A CA    1 
ATOM   615 C C     . ALA A 1 76  ? 4.763   -16.034 0.958   1.00 46.88  ?  77  ALA A C     1 
ATOM   616 O O     . ALA A 1 76  ? 4.986   -16.893 1.820   1.00 48.74  ?  77  ALA A O     1 
ATOM   617 C CB    . ALA A 1 76  ? 2.903   -16.663 -0.626  1.00 36.68  ?  77  ALA A CB    1 
ATOM   618 N N     . SER A 1 77  ? 5.740   -15.307 0.397   1.00 38.65  ?  78  SER A N     1 
ATOM   619 C CA    . SER A 1 77  ? 7.146   -15.451 0.748   1.00 37.33  ?  78  SER A CA    1 
ATOM   620 C C     . SER A 1 77  ? 7.517   -14.745 2.044   1.00 46.33  ?  78  SER A C     1 
ATOM   621 O O     . SER A 1 77  ? 8.653   -14.888 2.501   1.00 49.73  ?  78  SER A O     1 
ATOM   622 C CB    . SER A 1 77  ? 8.024   -14.885 -0.370  1.00 41.40  ?  78  SER A CB    1 
ATOM   623 O OG    . SER A 1 77  ? 7.805   -15.552 -1.590  1.00 65.06  ?  78  SER A OG    1 
ATOM   624 N N     . GLY A 1 78  ? 6.608   -13.970 2.625   1.00 39.13  ?  79  GLY A N     1 
ATOM   625 C CA    . GLY A 1 78  ? 6.928   -13.186 3.796   1.00 35.91  ?  79  GLY A CA    1 
ATOM   626 C C     . GLY A 1 78  ? 7.716   -11.927 3.516   1.00 37.17  ?  79  GLY A C     1 
ATOM   627 O O     . GLY A 1 78  ? 8.413   -11.442 4.402   1.00 43.77  ?  79  GLY A O     1 
ATOM   628 N N     . ASP A 1 79  ? 7.629   -11.384 2.305   1.00 35.59  ?  80  ASP A N     1 
ATOM   629 C CA    . ASP A 1 79  ? 8.206   -10.090 1.958   1.00 33.00  ?  80  ASP A CA    1 
ATOM   630 C C     . ASP A 1 79  ? 7.127   -9.022  1.968   1.00 31.15  ?  80  ASP A C     1 
ATOM   631 O O     . ASP A 1 79  ? 5.962   -9.304  1.687   1.00 40.12  ?  80  ASP A O     1 
ATOM   632 C CB    . ASP A 1 79  ? 8.832   -10.097 0.559   1.00 31.76  ?  80  ASP A CB    1 
ATOM   633 C CG    . ASP A 1 79  ? 9.893   -11.161 0.391   1.00 50.68  ?  80  ASP A CG    1 
ATOM   634 O OD1   . ASP A 1 79  ? 10.604  -11.447 1.378   1.00 48.64  ?  80  ASP A OD1   1 
ATOM   635 O OD2   . ASP A 1 79  ? 9.994   -11.721 -0.726  1.00 52.62  -1 80  ASP A OD2   1 
ATOM   636 N N     . ILE A 1 80  ? 7.524   -7.784  2.234   1.00 29.21  ?  81  ILE A N     1 
ATOM   637 C CA    . ILE A 1 80  ? 6.616   -6.661  2.033   1.00 28.05  ?  81  ILE A CA    1 
ATOM   638 C C     . ILE A 1 80  ? 6.765   -6.211  0.586   1.00 26.74  ?  81  ILE A C     1 
ATOM   639 O O     . ILE A 1 80  ? 7.804   -5.682  0.187   1.00 29.55  ?  81  ILE A O     1 
ATOM   640 C CB    . ILE A 1 80  ? 6.877   -5.514  3.008   1.00 25.73  ?  81  ILE A CB    1 
ATOM   641 C CG1   . ILE A 1 80  ? 6.664   -5.990  4.432   1.00 27.80  ?  81  ILE A CG1   1 
ATOM   642 C CG2   . ILE A 1 80  ? 5.934   -4.352  2.678   1.00 32.66  ?  81  ILE A CG2   1 
ATOM   643 C CD1   . ILE A 1 80  ? 5.257   -6.246  4.792   1.00 30.78  ?  81  ILE A CD1   1 
ATOM   644 N N     . VAL A 1 81  ? 5.720   -6.426  -0.202  1.00 25.35  ?  82  VAL A N     1 
ATOM   645 C CA    . VAL A 1 81  ? 5.697   -6.015  -1.606  1.00 23.43  ?  82  VAL A CA    1 
ATOM   646 C C     . VAL A 1 81  ? 5.061   -4.637  -1.725  1.00 32.90  ?  82  VAL A C     1 
ATOM   647 O O     . VAL A 1 81  ? 3.851   -4.466  -1.548  1.00 29.13  ?  82  VAL A O     1 
ATOM   648 C CB    . VAL A 1 81  ? 4.959   -7.029  -2.481  1.00 29.46  ?  82  VAL A CB    1 
ATOM   649 C CG1   . VAL A 1 81  ? 4.972   -6.546  -3.937  1.00 37.86  ?  82  VAL A CG1   1 
ATOM   650 C CG2   . VAL A 1 81  ? 5.622   -8.394  -2.343  1.00 34.68  ?  82  VAL A CG2   1 
ATOM   651 N N     . ASN A 1 82  ? 5.874   -3.650  -2.040  1.00 27.17  ?  83  ASN A N     1 
ATOM   652 C CA    . ASN A 1 82  ? 5.369   -2.303  -2.195  1.00 23.80  ?  83  ASN A CA    1 
ATOM   653 C C     . ASN A 1 82  ? 4.603   -2.152  -3.483  1.00 26.59  ?  83  ASN A C     1 
ATOM   654 O O     . ASN A 1 82  ? 5.034   -2.645  -4.530  1.00 30.36  ?  83  ASN A O     1 
ATOM   655 C CB    . ASN A 1 82  ? 6.516   -1.315  -2.198  1.00 25.97  ?  83  ASN A CB    1 
ATOM   656 C CG    . ASN A 1 82  ? 7.097   -1.140  -0.838  1.00 32.05  ?  83  ASN A CG    1 
ATOM   657 O OD1   . ASN A 1 82  ? 6.409   -0.699  0.055   1.00 30.12  ?  83  ASN A OD1   1 
ATOM   658 N ND2   . ASN A 1 82  ? 8.385   -1.448  -0.683  1.00 31.48  ?  83  ASN A ND2   1 
ATOM   659 N N     . GLY A 1 83  ? 3.457   -1.462  -3.397  1.00 24.63  ?  84  GLY A N     1 
ATOM   660 C CA    . GLY A 1 83  ? 2.727   -1.099  -4.593  1.00 25.27  ?  84  GLY A CA    1 
ATOM   661 C C     . GLY A 1 83  ? 1.884   -2.229  -5.151  1.00 30.55  ?  84  GLY A C     1 
ATOM   662 O O     . GLY A 1 83  ? 1.933   -2.515  -6.351  1.00 29.13  ?  84  GLY A O     1 
ATOM   663 N N     . TRP A 1 84  ? 1.139   -2.892  -4.275  1.00 25.93  ?  85  TRP A N     1 
ATOM   664 C CA    . TRP A 1 84  ? 0.242   -3.981  -4.675  1.00 23.52  ?  85  TRP A CA    1 
ATOM   665 C C     . TRP A 1 84  ? -0.862  -3.448  -5.551  1.00 34.40  ?  85  TRP A C     1 
ATOM   666 O O     . TRP A 1 84  ? -1.401  -2.367  -5.298  1.00 37.93  ?  85  TRP A O     1 
ATOM   667 C CB    . TRP A 1 84  ? -0.402  -4.628  -3.461  1.00 27.80  ?  85  TRP A CB    1 
ATOM   668 C CG    . TRP A 1 84  ? -1.453  -5.634  -3.809  1.00 26.68  ?  85  TRP A CG    1 
ATOM   669 C CD1   . TRP A 1 84  ? -1.239  -6.951  -4.124  1.00 28.81  ?  85  TRP A CD1   1 
ATOM   670 C CD2   . TRP A 1 84  ? -2.878  -5.430  -3.893  1.00 23.64  ?  85  TRP A CD2   1 
ATOM   671 N NE1   . TRP A 1 84  ? -2.434  -7.573  -4.390  1.00 27.50  ?  85  TRP A NE1   1 
ATOM   672 C CE2   . TRP A 1 84  ? -3.453  -6.667  -4.249  1.00 27.27  ?  85  TRP A CE2   1 
ATOM   673 C CE3   . TRP A 1 84  ? -3.719  -4.326  -3.683  1.00 27.49  ?  85  TRP A CE3   1 
ATOM   674 C CZ2   . TRP A 1 84  ? -4.830  -6.839  -4.409  1.00 28.44  ?  85  TRP A CZ2   1 
ATOM   675 C CZ3   . TRP A 1 84  ? -5.093  -4.498  -3.831  1.00 28.87  ?  85  TRP A CZ3   1 
ATOM   676 C CH2   . TRP A 1 84  ? -5.631  -5.754  -4.207  1.00 24.92  ?  85  TRP A CH2   1 
ATOM   677 N N     . LEU A 1 85  ? -1.194  -4.203  -6.597  1.00 33.13  ?  86  LEU A N     1 
ATOM   678 C CA    . LEU A 1 85  ? -2.276  -3.804  -7.479  1.00 39.32  ?  86  LEU A CA    1 
ATOM   679 C C     . LEU A 1 85  ? -3.309  -4.882  -7.589  1.00 24.69  ?  86  LEU A C     1 
ATOM   680 O O     . LEU A 1 85  ? -2.995  -6.069  -7.497  1.00 26.44  ?  86  LEU A O     1 
ATOM   681 C CB    . LEU A 1 85  ? -1.865  -3.503  -8.871  1.00 37.98  ?  86  LEU A CB    1 
ATOM   682 C CG    . LEU A 1 85  ? -1.375  -2.088  -8.857  1.00 48.60  ?  86  LEU A CG    1 
ATOM   683 C CD1   . LEU A 1 85  ? -2.314  -0.933  -8.476  1.00 49.50  ?  86  LEU A CD1   1 
ATOM   684 C CD2   . LEU A 1 85  ? -0.189  -2.079  -8.015  1.00 52.08  ?  86  LEU A CD2   1 
ATOM   685 N N     . ALA A 1 86  ? -4.520  -4.412  -7.867  1.00 26.21  ?  87  ALA A N     1 
ATOM   686 C CA    . ALA A 1 86  ? -5.705  -5.251  -7.888  1.00 25.53  ?  87  ALA A CA    1 
ATOM   687 C C     . ALA A 1 86  ? -5.916  -5.774  -9.299  1.00 28.79  ?  87  ALA A C     1 
ATOM   688 O O     . ALA A 1 86  ? -6.071  -4.992  -10.242 1.00 29.96  ?  87  ALA A O     1 
ATOM   689 C CB    . ALA A 1 86  ? -6.928  -4.468  -7.419  1.00 25.79  ?  87  ALA A CB    1 
ATOM   690 N N     . SER A 1 87  ? -5.873  -7.084  -9.443  1.00 24.60  ?  88  SER A N     1 
ATOM   691 C CA    . SER A 1 87  ? -6.174  -7.705  -10.709 1.00 26.82  ?  88  SER A CA    1 
ATOM   692 C C     . SER A 1 87  ? -7.652  -7.526  -11.009 1.00 27.76  ?  88  SER A C     1 
ATOM   693 O O     . SER A 1 87  ? -8.442  -7.145  -10.132 1.00 25.84  ?  88  SER A O     1 
ATOM   694 C CB    . SER A 1 87  ? -5.831  -9.187  -10.651 1.00 30.88  ?  88  SER A CB    1 
ATOM   695 O OG    . SER A 1 87  ? -6.712  -9.865  -9.763  1.00 31.85  ?  88  SER A OG    1 
ATOM   696 N N     . GLN A 1 88  ? -8.040  -7.811  -12.257 1.00 25.07  ?  89  GLN A N     1 
ATOM   697 C CA    . GLN A 1 88  ? -9.472  -7.844  -12.559 1.00 23.07  ?  89  GLN A CA    1 
ATOM   698 C C     . GLN A 1 88  ? -10.198 -8.757  -11.594 1.00 22.75  ?  89  GLN A C     1 
ATOM   699 O O     . GLN A 1 88  ? -11.289 -8.418  -11.101 1.00 27.87  ?  89  GLN A O     1 
ATOM   700 C CB    . GLN A 1 88  ? -9.730  -8.304  -13.992 1.00 25.07  ?  89  GLN A CB    1 
ATOM   701 C CG    . GLN A 1 88  ? -8.957  -7.509  -15.025 1.00 29.26  ?  89  GLN A CG    1 
ATOM   702 C CD    . GLN A 1 88  ? -9.591  -6.174  -15.339 1.00 30.50  ?  89  GLN A CD    1 
ATOM   703 O OE1   . GLN A 1 88  ? -10.792 -5.950  -15.107 1.00 28.66  ?  89  GLN A OE1   1 
ATOM   704 N NE2   . GLN A 1 88  ? -8.783  -5.269  -15.880 1.00 36.82  ?  89  GLN A NE2   1 
ATOM   705 N N     . THR A 1 89  ? -9.624  -9.938  -11.358 1.00 27.38  ?  90  THR A N     1 
ATOM   706 C CA    . THR A 1 89  ? -10.232 -10.923 -10.471 1.00 28.25  ?  90  THR A CA    1 
ATOM   707 C C     . THR A 1 89  ? -10.417 -10.350 -9.083  1.00 28.95  ?  90  THR A C     1 
ATOM   708 O O     . THR A 1 89  ? -11.495 -10.481 -8.491  1.00 28.76  ?  90  THR A O     1 
ATOM   709 C CB    . THR A 1 89  ? -9.369  -12.183 -10.418 1.00 28.47  ?  90  THR A CB    1 
ATOM   710 O OG1   . THR A 1 89  ? -9.251  -12.732 -11.736 1.00 30.46  ?  90  THR A OG1   1 
ATOM   711 C CG2   . THR A 1 89  ? -10.006 -13.229 -9.520  1.00 33.78  ?  90  THR A CG2   1 
ATOM   712 N N     . ASP A 1 90  ? -9.391  -9.668  -8.558  1.00 25.99  ?  91  ASP A N     1 
ATOM   713 C CA    . ASP A 1 90  ? -9.515  -9.097  -7.217  1.00 26.99  ?  91  ASP A CA    1 
ATOM   714 C C     . ASP A 1 90  ? -10.579 -8.017  -7.161  1.00 36.17  ?  91  ASP A C     1 
ATOM   715 O O     . ASP A 1 90  ? -11.312 -7.913  -6.171  1.00 27.82  ?  91  ASP A O     1 
ATOM   716 C CB    . ASP A 1 90  ? -8.206  -8.487  -6.723  1.00 28.79  ?  91  ASP A CB    1 
ATOM   717 C CG    . ASP A 1 90  ? -7.062  -9.458  -6.693  1.00 39.07  ?  91  ASP A CG    1 
ATOM   718 O OD1   . ASP A 1 90  ? -7.262  -10.646 -6.368  1.00 36.71  ?  91  ASP A OD1   1 
ATOM   719 O OD2   . ASP A 1 90  ? -5.925  -8.988  -6.910  1.00 41.03  -1 91  ASP A OD2   1 
ATOM   720 N N     . MET A 1 91  ? -10.628 -7.151  -8.174  1.00 29.39  ?  92  MET A N     1 
ATOM   721 C CA    . MET A 1 91  ? -11.549 -6.025  -8.118  1.00 25.01  ?  92  MET A CA    1 
ATOM   722 C C     . MET A 1 91  ? -12.990 -6.488  -8.135  1.00 30.74  ?  92  MET A C     1 
ATOM   723 O O     . MET A 1 91  ? -13.854 -5.845  -7.534  1.00 32.33  ?  92  MET A O     1 
ATOM   724 C CB    . MET A 1 91  ? -11.300 -5.098  -9.287  1.00 29.57  ?  92  MET A CB    1 
ATOM   725 C CG    . MET A 1 91  ? -10.059 -4.325  -9.136  1.00 26.05  ?  92  MET A CG    1 
ATOM   726 S SD    . MET A 1 91  ? -9.980  -3.079  -10.429 1.00 35.07  ?  92  MET A SD    1 
ATOM   727 C CE    . MET A 1 91  ? -9.702  -4.044  -11.933 1.00 30.26  ?  92  MET A CE    1 
ATOM   728 N N     . GLN A 1 92  ? -13.261 -7.599  -8.810  1.00 27.13  ?  93  GLN A N     1 
ATOM   729 C CA    . GLN A 1 92  ? -14.610 -8.108  -8.966  1.00 27.06  ?  93  GLN A CA    1 
ATOM   730 C C     . GLN A 1 92  ? -14.964 -9.184  -7.948  1.00 33.81  ?  93  GLN A C     1 
ATOM   731 O O     . GLN A 1 92  ? -16.091 -9.680  -7.970  1.00 32.54  ?  93  GLN A O     1 
ATOM   732 C CB    . GLN A 1 92  ? -14.777 -8.659  -10.378 1.00 32.58  ?  93  GLN A CB    1 
ATOM   733 C CG    . GLN A 1 92  ? -14.715 -7.551  -11.390 1.00 38.12  ?  93  GLN A CG    1 
ATOM   734 C CD    . GLN A 1 92  ? -14.642 -8.072  -12.784 1.00 43.87  ?  93  GLN A CD    1 
ATOM   735 O OE1   . GLN A 1 92  ? -15.486 -7.750  -13.623 1.00 37.19  ?  93  GLN A OE1   1 
ATOM   736 N NE2   . GLN A 1 92  ? -13.629 -8.885  -13.055 1.00 35.55  ?  93  GLN A NE2   1 
ATOM   737 N N     . ALA A 1 93  ? -14.054 -9.520  -7.035  1.00 29.11  ?  94  ALA A N     1 
ATOM   738 C CA    . ALA A 1 93  ? -14.240 -10.647 -6.128  1.00 31.23  ?  94  ALA A CA    1 
ATOM   739 C C     . ALA A 1 93  ? -15.162 -10.299 -4.965  1.00 31.59  ?  94  ALA A C     1 
ATOM   740 O O     . ALA A 1 93  ? -15.227 -9.159  -4.508  1.00 31.13  ?  94  ALA A O     1 
ATOM   741 C CB    . ALA A 1 93  ? -12.904 -11.124 -5.551  1.00 31.45  ?  94  ALA A CB    1 
ATOM   742 N N     . GLU A 1 94  ? -15.858 -11.324 -4.472  1.00 31.88  ?  95  GLU A N     1 
ATOM   743 C CA    . GLU A 1 94  ? -16.792 -11.209 -3.357  1.00 29.24  ?  95  GLU A CA    1 
ATOM   744 C C     . GLU A 1 94  ? -16.344 -12.031 -2.155  1.00 32.74  ?  95  GLU A C     1 
ATOM   745 O O     . GLU A 1 94  ? -17.188 -12.411 -1.337  1.00 32.73  ?  95  GLU A O     1 
ATOM   746 C CB    . GLU A 1 94  ? -18.195 -11.670 -3.789  1.00 32.87  ?  95  GLU A CB    1 
ATOM   747 C CG    . GLU A 1 94  ? -18.723 -11.058 -5.097  1.00 39.33  ?  95  GLU A CG    1 
ATOM   748 C CD    . GLU A 1 94  ? -19.285 -9.660  -4.925  1.00 53.46  ?  95  GLU A CD    1 
ATOM   749 O OE1   . GLU A 1 94  ? -19.675 -9.019  -5.942  1.00 43.61  ?  95  GLU A OE1   1 
ATOM   750 O OE2   . GLU A 1 94  ? -19.362 -9.215  -3.758  1.00 62.05  -1 95  GLU A OE2   1 
ATOM   751 N N     . ASP A 1 95  ? -15.044 -12.357 -2.049  1.00 29.16  ?  96  ASP A N     1 
ATOM   752 C CA    . ASP A 1 95  ? -14.529 -13.210 -0.985  1.00 28.51  ?  96  ASP A CA    1 
ATOM   753 C C     . ASP A 1 95  ? -13.476 -12.505 -0.132  1.00 32.83  ?  96  ASP A C     1 
ATOM   754 O O     . ASP A 1 95  ? -12.619 -13.160 0.462   1.00 33.67  ?  96  ASP A O     1 
ATOM   755 C CB    . ASP A 1 95  ? -13.960 -14.510 -1.557  1.00 31.68  ?  96  ASP A CB    1 
ATOM   756 C CG    . ASP A 1 95  ? -12.735 -14.296 -2.422  1.00 40.79  ?  96  ASP A CG    1 
ATOM   757 O OD1   . ASP A 1 95  ? -12.477 -13.154 -2.847  1.00 32.66  ?  96  ASP A OD1   1 
ATOM   758 O OD2   . ASP A 1 95  ? -12.003 -15.284 -2.664  1.00 35.08  -1 96  ASP A OD2   1 
ATOM   759 N N     . TRP A 1 96  ? -13.538 -11.181 -0.044  1.00 32.01  ?  97  TRP A N     1 
ATOM   760 C CA    . TRP A 1 96  ? -12.600 -10.456 0.793   1.00 30.50  ?  97  TRP A CA    1 
ATOM   761 C C     . TRP A 1 96  ? -12.988 -10.545 2.254   1.00 38.56  ?  97  TRP A C     1 
ATOM   762 O O     . TRP A 1 96  ? -14.162 -10.660 2.604   1.00 36.63  ?  97  TRP A O     1 
ATOM   763 C CB    . TRP A 1 96  ? -12.549 -8.983  0.427   1.00 28.94  ?  97  TRP A CB    1 
ATOM   764 C CG    . TRP A 1 96  ? -11.879 -8.728  -0.862  1.00 25.39  ?  97  TRP A CG    1 
ATOM   765 C CD1   . TRP A 1 96  ? -12.472 -8.664  -2.104  1.00 31.56  ?  97  TRP A CD1   1 
ATOM   766 C CD2   . TRP A 1 96  ? -10.479 -8.488  -1.069  1.00 27.14  ?  97  TRP A CD2   1 
ATOM   767 N NE1   . TRP A 1 96  ? -11.523 -8.405  -3.065  1.00 26.32  ?  97  TRP A NE1   1 
ATOM   768 C CE2   . TRP A 1 96  ? -10.293 -8.294  -2.458  1.00 23.86  ?  97  TRP A CE2   1 
ATOM   769 C CE3   . TRP A 1 96  ? -9.361  -8.440  -0.218  1.00 27.05  ?  97  TRP A CE3   1 
ATOM   770 C CZ2   . TRP A 1 96  ? -9.041  -8.036  -3.014  1.00 27.83  ?  97  TRP A CZ2   1 
ATOM   771 C CZ3   . TRP A 1 96  ? -8.099  -8.189  -0.777  1.00 25.03  ?  97  TRP A CZ3   1 
ATOM   772 C CH2   . TRP A 1 96  ? -7.954  -7.991  -2.158  1.00 22.86  ?  97  TRP A CH2   1 
ATOM   773 N N     . PHE A 1 97  ? -11.985 -10.423 3.113   1.00 31.46  ?  98  PHE A N     1 
ATOM   774 C CA    . PHE A 1 97  ? -12.246 -10.372 4.537   1.00 32.86  ?  98  PHE A CA    1 
ATOM   775 C C     . PHE A 1 97  ? -11.183 -9.517  5.197   1.00 35.50  ?  98  PHE A C     1 
ATOM   776 O O     . PHE A 1 97  ? -10.093 -9.313  4.648   1.00 32.73  ?  98  PHE A O     1 
ATOM   777 C CB    . PHE A 1 97  ? -12.303 -11.780 5.125   1.00 36.45  ?  98  PHE A CB    1 
ATOM   778 C CG    . PHE A 1 97  ? -11.000 -12.515 5.091   1.00 34.00  ?  98  PHE A CG    1 
ATOM   779 C CD1   . PHE A 1 97  ? -10.646 -13.283 3.991   1.00 39.80  ?  98  PHE A CD1   1 
ATOM   780 C CD2   . PHE A 1 97  ? -10.142 -12.481 6.180   1.00 38.99  ?  98  PHE A CD2   1 
ATOM   781 C CE1   . PHE A 1 97  ? -9.444  -13.999 3.976   1.00 42.96  ?  98  PHE A CE1   1 
ATOM   782 C CE2   . PHE A 1 97  ? -8.954  -13.194 6.162   1.00 35.86  ?  98  PHE A CE2   1 
ATOM   783 C CZ    . PHE A 1 97  ? -8.602  -13.937 5.065   1.00 41.72  ?  98  PHE A CZ    1 
ATOM   784 N N     . VAL A 1 98  ? -11.545 -8.983  6.371   1.00 36.57  ?  99  VAL A N     1 
ATOM   785 C CA    . VAL A 1 98  ? -10.644 -8.207  7.213   1.00 33.09  ?  99  VAL A CA    1 
ATOM   786 C C     . VAL A 1 98  ? -9.968  -9.138  8.210   1.00 39.59  ?  99  VAL A C     1 
ATOM   787 O O     . VAL A 1 98  ? -10.638 -9.888  8.931   1.00 40.16  ?  99  VAL A O     1 
ATOM   788 C CB    . VAL A 1 98  ? -11.405 -7.096  7.950   1.00 38.82  ?  99  VAL A CB    1 
ATOM   789 C CG1   . VAL A 1 98  ? -10.437 -6.288  8.798   1.00 40.87  ?  99  VAL A CG1   1 
ATOM   790 C CG2   . VAL A 1 98  ? -12.165 -6.217  6.966   1.00 38.86  ?  99  VAL A CG2   1 
ATOM   791 N N     . LEU A 1 99  ? -8.639  -9.096  8.251   1.00 37.02  ?  100 LEU A N     1 
ATOM   792 C CA    . LEU A 1 99  ? -7.890  -9.868  9.228   1.00 46.75  ?  100 LEU A CA    1 
ATOM   793 C C     . LEU A 1 99  ? -8.111  -9.288  10.618  1.00 53.39  ?  100 LEU A C     1 
ATOM   794 O O     . LEU A 1 99  ? -8.213  -8.070  10.797  1.00 46.62  ?  100 LEU A O     1 
ATOM   795 C CB    . LEU A 1 99  ? -6.400  -9.863  8.874   1.00 32.66  ?  100 LEU A CB    1 
ATOM   796 C CG    . LEU A 1 99  ? -5.911  -10.926 7.904   1.00 34.28  ?  100 LEU A CG    1 
ATOM   797 C CD1   . LEU A 1 99  ? -6.365  -10.597 6.488   1.00 33.08  ?  100 LEU A CD1   1 
ATOM   798 C CD2   . LEU A 1 99  ? -4.382  -10.971 7.960   1.00 36.15  ?  100 LEU A CD2   1 
ATOM   799 N N     . GLU A 1 100 ? -8.213  -10.173 11.601  1.00 64.25  ?  101 GLU A N     1 
ATOM   800 C CA    . GLU A 1 100 ? -8.332  -9.761  12.992  1.00 73.42  ?  101 GLU A CA    1 
ATOM   801 C C     . GLU A 1 100 ? -6.993  -9.210  13.468  1.00 74.67  ?  101 GLU A C     1 
ATOM   802 O O     . GLU A 1 100 ? -5.950  -9.838  13.250  1.00 70.34  ?  101 GLU A O     1 
ATOM   803 C CB    . GLU A 1 100 ? -8.770  -10.955 13.838  1.00 81.36  ?  101 GLU A CB    1 
ATOM   804 C CG    . GLU A 1 100 ? -9.986  -11.688 13.254  1.00 92.92  ?  101 GLU A CG    1 
ATOM   805 C CD    . GLU A 1 100 ? -9.612  -12.714 12.172  1.00 100.80 ?  101 GLU A CD    1 
ATOM   806 O OE1   . GLU A 1 100 ? -8.409  -12.821 11.832  1.00 96.11  ?  101 GLU A OE1   1 
ATOM   807 O OE2   . GLU A 1 100 ? -10.523 -13.391 11.640  1.00 101.88 -1 101 GLU A OE2   1 
ATOM   808 N N     . ASP A 1 101 ? -7.037  -8.031  14.097  1.00 77.79  ?  102 ASP A N     1 
ATOM   809 C CA    . ASP A 1 101 ? -5.874  -7.199  14.467  1.00 84.20  ?  102 ASP A CA    1 
ATOM   810 C C     . ASP A 1 101 ? -5.394  -6.355  13.271  1.00 85.14  ?  102 ASP A C     1 
ATOM   811 O O     . ASP A 1 101 ? -5.757  -5.181  13.142  1.00 81.26  ?  102 ASP A O     1 
ATOM   812 C CB    . ASP A 1 101 ? -4.709  -8.043  15.010  1.00 92.56  ?  102 ASP A CB    1 
ATOM   813 C CG    . ASP A 1 101 ? -5.027  -8.688  16.345  1.00 98.48  ?  102 ASP A CG    1 
ATOM   814 O OD1   . ASP A 1 101 ? -5.836  -8.116  17.108  1.00 109.31 ?  102 ASP A OD1   1 
ATOM   815 O OD2   . ASP A 1 101 ? -4.464  -9.769  16.628  1.00 98.92  -1 102 ASP A OD2   1 
ATOM   816 O OXT   . ASP A 1 101 ? -4.636  -6.804  12.400  1.00 76.38  -1 102 ASP A OXT   1 
HETATM 817 P P1    . C2E B 2 .   ? 14.335  7.078   4.066   0.42 28.69  ?  201 C2E A P1    1 
HETATM 818 O O2P   . C2E B 2 .   ? 14.064  6.365   2.786   0.42 29.65  ?  201 C2E A O2P   1 
HETATM 819 O O1P   . C2E B 2 .   ? 15.511  7.994   4.125   0.42 30.44  ?  201 C2E A O1P   1 
HETATM 820 O "O5'" . C2E B 2 .   ? 13.023  7.868   4.520   0.42 26.34  ?  201 C2E A "O5'" 1 
HETATM 821 C "C5'" . C2E B 2 .   ? 13.082  8.635   5.738   0.42 28.17  ?  201 C2E A "C5'" 1 
HETATM 822 C "C4'" . C2E B 2 .   ? 11.667  8.950   6.145   0.42 24.98  ?  201 C2E A "C4'" 1 
HETATM 823 O "O4'" . C2E B 2 .   ? 11.037  9.744   5.121   0.42 26.08  ?  201 C2E A "O4'" 1 
HETATM 824 C "C3'" . C2E B 2 .   ? 10.773  7.724   6.281   0.42 25.05  ?  201 C2E A "C3'" 1 
HETATM 825 O "O3'" . C2E B 2 .   ? 10.996  7.102   7.539   0.42 26.25  ?  201 C2E A "O3'" 1 
HETATM 826 C "C2'" . C2E B 2 .   ? 9.391   8.367   6.177   0.42 30.47  ?  201 C2E A "C2'" 1 
HETATM 827 O "O2'" . C2E B 2 .   ? 9.038   8.992   7.392   0.42 30.52  ?  201 C2E A "O2'" 1 
HETATM 828 C "C1'" . C2E B 2 .   ? 9.650   9.420   5.097   0.42 27.07  ?  201 C2E A "C1'" 1 
HETATM 829 N N9    . C2E B 2 .   ? 9.317   8.933   3.762   0.42 27.39  ?  201 C2E A N9    1 
HETATM 830 C C8    . C2E B 2 .   ? 10.136  8.693   2.689   0.42 28.21  ?  201 C2E A C8    1 
HETATM 831 N N7    . C2E B 2 .   ? 9.494   8.253   1.631   0.42 23.98  ?  201 C2E A N7    1 
HETATM 832 C C5    . C2E B 2 .   ? 8.164   8.211   2.040   0.42 25.27  ?  201 C2E A C5    1 
HETATM 833 C C6    . C2E B 2 .   ? 7.005   7.815   1.328   0.42 28.89  ?  201 C2E A C6    1 
HETATM 834 O O6    . C2E B 2 .   ? 6.929   7.415   0.157   0.42 25.37  ?  201 C2E A O6    1 
HETATM 835 N N1    . C2E B 2 .   ? 5.858   7.925   2.117   0.42 24.76  ?  201 C2E A N1    1 
HETATM 836 C C2    . C2E B 2 .   ? 5.831   8.341   3.430   0.42 31.89  ?  201 C2E A C2    1 
HETATM 837 N N2    . C2E B 2 .   ? 4.633   8.370   4.036   0.42 30.63  ?  201 C2E A N2    1 
HETATM 838 N N3    . C2E B 2 .   ? 6.916   8.721   4.100   0.42 26.42  ?  201 C2E A N3    1 
HETATM 839 C C4    . C2E B 2 .   ? 8.037   8.624   3.348   0.42 26.41  ?  201 C2E A C4    1 
HETATM 840 P P11   . C2E B 2 .   ? 10.456  5.619   7.848   0.42 28.58  ?  201 C2E A P11   1 
HETATM 841 O O21   . C2E B 2 .   ? 9.173   5.373   7.134   0.42 29.71  ?  201 C2E A O21   1 
HETATM 842 O O11   . C2E B 2 .   ? 10.487  5.423   9.327   0.42 30.38  ?  201 C2E A O11   1 
HETATM 843 O O5A   . C2E B 2 .   ? 11.605  4.735   7.177   0.42 26.35  ?  201 C2E A O5A   1 
HETATM 844 C C5A   . C2E B 2 .   ? 12.938  4.822   7.720   0.42 28.15  ?  201 C2E A C5A   1 
HETATM 845 C C4A   . C2E B 2 .   ? 13.875  4.211   6.711   0.42 25.06  ?  201 C2E A C4A   1 
HETATM 846 O O4A   . C2E B 2 .   ? 13.546  2.820   6.531   0.42 26.06  ?  201 C2E A O4A   1 
HETATM 847 C C3A   . C2E B 2 .   ? 13.755  4.819   5.320   0.42 25.06  ?  201 C2E A C3A   1 
HETATM 848 O O3A   . C2E B 2 .   ? 14.498  6.030   5.275   0.42 26.30  ?  201 C2E A O3A   1 
HETATM 849 C C2A   . C2E B 2 .   ? 14.355  3.705   4.460   0.42 30.50  ?  201 C2E A C2A   1 
HETATM 850 O O2A   . C2E B 2 .   ? 15.766  3.717   4.520   0.42 30.48  ?  201 C2E A O2A   1 
HETATM 851 C C1A   . C2E B 2 .   ? 13.816  2.466   5.179   0.42 27.09  ?  201 C2E A C1A   1 
HETATM 852 N N91   . C2E B 2 .   ? 12.581  1.970   4.581   0.42 27.34  ?  201 C2E A N91   1 
HETATM 853 C C81   . C2E B 2 .   ? 11.310  1.942   5.096   0.42 28.22  ?  201 C2E A C81   1 
HETATM 854 N N71   . C2E B 2 .   ? 10.427  1.419   4.278   0.42 23.99  ?  201 C2E A N71   1 
HETATM 855 C C51   . C2E B 2 .   ? 11.175  1.077   3.153   0.42 25.27  ?  201 C2E A C51   1 
HETATM 856 C C61   . C2E B 2 .   ? 10.767  0.477   1.937   0.42 28.89  ?  201 C2E A C61   1 
HETATM 857 O O61   . C2E B 2 .   ? 9.627   0.116   1.610   0.42 25.38  ?  201 C2E A O61   1 
HETATM 858 N N11   . C2E B 2 .   ? 11.845  0.305   1.066   0.42 24.71  ?  201 C2E A N11   1 
HETATM 859 C C21   . C2E B 2 .   ? 13.145  0.683   1.321   0.42 31.90  ?  201 C2E A C21   1 
HETATM 860 N N21   . C2E B 2 .   ? 14.048  0.450   0.355   0.42 30.66  ?  201 C2E A N21   1 
HETATM 861 N N31   . C2E B 2 .   ? 13.534  1.240   2.466   0.42 26.44  ?  201 C2E A N31   1 
HETATM 862 C C41   . C2E B 2 .   ? 12.500  1.409   3.324   0.42 26.42  ?  201 C2E A C41   1 
HETATM 863 O O     . HOH C 3 .   ? -3.899  -8.518  -7.564  1.00 40.41  ?  301 HOH A O     1 
HETATM 864 O O     . HOH C 3 .   ? -0.372  -13.841 7.662   1.00 45.48  ?  302 HOH A O     1 
HETATM 865 O O     . HOH C 3 .   ? -13.836 1.845   -1.545  1.00 38.46  ?  303 HOH A O     1 
HETATM 866 O O     . HOH C 3 .   ? -12.904 -17.634 -3.080  1.00 43.76  ?  304 HOH A O     1 
HETATM 867 O O     . HOH C 3 .   ? 0.041   6.021   -4.570  1.00 30.26  ?  305 HOH A O     1 
HETATM 868 O O     . HOH C 3 .   ? -20.263 -10.317 -8.075  1.00 47.78  ?  306 HOH A O     1 
HETATM 869 O O     . HOH C 3 .   ? -6.657  -2.600  -11.096 1.00 42.77  ?  307 HOH A O     1 
HETATM 870 O O     . HOH C 3 .   ? 16.525  1.798   2.903   1.00 41.59  ?  308 HOH A O     1 
HETATM 871 O O     . HOH C 3 .   ? -6.708  -16.006 2.826   1.00 52.14  ?  309 HOH A O     1 
HETATM 872 O O     . HOH C 3 .   ? -15.075 6.532   1.367   1.00 51.71  ?  310 HOH A O     1 
HETATM 873 O O     . HOH C 3 .   ? -15.712 -6.812  -5.611  1.00 32.87  ?  311 HOH A O     1 
HETATM 874 O O     . HOH C 3 .   ? 12.542  20.445  -2.950  1.00 42.57  ?  312 HOH A O     1 
HETATM 875 O O     . HOH C 3 .   ? -4.315  -0.552  5.746   1.00 32.39  ?  313 HOH A O     1 
HETATM 876 O O     . HOH C 3 .   ? -4.549  -14.641 4.289   1.00 52.18  ?  314 HOH A O     1 
HETATM 877 O O     . HOH C 3 .   ? -6.862  -5.762  10.419  1.00 46.06  ?  315 HOH A O     1 
HETATM 878 O O     . HOH C 3 .   ? 3.505   6.711   1.124   1.00 32.85  ?  316 HOH A O     1 
HETATM 879 O O     . HOH C 3 .   ? -5.565  -12.288 -9.122  1.00 50.16  ?  317 HOH A O     1 
HETATM 880 O O     . HOH C 3 .   ? 11.080  -10.737 4.427   1.00 36.77  ?  318 HOH A O     1 
HETATM 881 O O     . HOH C 3 .   ? -15.223 -2.242  5.027   1.00 40.21  ?  319 HOH A O     1 
HETATM 882 O O     . HOH C 3 .   ? 5.495   15.986  7.422   1.00 46.11  ?  320 HOH A O     1 
HETATM 883 O O     . HOH C 3 .   ? -13.461 -12.325 -9.302  1.00 40.47  ?  321 HOH A O     1 
HETATM 884 O O     . HOH C 3 .   ? -5.822  -8.300  -13.944 1.00 32.40  ?  322 HOH A O     1 
HETATM 885 O O     . HOH C 3 .   ? -9.971  -16.417 -7.616  1.00 49.21  ?  323 HOH A O     1 
HETATM 886 O O     . HOH C 3 .   ? -3.287  -0.610  11.985  1.00 48.69  ?  324 HOH A O     1 
HETATM 887 O O     . HOH C 3 .   ? -20.569 -7.750  0.636   1.00 40.73  ?  325 HOH A O     1 
HETATM 888 O O     . HOH C 3 .   ? 3.314   19.326  -2.045  1.00 54.52  ?  326 HOH A O     1 
HETATM 889 O O     . HOH C 3 .   ? -15.610 -14.044 -5.395  1.00 40.61  ?  327 HOH A O     1 
HETATM 890 O O     . HOH C 3 .   ? -1.252  -8.403  -7.675  1.00 50.04  ?  328 HOH A O     1 
HETATM 891 O O     . HOH C 3 .   ? -2.897  3.026   6.511   1.00 48.48  ?  329 HOH A O     1 
HETATM 892 O O     . HOH C 3 .   ? 4.350   8.267   6.982   1.00 40.25  ?  330 HOH A O     1 
HETATM 893 O O     . HOH C 3 .   ? -11.585 -11.902 -13.399 1.00 41.41  ?  331 HOH A O     1 
HETATM 894 O O     . HOH C 3 .   ? 3.284   -19.231 2.580   1.00 55.46  ?  332 HOH A O     1 
HETATM 895 O O     . HOH C 3 .   ? -2.433  8.936   4.125   1.00 44.41  ?  333 HOH A O     1 
HETATM 896 O O     . HOH C 3 .   ? 0.050   -6.881  -7.462  1.00 38.56  ?  334 HOH A O     1 
HETATM 897 O O     . HOH C 3 .   ? 6.825   24.378  -0.180  1.00 48.60  ?  335 HOH A O     1 
HETATM 898 O O     . HOH C 3 .   ? -3.738  7.415   4.902   1.00 52.60  ?  336 HOH A O     1 
HETATM 899 O O     . HOH C 3 .   ? 21.491  5.595   -0.493  1.00 51.10  ?  337 HOH A O     1 
HETATM 900 O O     . HOH C 3 .   ? -1.773  10.337  6.760   1.00 52.21  ?  338 HOH A O     1 
HETATM 901 O O     . HOH C 3 .   ? 21.573  7.323   -1.635  1.00 58.65  ?  339 HOH A O     1 
HETATM 902 O O     . HOH C 3 .   ? -13.845 -12.793 -11.979 1.00 38.36  ?  340 HOH A O     1 
HETATM 903 O O     . HOH C 3 .   ? -5.277  -11.027 -13.594 1.00 40.97  ?  341 HOH A O     1 
HETATM 904 O O     . HOH C 3 .   ? -16.758 -12.063 -11.471 1.00 46.06  ?  342 HOH A O     1 
HETATM 905 O O     . HOH C 3 .   ? -14.303 -14.358 -8.001  1.00 54.67  ?  343 HOH A O     1 
HETATM 906 O O     . HOH C 3 .   ? -17.352 -0.323  3.982   1.00 45.56  ?  344 HOH A O     1 
# 
